data_9R2P
#
_entry.id   9R2P
#
loop_
_entity.id
_entity.type
_entity.pdbx_description
1 polymer 'Histone H3.1'
2 polymer 'Histone H4'
3 polymer 'Histone H2A type 1-B/E'
4 polymer 'Histone H2B type 1-J'
5 polymer DNA-for
6 polymer DNA-rev
7 polymer 'Cellular tumor antigen p53'
#
loop_
_entity_poly.entity_id
_entity_poly.type
_entity_poly.pdbx_seq_one_letter_code
_entity_poly.pdbx_strand_id
1 'polypeptide(L)'
;GSHMARTKQTARKSTGGKAPRKQLATKAARKSAPATGGVKKPHRYRPGTVALREIRRYQKSTELLIRKLPFQRLVREIAQ
DFKTDLRFQSSAVMALQEACEAYLVGLFEDTNLCAIHAKRVTIMPKDIQLARRIRGERA
;
A,E
2 'polypeptide(L)'
;GSHMSGRGKGGKGLGKGGAKRHRKVLRDNIQGITKPAIRRLARRGGVKRISGLIYEETRGVLKVFLENVIRDAVTYTEHA
KRKTVTAMDVVYALKRQGRTLYGFGG
;
B,F
3 'polypeptide(L)'
;GSHMSGRGKQGGKARAKAKTRSSRAGLQFPVGRVHRLLRKGNYSERVGAGAPVYLAAVLEYLTAEILELAGNAARDNKKT
RIIPRHLQLAIRNDEELNKLLGRVTIAQGGVLPNIQAVLLPKKTESHHKAKGK
;
C,G
4 'polypeptide(L)'
;GSHMPEPAKSAPAPKKGSKKAVTKAQKKDGKKRKRSRKESYSIYVYKVLKQVHPDTGISSKAMGIMNSFVNDIFERIAGE
ASRLAHYNKRSTITSREIQTAVRLLLPGELAKHAVSEGTKAVTKYTSA
;
D,H
5 'polydeoxyribonucleotide'
;(DA)(DT)(DC)(DC)(DT)(DG)(DG)(DA)(DG)(DA)(DA)(DT)(DC)(DC)(DC)(DG)(DG)(DT)(DC)(DT)
(DG)(DC)(DA)(DG)(DG)(DC)(DC)(DG)(DC)(DT)(DC)(DA)(DA)(DT)(DT)(DG)(DG)(DT)(DC)(DG)
(DT)(DA)(DG)(DA)(DC)(DA)(DG)(DC)(DT)(DC)(DT)(DA)(DG)(DC)(DA)(DC)(DC)(DG)(DC)(DT)
(DT)(DA)(DA)(DA)(DC)(DG)(DC)(DA)(DC)(DG)(DT)(DA)(DC)(DG)(DC)(DG)(DC)(DT)(DG)(DT)
(DC)(DC)(DC)(DC)(DC)(DG)(DC)(DG)(DT)(DT)(DT)(DT)(DA)(DA)(DC)(DC)(DG)(DC)(DC)(DA)
(DA)(DG)(DG)(DG)(DG)(DA)(DT)(DT)(DA)(DC)(DT)(DC)(DC)(DC)(DT)(DA)(DG)(DT)(DC)(DT)
(DC)(DC)(DA)(DG)(DG)(DC)(DA)(DA)(DA)(DC)(DA)(DT)(DG)(DC)(DC)(DC)(DG)(DG)(DG)(DC)
(DA)(DT)(DG)(DT)(DC)(DC)(DC)(DT)(DG)(DT)(DG)(DA)(DT)
;
I
6 'polydeoxyribonucleotide'
;(DA)(DT)(DC)(DA)(DC)(DA)(DG)(DG)(DG)(DA)(DC)(DA)(DT)(DG)(DC)(DC)(DC)(DG)(DG)(DG)
(DC)(DA)(DT)(DG)(DT)(DT)(DT)(DG)(DC)(DC)(DT)(DG)(DG)(DA)(DG)(DA)(DC)(DT)(DA)(DG)
(DG)(DG)(DA)(DG)(DT)(DA)(DA)(DT)(DC)(DC)(DC)(DC)(DT)(DT)(DG)(DG)(DC)(DG)(DG)(DT)
(DT)(DA)(DA)(DA)(DA)(DC)(DG)(DC)(DG)(DG)(DG)(DG)(DG)(DA)(DC)(DA)(DG)(DC)(DG)(DC)
(DG)(DT)(DA)(DC)(DG)(DT)(DG)(DC)(DG)(DT)(DT)(DT)(DA)(DA)(DG)(DC)(DG)(DG)(DT)(DG)
(DC)(DT)(DA)(DG)(DA)(DG)(DC)(DT)(DG)(DT)(DC)(DT)(DA)(DC)(DG)(DA)(DC)(DC)(DA)(DA)
(DT)(DT)(DG)(DA)(DG)(DC)(DG)(DG)(DC)(DC)(DT)(DG)(DC)(DA)(DG)(DA)(DC)(DC)(DG)(DG)
(DG)(DA)(DT)(DT)(DC)(DT)(DC)(DC)(DA)(DG)(DG)(DA)(DT)
;
J
7 'polypeptide(L)'
;MDWSHPQFEKSAVDENLYFQGGGRMEEPQSDPSVEPPLSQETFSDLWKLLPENNVLSPLPSQAMDDLMLSPDDIEQWFTE
DPGPDEAPRMPEAAPPVAPAPAAPTPAAPAPAPSWPLSSSVPSQKTYQGSYGFRLGFLHSGTAKSVTCTYSPALNKMFCQ
LAKTCPVQLWVDSTPPPGTRVRAMAIYKQSQHMTEVVRRCPHHERCSDSDGLAPPQHLIRVEGNLRVEYLDDRNTFRHSV
VVPYEPPEVGSDCTTIHYNYMCNSSCMGGMNRRPILTIITLEDSSGNLLGRNSFEVRVCACPGRDRRTEEENLRKKGEPH
HELPPGSTKRALPNNTSSSPQPKKKPLDGEYFTLQIRGRERFEMFRELNEALELKDAQAGKEPGGSRAHSSHLKSKKGQS
TSRHKKLMFKTEGPDSD
;
K,L,M,N
#
loop_
_chem_comp.id
_chem_comp.type
_chem_comp.name
_chem_comp.formula
DA DNA linking 2'-DEOXYADENOSINE-5'-MONOPHOSPHATE 'C10 H14 N5 O6 P'
DC DNA linking 2'-DEOXYCYTIDINE-5'-MONOPHOSPHATE 'C9 H14 N3 O7 P'
DG DNA linking 2'-DEOXYGUANOSINE-5'-MONOPHOSPHATE 'C10 H14 N5 O7 P'
DT DNA linking THYMIDINE-5'-MONOPHOSPHATE 'C10 H15 N2 O8 P'
#
# COMPACT_ATOMS: atom_id res chain seq x y z
N PRO A 42 -27.59 -36.78 41.22
CA PRO A 42 -26.57 -35.73 41.13
C PRO A 42 -25.47 -36.09 40.13
N HIS A 43 -24.63 -35.11 39.79
CA HIS A 43 -23.42 -35.39 39.03
C HIS A 43 -22.27 -34.52 39.52
N ARG A 44 -21.11 -35.15 39.65
CA ARG A 44 -19.82 -34.48 39.88
C ARG A 44 -18.79 -35.21 39.05
N TYR A 45 -17.86 -34.46 38.45
CA TYR A 45 -16.79 -35.09 37.68
C TYR A 45 -15.76 -35.73 38.61
N ARG A 46 -15.28 -36.92 38.22
CA ARG A 46 -14.29 -37.63 39.01
C ARG A 46 -12.99 -36.84 39.07
N PRO A 47 -12.38 -36.69 40.24
CA PRO A 47 -11.15 -35.88 40.36
C PRO A 47 -10.06 -36.32 39.39
N GLY A 48 -9.48 -35.36 38.69
CA GLY A 48 -8.50 -35.59 37.66
C GLY A 48 -9.05 -35.47 36.25
N THR A 49 -10.32 -35.84 36.04
CA THR A 49 -10.91 -35.75 34.71
C THR A 49 -11.05 -34.30 34.26
N VAL A 50 -11.34 -33.38 35.18
CA VAL A 50 -11.31 -31.97 34.85
C VAL A 50 -9.89 -31.51 34.59
N ALA A 51 -8.95 -32.00 35.41
CA ALA A 51 -7.55 -31.59 35.30
C ALA A 51 -6.99 -31.90 33.90
N LEU A 52 -7.28 -33.09 33.37
CA LEU A 52 -6.78 -33.44 32.05
C LEU A 52 -7.30 -32.50 30.97
N ARG A 53 -8.57 -32.10 31.09
CA ARG A 53 -9.13 -31.14 30.13
C ARG A 53 -8.52 -29.76 30.30
N GLU A 54 -8.22 -29.38 31.54
CA GLU A 54 -7.52 -28.12 31.78
C GLU A 54 -6.11 -28.14 31.20
N ILE A 55 -5.39 -29.26 31.40
CA ILE A 55 -4.04 -29.39 30.84
C ILE A 55 -4.08 -29.15 29.34
N ARG A 56 -5.00 -29.81 28.64
CA ARG A 56 -5.13 -29.62 27.20
C ARG A 56 -5.41 -28.17 26.86
N ARG A 57 -6.36 -27.55 27.55
CA ARG A 57 -6.75 -26.18 27.23
C ARG A 57 -5.60 -25.20 27.43
N TYR A 58 -4.89 -25.31 28.56
CA TYR A 58 -3.82 -24.37 28.86
C TYR A 58 -2.57 -24.63 28.02
N GLN A 59 -2.33 -25.88 27.62
CA GLN A 59 -1.27 -26.13 26.65
C GLN A 59 -1.63 -25.57 25.28
N LYS A 60 -2.92 -25.66 24.91
CA LYS A 60 -3.36 -25.28 23.57
C LYS A 60 -3.37 -23.77 23.37
N SER A 61 -3.77 -23.01 24.40
CA SER A 61 -3.91 -21.57 24.25
C SER A 61 -2.55 -20.87 24.45
N THR A 62 -2.53 -19.55 24.20
CA THR A 62 -1.30 -18.78 24.23
C THR A 62 -1.35 -17.51 25.07
N GLU A 63 -2.49 -17.19 25.68
CA GLU A 63 -2.61 -15.95 26.45
C GLU A 63 -1.88 -16.05 27.78
N LEU A 64 -1.70 -14.89 28.42
CA LEU A 64 -1.04 -14.81 29.71
C LEU A 64 -1.94 -15.38 30.80
N LEU A 65 -1.36 -16.16 31.70
CA LEU A 65 -2.10 -16.77 32.79
C LEU A 65 -2.12 -15.93 34.06
N ILE A 66 -1.16 -15.03 34.23
CA ILE A 66 -1.12 -14.15 35.39
C ILE A 66 -1.90 -12.87 35.08
N ARG A 67 -2.77 -12.49 36.01
CA ARG A 67 -3.54 -11.25 35.89
C ARG A 67 -2.60 -10.06 35.83
N LYS A 68 -2.81 -9.17 34.85
CA LYS A 68 -1.77 -8.22 34.46
C LYS A 68 -1.50 -7.16 35.53
N LEU A 69 -2.54 -6.51 36.03
CA LEU A 69 -2.35 -5.48 37.05
C LEU A 69 -1.59 -5.99 38.27
N PRO A 70 -1.96 -7.11 38.90
CA PRO A 70 -1.14 -7.65 39.99
C PRO A 70 0.32 -7.83 39.62
N PHE A 71 0.61 -8.41 38.46
CA PHE A 71 1.99 -8.61 38.05
C PHE A 71 2.75 -7.29 37.99
N GLN A 72 2.14 -6.29 37.38
CA GLN A 72 2.78 -4.98 37.28
C GLN A 72 3.10 -4.41 38.66
N ARG A 73 2.19 -4.56 39.60
CA ARG A 73 2.46 -4.10 40.97
C ARG A 73 3.62 -4.89 41.58
N LEU A 74 3.68 -6.20 41.32
CA LEU A 74 4.78 -7.01 41.85
C LEU A 74 6.12 -6.53 41.30
N VAL A 75 6.19 -6.27 40.00
CA VAL A 75 7.41 -5.75 39.40
C VAL A 75 7.87 -4.50 40.14
N ARG A 76 6.96 -3.54 40.29
CA ARG A 76 7.30 -2.28 40.95
C ARG A 76 7.65 -2.50 42.42
N GLU A 77 6.90 -3.37 43.10
CA GLU A 77 7.18 -3.67 44.50
C GLU A 77 8.60 -4.19 44.68
N ILE A 78 9.11 -4.94 43.70
CA ILE A 78 10.49 -5.40 43.75
C ILE A 78 11.45 -4.28 43.41
N ALA A 79 11.20 -3.59 42.29
CA ALA A 79 12.15 -2.60 41.78
C ALA A 79 12.38 -1.48 42.78
N GLN A 80 11.33 -1.08 43.51
CA GLN A 80 11.45 0.02 44.45
C GLN A 80 12.54 -0.23 45.49
N ASP A 81 12.79 -1.49 45.84
CA ASP A 81 13.80 -1.82 46.84
C ASP A 81 15.20 -1.44 46.39
N PHE A 82 15.40 -1.21 45.10
CA PHE A 82 16.67 -0.79 44.53
C PHE A 82 16.70 0.69 44.18
N LYS A 83 15.56 1.24 43.75
CA LYS A 83 15.50 2.63 43.31
C LYS A 83 14.05 3.09 43.30
N THR A 84 13.76 4.19 44.00
CA THR A 84 12.45 4.79 43.95
C THR A 84 12.23 5.51 42.61
N ASP A 85 10.97 5.76 42.29
CA ASP A 85 10.54 6.63 41.20
C ASP A 85 10.89 6.10 39.80
N LEU A 86 11.24 4.82 39.68
CA LEU A 86 11.62 4.26 38.40
C LEU A 86 10.38 4.06 37.52
N ARG A 87 10.39 4.70 36.34
CA ARG A 87 9.30 4.53 35.39
C ARG A 87 9.53 3.30 34.52
N PHE A 88 8.44 2.73 34.01
CA PHE A 88 8.50 1.54 33.19
C PHE A 88 7.73 1.74 31.89
N GLN A 89 8.29 1.26 30.79
CA GLN A 89 7.51 1.17 29.57
C GLN A 89 6.53 0.02 29.64
N SER A 90 5.34 0.25 29.09
CA SER A 90 4.30 -0.76 29.01
C SER A 90 4.84 -2.06 28.41
N SER A 91 5.57 -1.94 27.31
CA SER A 91 6.15 -3.11 26.65
C SER A 91 7.10 -3.86 27.57
N ALA A 92 7.91 -3.12 28.33
CA ALA A 92 8.88 -3.76 29.22
C ALA A 92 8.21 -4.67 30.23
N VAL A 93 7.08 -4.22 30.80
CA VAL A 93 6.35 -5.05 31.75
C VAL A 93 5.89 -6.35 31.11
N MET A 94 5.37 -6.28 29.88
CA MET A 94 4.94 -7.49 29.19
C MET A 94 6.11 -8.42 28.92
N ALA A 95 7.26 -7.85 28.51
CA ALA A 95 8.44 -8.67 28.29
C ALA A 95 8.82 -9.44 29.55
N LEU A 96 8.82 -8.77 30.70
CA LEU A 96 9.10 -9.44 31.96
C LEU A 96 8.09 -10.56 32.21
N GLN A 97 6.81 -10.28 32.01
CA GLN A 97 5.79 -11.28 32.36
C GLN A 97 5.96 -12.55 31.54
N GLU A 98 6.18 -12.40 30.23
CA GLU A 98 6.29 -13.57 29.37
C GLU A 98 7.51 -14.40 29.74
N ALA A 99 8.63 -13.75 30.07
CA ALA A 99 9.80 -14.48 30.54
C ALA A 99 9.49 -15.25 31.82
N CYS A 100 8.75 -14.62 32.73
CA CYS A 100 8.43 -15.27 33.99
C CYS A 100 7.55 -16.49 33.77
N GLU A 101 6.47 -16.32 32.99
CA GLU A 101 5.59 -17.47 32.74
C GLU A 101 6.34 -18.59 32.02
N ALA A 102 7.17 -18.25 31.04
CA ALA A 102 7.99 -19.27 30.38
C ALA A 102 8.88 -19.99 31.38
N TYR A 103 9.52 -19.24 32.27
CA TYR A 103 10.42 -19.84 33.27
C TYR A 103 9.65 -20.79 34.19
N LEU A 104 8.53 -20.32 34.74
CA LEU A 104 7.77 -21.18 35.66
C LEU A 104 7.20 -22.40 34.95
N VAL A 105 6.73 -22.23 33.72
CA VAL A 105 6.13 -23.35 32.99
C VAL A 105 7.16 -24.44 32.76
N GLY A 106 8.35 -24.07 32.27
CA GLY A 106 9.42 -25.04 32.11
C GLY A 106 9.80 -25.68 33.43
N LEU A 107 9.86 -24.89 34.49
CA LEU A 107 10.17 -25.42 35.82
C LEU A 107 9.15 -26.48 36.23
N PHE A 108 7.86 -26.22 35.98
CA PHE A 108 6.84 -27.19 36.38
C PHE A 108 6.96 -28.49 35.59
N GLU A 109 7.27 -28.41 34.30
CA GLU A 109 7.43 -29.63 33.52
C GLU A 109 8.55 -30.50 34.07
N ASP A 110 9.71 -29.89 34.36
CA ASP A 110 10.80 -30.63 34.97
C ASP A 110 10.39 -31.16 36.35
N THR A 111 9.73 -30.33 37.15
CA THR A 111 9.21 -30.77 38.44
C THR A 111 8.31 -31.99 38.28
N ASN A 112 7.45 -31.97 37.27
CA ASN A 112 6.54 -33.07 37.00
C ASN A 112 7.31 -34.37 36.75
N LEU A 113 8.37 -34.29 35.94
CA LEU A 113 9.20 -35.46 35.68
C LEU A 113 9.82 -36.00 36.96
N CYS A 114 10.28 -35.10 37.84
CA CYS A 114 10.90 -35.54 39.08
C CYS A 114 9.90 -36.32 39.95
N ALA A 115 8.67 -35.82 40.05
CA ALA A 115 7.64 -36.55 40.79
C ALA A 115 7.35 -37.89 40.13
N ILE A 116 7.26 -37.91 38.80
CA ILE A 116 7.06 -39.15 38.07
C ILE A 116 8.21 -40.12 38.34
N HIS A 117 9.44 -39.60 38.45
CA HIS A 117 10.58 -40.45 38.71
C HIS A 117 10.47 -41.12 40.07
N ALA A 118 9.93 -40.42 41.06
CA ALA A 118 9.61 -40.99 42.36
C ALA A 118 8.32 -41.79 42.35
N LYS A 119 7.68 -41.93 41.18
CA LYS A 119 6.46 -42.70 40.99
C LYS A 119 5.28 -42.18 41.84
N ARG A 120 5.31 -40.89 42.17
CA ARG A 120 4.16 -40.16 42.65
C ARG A 120 3.40 -39.55 41.47
N VAL A 121 2.29 -38.87 41.75
CA VAL A 121 1.61 -38.06 40.75
C VAL A 121 1.49 -36.63 41.26
N THR A 122 1.35 -36.48 42.58
CA THR A 122 1.32 -35.15 43.19
C THR A 122 2.73 -34.58 43.26
N ILE A 123 2.89 -33.30 42.90
CA ILE A 123 4.19 -32.64 43.01
C ILE A 123 4.36 -32.03 44.41
N MET A 124 5.59 -32.05 44.90
CA MET A 124 5.96 -31.55 46.21
C MET A 124 7.11 -30.56 46.09
N PRO A 125 7.29 -29.68 47.08
CA PRO A 125 8.43 -28.75 47.06
C PRO A 125 9.76 -29.42 46.77
N LYS A 126 9.97 -30.64 47.28
CA LYS A 126 11.21 -31.37 47.03
C LYS A 126 11.45 -31.54 45.54
N ASP A 127 10.40 -31.82 44.76
CA ASP A 127 10.56 -31.98 43.32
C ASP A 127 11.05 -30.70 42.67
N ILE A 128 10.46 -29.56 43.05
CA ILE A 128 10.93 -28.28 42.53
C ILE A 128 12.40 -28.07 42.86
N GLN A 129 12.75 -28.22 44.14
CA GLN A 129 14.12 -28.00 44.59
C GLN A 129 15.09 -28.89 43.84
N LEU A 130 14.73 -30.17 43.68
CA LEU A 130 15.60 -31.11 42.98
C LEU A 130 15.88 -30.66 41.55
N ALA A 131 14.82 -30.33 40.81
CA ALA A 131 15.00 -29.91 39.42
C ALA A 131 15.92 -28.69 39.33
N ARG A 132 15.66 -27.66 40.14
CA ARG A 132 16.50 -26.47 40.12
C ARG A 132 17.94 -26.81 40.47
N ARG A 133 18.14 -27.62 41.51
CA ARG A 133 19.49 -27.95 41.96
C ARG A 133 20.27 -28.67 40.88
N ILE A 134 19.61 -29.57 40.16
CA ILE A 134 20.26 -30.29 39.06
C ILE A 134 20.71 -29.33 37.97
N ARG A 135 19.97 -28.25 37.75
CA ARG A 135 20.36 -27.21 36.81
C ARG A 135 21.33 -26.19 37.42
N GLY A 136 21.78 -26.42 38.65
CA GLY A 136 22.77 -25.56 39.26
C GLY A 136 22.27 -24.21 39.71
N GLU A 137 20.96 -24.04 39.87
CA GLU A 137 20.41 -22.75 40.29
C GLU A 137 20.70 -22.46 41.75
N LEU B 26 4.58 0.07 47.63
CA LEU B 26 3.78 -1.13 47.36
C LEU B 26 4.16 -2.27 48.30
N ARG B 27 3.21 -3.18 48.54
CA ARG B 27 3.40 -4.28 49.48
C ARG B 27 2.56 -5.48 49.06
N ASP B 28 3.07 -6.67 49.38
CA ASP B 28 2.33 -7.93 49.42
C ASP B 28 1.75 -8.37 48.07
N ASN B 29 2.08 -7.68 46.98
CA ASN B 29 1.56 -8.06 45.66
C ASN B 29 2.04 -9.43 45.23
N ILE B 30 3.01 -10.01 45.92
CA ILE B 30 3.40 -11.40 45.71
C ILE B 30 2.21 -12.34 45.88
N GLN B 31 1.28 -11.99 46.78
CA GLN B 31 0.04 -12.75 46.91
C GLN B 31 -0.87 -12.56 45.72
N GLY B 32 -0.70 -11.46 44.97
CA GLY B 32 -1.43 -11.26 43.74
C GLY B 32 -1.23 -12.37 42.72
N ILE B 33 -0.13 -13.12 42.84
CA ILE B 33 0.01 -14.38 42.13
C ILE B 33 -0.87 -15.39 42.87
N THR B 34 -2.11 -15.55 42.41
CA THR B 34 -3.09 -16.33 43.16
C THR B 34 -2.86 -17.82 43.00
N LYS B 35 -3.50 -18.59 43.88
CA LYS B 35 -3.45 -20.04 43.78
C LYS B 35 -3.94 -20.57 42.44
N PRO B 36 -5.07 -20.10 41.88
CA PRO B 36 -5.42 -20.52 40.51
C PRO B 36 -4.39 -20.17 39.46
N ALA B 37 -3.79 -18.97 39.53
CA ALA B 37 -2.75 -18.62 38.56
C ALA B 37 -1.63 -19.67 38.59
N ILE B 38 -1.21 -20.05 39.79
CA ILE B 38 -0.18 -21.08 39.94
C ILE B 38 -0.66 -22.40 39.36
N ARG B 39 -1.93 -22.76 39.59
CA ARG B 39 -2.49 -23.96 38.96
C ARG B 39 -2.36 -23.90 37.45
N ARG B 40 -2.79 -22.80 36.85
CA ARG B 40 -2.81 -22.69 35.40
C ARG B 40 -1.39 -22.84 34.82
N LEU B 41 -0.40 -22.22 35.45
CA LEU B 41 0.97 -22.35 34.99
C LEU B 41 1.42 -23.80 35.05
N ALA B 42 1.22 -24.45 36.20
CA ALA B 42 1.58 -25.86 36.33
C ALA B 42 0.82 -26.73 35.33
N ARG B 43 -0.44 -26.39 35.06
CA ARG B 43 -1.23 -27.13 34.08
C ARG B 43 -0.59 -27.06 32.69
N ARG B 44 -0.15 -25.87 32.27
CA ARG B 44 0.52 -25.74 30.99
C ARG B 44 1.78 -26.60 30.95
N GLY B 45 2.45 -26.76 32.10
CA GLY B 45 3.58 -27.65 32.25
C GLY B 45 3.23 -29.10 32.46
N GLY B 46 1.98 -29.50 32.21
CA GLY B 46 1.56 -30.88 32.30
C GLY B 46 1.26 -31.39 33.70
N VAL B 47 1.33 -30.54 34.72
CA VAL B 47 1.14 -30.97 36.10
C VAL B 47 -0.33 -31.31 36.34
N LYS B 48 -0.58 -32.49 36.88
CA LYS B 48 -1.94 -32.98 37.10
C LYS B 48 -2.44 -32.71 38.52
N ARG B 49 -1.58 -32.82 39.53
CA ARG B 49 -2.01 -32.80 40.92
C ARG B 49 -0.95 -32.11 41.78
N ILE B 50 -1.38 -31.23 42.69
CA ILE B 50 -0.51 -30.24 43.32
C ILE B 50 -0.70 -30.27 44.84
N SER B 51 0.41 -30.33 45.57
CA SER B 51 0.36 -30.24 47.03
C SER B 51 0.37 -28.79 47.49
N GLY B 52 -0.26 -28.55 48.65
CA GLY B 52 -0.53 -27.19 49.09
C GLY B 52 0.71 -26.34 49.28
N LEU B 53 1.81 -26.95 49.73
CA LEU B 53 3.04 -26.20 49.97
C LEU B 53 3.65 -25.64 48.68
N ILE B 54 3.24 -26.17 47.53
CA ILE B 54 3.78 -25.71 46.24
C ILE B 54 3.57 -24.21 46.08
N TYR B 55 2.42 -23.71 46.53
CA TYR B 55 2.09 -22.30 46.34
C TYR B 55 3.15 -21.39 46.94
N GLU B 56 3.58 -21.69 48.17
CA GLU B 56 4.58 -20.87 48.83
C GLU B 56 5.94 -21.03 48.16
N GLU B 57 6.32 -22.27 47.85
CA GLU B 57 7.59 -22.52 47.18
C GLU B 57 7.65 -21.81 45.83
N THR B 58 6.57 -21.90 45.05
CA THR B 58 6.52 -21.29 43.74
C THR B 58 6.76 -19.78 43.82
N ARG B 59 6.08 -19.12 44.76
CA ARG B 59 6.21 -17.67 44.88
C ARG B 59 7.65 -17.25 45.17
N GLY B 60 8.33 -17.99 46.05
CA GLY B 60 9.73 -17.70 46.31
C GLY B 60 10.59 -17.81 45.07
N VAL B 61 10.44 -18.92 44.33
CA VAL B 61 11.23 -19.13 43.12
C VAL B 61 10.95 -18.02 42.11
N LEU B 62 9.68 -17.75 41.83
CA LEU B 62 9.31 -16.71 40.88
C LEU B 62 9.95 -15.38 41.26
N LYS B 63 9.87 -15.01 42.53
CA LYS B 63 10.40 -13.73 42.97
C LYS B 63 11.88 -13.60 42.64
N VAL B 64 12.67 -14.63 42.96
CA VAL B 64 14.11 -14.58 42.73
C VAL B 64 14.40 -14.39 41.24
N PHE B 65 13.75 -15.19 40.38
CA PHE B 65 13.95 -15.05 38.95
C PHE B 65 13.61 -13.64 38.49
N LEU B 66 12.41 -13.17 38.85
CA LEU B 66 11.97 -11.85 38.43
C LEU B 66 12.91 -10.76 38.94
N GLU B 67 13.32 -10.87 40.20
CA GLU B 67 14.19 -9.85 40.80
C GLU B 67 15.52 -9.76 40.05
N ASN B 68 16.14 -10.91 39.77
CA ASN B 68 17.44 -10.90 39.11
C ASN B 68 17.37 -10.23 37.74
N VAL B 69 16.30 -10.51 37.00
CA VAL B 69 16.12 -9.85 35.70
C VAL B 69 15.96 -8.35 35.88
N ILE B 70 15.08 -7.95 36.80
CA ILE B 70 14.85 -6.53 37.06
C ILE B 70 16.17 -5.82 37.38
N ARG B 71 16.97 -6.43 38.27
CA ARG B 71 18.20 -5.80 38.72
C ARG B 71 19.13 -5.50 37.56
N ASP B 72 19.31 -6.47 36.65
CA ASP B 72 20.15 -6.25 35.49
C ASP B 72 19.58 -5.15 34.61
N ALA B 73 18.27 -5.21 34.32
CA ALA B 73 17.65 -4.22 33.46
C ALA B 73 17.79 -2.81 34.02
N VAL B 74 17.62 -2.66 35.34
CA VAL B 74 17.81 -1.36 35.97
C VAL B 74 19.27 -0.93 35.84
N THR B 75 20.21 -1.87 36.03
CA THR B 75 21.62 -1.53 35.91
C THR B 75 21.93 -0.97 34.52
N TYR B 76 21.36 -1.57 33.47
CA TYR B 76 21.49 -1.00 32.14
C TYR B 76 20.87 0.39 32.08
N THR B 77 19.65 0.54 32.61
CA THR B 77 18.99 1.84 32.60
C THR B 77 19.83 2.90 33.30
N GLU B 78 20.44 2.54 34.43
CA GLU B 78 21.30 3.47 35.15
C GLU B 78 22.54 3.82 34.32
N HIS B 79 23.06 2.86 33.56
CA HIS B 79 24.22 3.21 32.74
C HIS B 79 23.86 4.22 31.67
N ALA B 80 22.71 4.04 31.03
CA ALA B 80 22.19 5.02 30.08
C ALA B 80 21.74 6.31 30.75
N LYS B 81 21.74 6.35 32.09
CA LYS B 81 21.39 7.53 32.88
C LYS B 81 19.94 7.99 32.67
N ARG B 82 19.11 7.09 32.13
CA ARG B 82 17.67 7.30 32.02
C ARG B 82 17.00 7.15 33.39
N LYS B 83 15.71 7.46 33.44
CA LYS B 83 14.88 7.16 34.60
C LYS B 83 13.74 6.19 34.25
N THR B 84 13.73 5.65 33.03
CA THR B 84 12.67 4.76 32.55
C THR B 84 13.29 3.52 31.95
N VAL B 85 12.73 2.36 32.28
CA VAL B 85 13.15 1.09 31.70
C VAL B 85 12.42 0.88 30.38
N THR B 86 13.15 0.43 29.36
CA THR B 86 12.56 0.04 28.09
C THR B 86 12.73 -1.46 27.85
N ALA B 87 11.94 -1.97 26.90
CA ALA B 87 11.95 -3.40 26.59
C ALA B 87 13.35 -3.91 26.28
N MET B 88 14.17 -3.09 25.63
CA MET B 88 15.52 -3.55 25.28
C MET B 88 16.39 -3.79 26.51
N ASP B 89 16.21 -2.99 27.57
CA ASP B 89 16.89 -3.30 28.83
C ASP B 89 16.50 -4.67 29.33
N VAL B 90 15.20 -4.98 29.31
CA VAL B 90 14.73 -6.30 29.72
C VAL B 90 15.30 -7.38 28.82
N VAL B 91 15.32 -7.13 27.51
CA VAL B 91 15.87 -8.11 26.57
C VAL B 91 17.31 -8.44 26.90
N TYR B 92 18.15 -7.39 27.05
CA TYR B 92 19.55 -7.61 27.41
C TYR B 92 19.66 -8.35 28.74
N ALA B 93 18.93 -7.87 29.75
CA ALA B 93 18.97 -8.48 31.08
C ALA B 93 18.67 -9.98 31.00
N LEU B 94 17.62 -10.34 30.25
CA LEU B 94 17.29 -11.74 30.06
C LEU B 94 18.39 -12.44 29.28
N LYS B 95 18.80 -11.87 28.14
CA LYS B 95 19.65 -12.54 27.17
C LYS B 95 20.88 -13.16 27.81
N ARG B 96 21.61 -12.39 28.60
CA ARG B 96 22.89 -12.84 29.13
C ARG B 96 22.76 -14.06 30.04
N GLN B 97 21.57 -14.30 30.60
CA GLN B 97 21.33 -15.48 31.40
C GLN B 97 20.98 -16.72 30.57
N GLY B 98 21.28 -16.68 29.27
CA GLY B 98 20.89 -17.77 28.39
C GLY B 98 19.42 -17.74 28.01
N ARG B 99 18.84 -16.54 27.88
CA ARG B 99 17.40 -16.36 27.68
C ARG B 99 17.19 -15.39 26.51
N THR B 100 17.48 -15.84 25.29
CA THR B 100 17.20 -15.03 24.13
C THR B 100 15.69 -14.92 23.93
N LEU B 101 15.18 -13.71 23.84
CA LEU B 101 13.75 -13.43 23.73
C LEU B 101 13.46 -12.82 22.37
N TYR B 102 12.51 -13.39 21.64
CA TYR B 102 12.10 -12.90 20.33
C TYR B 102 10.73 -12.26 20.41
N GLY B 103 10.54 -11.16 19.67
CA GLY B 103 9.25 -10.49 19.54
C GLY B 103 9.23 -9.07 20.06
N PHE B 104 10.07 -8.74 21.04
CA PHE B 104 10.14 -7.40 21.61
C PHE B 104 11.30 -6.58 21.04
N GLY B 105 11.79 -6.94 19.86
CA GLY B 105 13.05 -6.43 19.37
C GLY B 105 14.22 -7.28 19.84
N GLY B 106 15.31 -7.23 19.09
CA GLY B 106 16.47 -8.05 19.40
C GLY B 106 17.75 -7.68 18.66
N ARG C 15 64.12 15.61 28.74
CA ARG C 15 62.76 15.41 29.22
C ARG C 15 62.75 15.16 30.73
N ALA C 16 61.57 15.15 31.34
CA ALA C 16 61.44 14.98 32.78
C ALA C 16 61.78 13.56 33.20
N LYS C 17 62.05 13.39 34.51
CA LYS C 17 62.29 12.09 35.11
C LYS C 17 60.97 11.33 35.20
N ALA C 18 60.80 10.33 34.34
CA ALA C 18 59.52 9.64 34.16
C ALA C 18 59.20 8.71 35.34
N LYS C 19 57.98 8.18 35.34
CA LYS C 19 57.50 7.27 36.37
C LYS C 19 56.42 6.36 35.77
N THR C 20 56.33 5.14 36.30
CA THR C 20 55.44 4.13 35.73
C THR C 20 53.99 4.36 36.15
N ARG C 21 53.07 4.15 35.21
CA ARG C 21 51.65 4.37 35.48
C ARG C 21 51.15 3.51 36.63
N SER C 22 51.58 2.25 36.67
CA SER C 22 51.21 1.38 37.79
C SER C 22 51.73 1.94 39.11
N SER C 23 52.94 2.50 39.11
CA SER C 23 53.47 3.14 40.32
C SER C 23 52.61 4.32 40.75
N ARG C 24 52.15 5.12 39.78
CA ARG C 24 51.28 6.26 40.11
C ARG C 24 49.97 5.79 40.73
N ALA C 25 49.40 4.70 40.21
CA ALA C 25 48.16 4.17 40.75
C ALA C 25 48.37 3.32 42.00
N GLY C 26 49.61 3.00 42.35
CA GLY C 26 49.86 2.10 43.47
C GLY C 26 49.53 0.66 43.18
N LEU C 27 49.43 0.29 41.91
CA LEU C 27 49.09 -1.07 41.51
C LEU C 27 50.35 -1.88 41.22
N GLN C 28 50.22 -3.19 41.36
CA GLN C 28 51.30 -4.08 40.93
C GLN C 28 51.12 -4.46 39.46
N PHE C 29 49.88 -4.52 38.99
CA PHE C 29 49.63 -5.01 37.63
C PHE C 29 49.95 -3.93 36.59
N PRO C 30 50.45 -4.34 35.40
CA PRO C 30 51.02 -3.39 34.44
C PRO C 30 49.97 -2.67 33.61
N VAL C 31 49.82 -1.37 33.85
CA VAL C 31 48.83 -0.57 33.14
C VAL C 31 49.07 -0.59 31.63
N GLY C 32 50.34 -0.51 31.22
CA GLY C 32 50.66 -0.44 29.80
C GLY C 32 50.16 -1.64 29.02
N ARG C 33 50.36 -2.85 29.56
CA ARG C 33 49.88 -4.05 28.89
C ARG C 33 48.37 -4.03 28.72
N VAL C 34 47.65 -3.69 29.80
CA VAL C 34 46.19 -3.65 29.75
C VAL C 34 45.72 -2.68 28.67
N HIS C 35 46.37 -1.51 28.59
CA HIS C 35 46.01 -0.52 27.59
C HIS C 35 46.11 -1.09 26.18
N ARG C 36 47.23 -1.77 25.88
CA ARG C 36 47.40 -2.41 24.58
C ARG C 36 46.29 -3.43 24.32
N LEU C 37 46.00 -4.27 25.32
CA LEU C 37 45.00 -5.32 25.14
C LEU C 37 43.63 -4.74 24.86
N LEU C 38 43.22 -3.72 25.62
CA LEU C 38 41.92 -3.10 25.40
C LEU C 38 41.83 -2.48 24.01
N ARG C 39 42.93 -1.93 23.50
CA ARG C 39 42.92 -1.34 22.17
C ARG C 39 42.78 -2.38 21.06
N LYS C 40 43.10 -3.64 21.36
CA LYS C 40 42.92 -4.74 20.43
C LYS C 40 41.72 -5.60 20.86
N GLY C 41 41.72 -6.87 20.48
CA GLY C 41 40.57 -7.74 20.71
C GLY C 41 39.32 -7.24 20.00
N ASN C 42 39.48 -6.14 19.25
CA ASN C 42 38.36 -5.46 18.59
C ASN C 42 37.23 -5.11 19.55
N TYR C 43 37.59 -4.72 20.79
CA TYR C 43 36.55 -4.37 21.76
C TYR C 43 35.95 -3.00 21.46
N SER C 44 36.73 -2.07 20.92
CA SER C 44 36.22 -0.72 20.69
C SER C 44 37.13 0.01 19.71
N GLU C 45 36.58 1.11 19.18
CA GLU C 45 37.38 2.02 18.35
C GLU C 45 38.32 2.85 19.20
N ARG C 46 37.89 3.20 20.42
CA ARG C 46 38.65 4.10 21.29
C ARG C 46 38.63 3.58 22.72
N VAL C 47 39.65 3.96 23.50
CA VAL C 47 39.80 3.55 24.89
C VAL C 47 40.22 4.76 25.72
N GLY C 48 39.53 4.97 26.85
CA GLY C 48 39.81 6.13 27.68
C GLY C 48 40.93 5.90 28.67
N ALA C 49 41.55 7.00 29.11
CA ALA C 49 42.78 6.92 29.88
C ALA C 49 42.59 6.19 31.21
N GLY C 50 41.50 6.46 31.91
CA GLY C 50 41.24 5.78 33.17
C GLY C 50 40.80 4.34 33.01
N ALA C 51 40.42 3.94 31.79
CA ALA C 51 39.89 2.60 31.58
C ALA C 51 40.84 1.49 32.00
N PRO C 52 42.08 1.42 31.48
CA PRO C 52 42.98 0.35 31.95
C PRO C 52 43.30 0.46 33.43
N VAL C 53 43.37 1.68 33.95
CA VAL C 53 43.68 1.88 35.37
C VAL C 53 42.62 1.22 36.24
N TYR C 54 41.34 1.49 35.94
CA TYR C 54 40.26 0.89 36.70
C TYR C 54 40.30 -0.64 36.59
N LEU C 55 40.49 -1.15 35.38
CA LEU C 55 40.44 -2.59 35.15
C LEU C 55 41.59 -3.30 35.87
N ALA C 56 42.80 -2.74 35.78
CA ALA C 56 43.95 -3.35 36.43
C ALA C 56 43.72 -3.50 37.93
N ALA C 57 43.14 -2.49 38.56
CA ALA C 57 42.84 -2.56 39.99
C ALA C 57 41.88 -3.70 40.30
N VAL C 58 40.88 -3.89 39.43
CA VAL C 58 39.88 -4.94 39.67
C VAL C 58 40.52 -6.31 39.58
N LEU C 59 41.28 -6.56 38.50
CA LEU C 59 41.97 -7.84 38.35
C LEU C 59 42.91 -8.10 39.52
N GLU C 60 43.65 -7.07 39.93
CA GLU C 60 44.57 -7.22 41.06
C GLU C 60 43.81 -7.54 42.35
N TYR C 61 42.68 -6.87 42.58
CA TYR C 61 41.87 -7.15 43.77
C TYR C 61 41.42 -8.61 43.80
N LEU C 62 40.77 -9.06 42.72
CA LEU C 62 40.29 -10.43 42.66
C LEU C 62 41.43 -11.44 42.79
N THR C 63 42.57 -11.13 42.18
CA THR C 63 43.74 -12.00 42.32
C THR C 63 44.14 -12.14 43.78
N ALA C 64 44.15 -11.03 44.51
CA ALA C 64 44.52 -11.07 45.92
C ALA C 64 43.57 -11.95 46.72
N GLU C 65 42.25 -11.83 46.46
CA GLU C 65 41.27 -12.61 47.20
C GLU C 65 41.52 -14.10 47.05
N ILE C 66 41.73 -14.56 45.81
CA ILE C 66 41.98 -15.97 45.57
C ILE C 66 43.25 -16.42 46.26
N LEU C 67 44.34 -15.66 46.08
CA LEU C 67 45.63 -16.06 46.63
C LEU C 67 45.60 -16.08 48.15
N GLU C 68 44.87 -15.17 48.78
CA GLU C 68 44.79 -15.16 50.23
C GLU C 68 44.10 -16.41 50.74
N LEU C 69 42.93 -16.74 50.19
CA LEU C 69 42.22 -17.95 50.60
C LEU C 69 43.04 -19.20 50.28
N ALA C 70 43.71 -19.22 49.13
CA ALA C 70 44.53 -20.36 48.75
C ALA C 70 45.70 -20.54 49.71
N GLY C 71 46.30 -19.43 50.16
CA GLY C 71 47.37 -19.53 51.14
C GLY C 71 46.90 -20.13 52.45
N ASN C 72 45.70 -19.74 52.90
CA ASN C 72 45.11 -20.36 54.09
C ASN C 72 44.91 -21.85 53.87
N ALA C 73 44.36 -22.23 52.71
CA ALA C 73 44.15 -23.64 52.41
C ALA C 73 45.46 -24.40 52.41
N ALA C 74 46.51 -23.82 51.80
CA ALA C 74 47.81 -24.48 51.80
C ALA C 74 48.34 -24.69 53.21
N ARG C 75 48.14 -23.70 54.08
CA ARG C 75 48.61 -23.80 55.47
C ARG C 75 47.90 -24.92 56.21
N ASP C 76 46.60 -25.10 55.96
CA ASP C 76 45.85 -26.17 56.60
C ASP C 76 46.38 -27.55 56.19
N ASN C 77 46.94 -27.66 55.00
CA ASN C 77 47.63 -28.87 54.56
C ASN C 77 49.14 -28.79 54.84
N LYS C 78 49.57 -27.83 55.65
CA LYS C 78 50.95 -27.70 56.13
C LYS C 78 51.95 -27.44 55.01
N LYS C 79 51.47 -27.06 53.83
CA LYS C 79 52.33 -26.68 52.72
C LYS C 79 52.69 -25.20 52.81
N THR C 80 53.91 -24.86 52.34
CA THR C 80 54.32 -23.48 52.20
C THR C 80 54.29 -23.01 50.74
N ARG C 81 53.59 -23.74 49.87
CA ARG C 81 53.52 -23.43 48.45
C ARG C 81 52.13 -23.74 47.95
N ILE C 82 51.58 -22.85 47.13
CA ILE C 82 50.24 -23.05 46.59
C ILE C 82 50.29 -24.00 45.40
N ILE C 83 49.38 -24.97 45.39
CA ILE C 83 49.23 -25.92 44.30
C ILE C 83 47.79 -25.88 43.84
N PRO C 84 47.51 -26.32 42.60
CA PRO C 84 46.15 -26.20 42.05
C PRO C 84 45.05 -26.69 42.98
N ARG C 85 45.30 -27.76 43.73
CA ARG C 85 44.33 -28.28 44.67
C ARG C 85 43.90 -27.23 45.68
N HIS C 86 44.84 -26.42 46.16
CA HIS C 86 44.51 -25.41 47.16
C HIS C 86 43.68 -24.29 46.57
N LEU C 87 43.91 -23.95 45.30
CA LEU C 87 43.03 -23.02 44.61
C LEU C 87 41.60 -23.55 44.58
N GLN C 88 41.44 -24.82 44.18
CA GLN C 88 40.11 -25.41 44.06
C GLN C 88 39.33 -25.30 45.37
N LEU C 89 39.94 -25.74 46.47
CA LEU C 89 39.27 -25.70 47.77
C LEU C 89 38.96 -24.27 48.17
N ALA C 90 39.94 -23.37 48.04
CA ALA C 90 39.76 -21.98 48.43
C ALA C 90 38.60 -21.34 47.69
N ILE C 91 38.52 -21.57 46.38
CA ILE C 91 37.46 -20.97 45.56
C ILE C 91 36.09 -21.46 46.01
N ARG C 92 35.96 -22.77 46.28
CA ARG C 92 34.67 -23.33 46.66
C ARG C 92 34.24 -22.87 48.05
N ASN C 93 35.20 -22.64 48.95
CA ASN C 93 34.88 -22.24 50.31
C ASN C 93 34.35 -20.80 50.39
N ASP C 94 34.44 -20.02 49.32
CA ASP C 94 33.82 -18.70 49.23
C ASP C 94 32.75 -18.77 48.15
N GLU C 95 31.48 -18.76 48.58
CA GLU C 95 30.37 -18.93 47.65
C GLU C 95 30.33 -17.83 46.60
N GLU C 96 30.86 -16.65 46.90
CA GLU C 96 30.94 -15.58 45.90
C GLU C 96 31.82 -15.99 44.74
N LEU C 97 33.04 -16.45 45.04
CA LEU C 97 33.94 -16.91 43.99
C LEU C 97 33.42 -18.18 43.34
N ASN C 98 32.84 -19.08 44.13
CA ASN C 98 32.24 -20.29 43.58
C ASN C 98 31.24 -19.94 42.49
N LYS C 99 30.44 -18.89 42.72
CA LYS C 99 29.47 -18.45 41.73
C LYS C 99 30.16 -17.85 40.51
N LEU C 100 31.12 -16.94 40.75
CA LEU C 100 31.83 -16.29 39.66
C LEU C 100 32.48 -17.31 38.73
N LEU C 101 33.07 -18.36 39.31
CA LEU C 101 33.76 -19.39 38.55
C LEU C 101 32.96 -20.69 38.47
N GLY C 102 31.63 -20.60 38.53
CA GLY C 102 30.77 -21.78 38.61
C GLY C 102 30.81 -22.69 37.41
N ARG C 103 31.51 -22.31 36.35
CA ARG C 103 31.65 -23.14 35.15
C ARG C 103 33.11 -23.39 34.79
N VAL C 104 34.01 -23.28 35.76
CA VAL C 104 35.44 -23.47 35.52
C VAL C 104 35.85 -24.85 36.01
N THR C 105 36.66 -25.54 35.22
CA THR C 105 37.31 -26.78 35.59
C THR C 105 38.77 -26.50 35.89
N ILE C 106 39.25 -26.98 37.03
CA ILE C 106 40.62 -26.75 37.47
C ILE C 106 41.42 -28.03 37.24
N ALA C 107 42.52 -27.91 36.49
CA ALA C 107 43.42 -29.03 36.31
C ALA C 107 43.97 -29.46 37.67
N GLN C 108 43.82 -30.76 37.98
CA GLN C 108 44.28 -31.32 39.25
C GLN C 108 43.62 -30.63 40.45
N GLY C 109 42.36 -30.20 40.28
CA GLY C 109 41.66 -29.54 41.36
C GLY C 109 41.08 -30.49 42.39
N GLY C 110 40.75 -31.72 41.98
CA GLY C 110 40.03 -32.59 42.90
C GLY C 110 38.62 -32.06 43.16
N VAL C 111 37.99 -32.60 44.20
CA VAL C 111 36.63 -32.20 44.59
C VAL C 111 36.55 -32.01 46.10
N LEU C 112 35.38 -31.56 46.55
CA LEU C 112 35.14 -31.36 47.98
C LEU C 112 34.79 -32.70 48.64
N PRO C 113 35.21 -32.92 49.90
CA PRO C 113 34.92 -34.19 50.59
C PRO C 113 33.53 -34.22 51.22
N ASN C 114 32.50 -34.21 50.38
CA ASN C 114 31.12 -34.17 50.83
C ASN C 114 30.49 -35.56 50.74
N ILE C 115 29.87 -35.99 51.84
CA ILE C 115 29.12 -37.25 51.91
C ILE C 115 27.70 -36.94 52.39
N GLN C 116 26.70 -37.53 51.72
CA GLN C 116 25.31 -37.32 52.09
C GLN C 116 24.96 -38.16 53.33
N ALA C 117 24.23 -37.55 54.26
CA ALA C 117 23.98 -38.17 55.56
C ALA C 117 23.24 -39.50 55.43
N VAL C 118 22.32 -39.60 54.47
CA VAL C 118 21.53 -40.81 54.28
C VAL C 118 22.39 -42.03 53.93
N LEU C 119 23.63 -41.80 53.51
CA LEU C 119 24.54 -42.87 53.12
C LEU C 119 25.36 -43.41 54.28
N LEU C 120 25.46 -42.66 55.38
CA LEU C 120 26.26 -43.08 56.52
C LEU C 120 25.57 -44.22 57.28
N PRO C 121 26.33 -45.11 57.91
CA PRO C 121 25.72 -46.30 58.52
C PRO C 121 24.99 -46.00 59.82
N LYS C 122 24.15 -46.95 60.21
CA LYS C 122 23.39 -46.87 61.46
C LYS C 122 23.11 -48.27 62.00
N ARG D 35 64.93 -16.91 20.10
CA ARG D 35 63.52 -17.25 20.21
C ARG D 35 62.64 -16.00 20.27
N SER D 36 61.38 -16.14 19.84
CA SER D 36 60.46 -15.01 19.79
C SER D 36 59.87 -14.72 21.17
N ARG D 37 59.31 -13.51 21.31
CA ARG D 37 58.99 -12.93 22.62
C ARG D 37 57.55 -13.26 23.05
N LYS D 38 57.36 -13.45 24.37
CA LYS D 38 56.07 -13.84 24.97
C LYS D 38 55.82 -13.04 26.24
N GLU D 39 54.56 -13.08 26.73
CA GLU D 39 54.13 -12.34 27.91
C GLU D 39 53.28 -13.21 28.84
N SER D 40 53.34 -12.91 30.15
CA SER D 40 52.46 -13.53 31.14
C SER D 40 52.40 -12.65 32.38
N TYR D 41 51.43 -12.95 33.26
CA TYR D 41 51.24 -12.18 34.48
C TYR D 41 51.99 -12.76 35.67
N SER D 42 52.86 -13.74 35.45
CA SER D 42 53.43 -14.53 36.54
C SER D 42 54.14 -13.66 37.58
N ILE D 43 54.84 -12.62 37.14
CA ILE D 43 55.58 -11.76 38.07
C ILE D 43 54.63 -11.06 39.02
N TYR D 44 53.52 -10.54 38.47
CA TYR D 44 52.58 -9.78 39.28
C TYR D 44 51.80 -10.68 40.23
N VAL D 45 51.40 -11.86 39.75
CA VAL D 45 50.79 -12.86 40.63
C VAL D 45 51.70 -13.16 41.82
N TYR D 46 52.98 -13.38 41.53
CA TYR D 46 53.97 -13.64 42.58
C TYR D 46 54.09 -12.48 43.55
N LYS D 47 54.09 -11.24 43.03
CA LYS D 47 54.14 -10.08 43.92
C LYS D 47 52.91 -10.01 44.82
N VAL D 48 51.72 -10.25 44.26
CA VAL D 48 50.49 -10.16 45.05
C VAL D 48 50.49 -11.20 46.17
N LEU D 49 50.90 -12.43 45.85
CA LEU D 49 50.90 -13.49 46.85
C LEU D 49 51.69 -13.08 48.10
N LYS D 50 52.82 -12.41 47.91
CA LYS D 50 53.63 -12.00 49.05
C LYS D 50 52.98 -10.89 49.87
N GLN D 51 51.97 -10.20 49.33
CA GLN D 51 51.25 -9.23 50.15
C GLN D 51 50.29 -9.92 51.10
N VAL D 52 49.65 -11.00 50.65
CA VAL D 52 48.70 -11.72 51.48
C VAL D 52 49.39 -12.81 52.31
N HIS D 53 50.45 -13.41 51.79
CA HIS D 53 51.17 -14.48 52.49
C HIS D 53 52.66 -14.36 52.14
N PRO D 54 53.38 -13.51 52.86
CA PRO D 54 54.79 -13.23 52.52
C PRO D 54 55.68 -14.46 52.47
N ASP D 55 55.31 -15.54 53.17
CA ASP D 55 56.16 -16.72 53.31
C ASP D 55 55.79 -17.84 52.34
N THR D 56 54.83 -17.63 51.45
CA THR D 56 54.25 -18.69 50.63
C THR D 56 54.66 -18.56 49.18
N GLY D 57 55.18 -19.65 48.60
CA GLY D 57 55.46 -19.71 47.17
C GLY D 57 54.28 -20.24 46.39
N ILE D 58 54.46 -20.30 45.06
CA ILE D 58 53.41 -20.77 44.16
C ILE D 58 54.02 -21.67 43.10
N SER D 59 53.40 -22.83 42.87
CA SER D 59 53.87 -23.76 41.85
C SER D 59 53.48 -23.26 40.46
N SER D 60 54.25 -23.67 39.46
CA SER D 60 53.95 -23.24 38.09
C SER D 60 52.62 -23.79 37.61
N LYS D 61 52.22 -24.98 38.07
CA LYS D 61 50.89 -25.47 37.75
C LYS D 61 49.83 -24.50 38.28
N ALA D 62 49.96 -24.09 39.55
CA ALA D 62 49.07 -23.08 40.09
C ALA D 62 49.19 -21.75 39.33
N MET D 63 50.42 -21.37 39.00
CA MET D 63 50.62 -20.13 38.22
C MET D 63 49.90 -20.21 36.88
N GLY D 64 49.90 -21.39 36.25
CA GLY D 64 49.14 -21.56 35.03
C GLY D 64 47.66 -21.31 35.24
N ILE D 65 47.10 -21.86 36.33
CA ILE D 65 45.71 -21.60 36.67
C ILE D 65 45.48 -20.09 36.81
N MET D 66 46.37 -19.41 37.54
CA MET D 66 46.19 -17.98 37.76
C MET D 66 46.24 -17.19 36.46
N ASN D 67 47.14 -17.55 35.55
CA ASN D 67 47.18 -16.87 34.26
C ASN D 67 45.86 -17.07 33.49
N SER D 68 45.32 -18.29 33.52
CA SER D 68 44.02 -18.53 32.92
C SER D 68 42.92 -17.71 33.60
N PHE D 69 42.97 -17.63 34.93
CA PHE D 69 41.97 -16.85 35.65
C PHE D 69 42.00 -15.38 35.23
N VAL D 70 43.20 -14.78 35.24
CA VAL D 70 43.31 -13.37 34.87
C VAL D 70 42.76 -13.15 33.47
N ASN D 71 43.14 -14.01 32.53
CA ASN D 71 42.70 -13.85 31.15
C ASN D 71 41.18 -13.98 31.04
N ASP D 72 40.59 -14.95 31.74
CA ASP D 72 39.15 -15.15 31.69
C ASP D 72 38.41 -13.90 32.15
N ILE D 73 38.71 -13.43 33.36
CA ILE D 73 38.04 -12.24 33.90
C ILE D 73 38.23 -11.05 32.96
N PHE D 74 39.45 -10.88 32.43
CA PHE D 74 39.70 -9.80 31.49
C PHE D 74 38.75 -9.87 30.30
N GLU D 75 38.66 -11.04 29.66
CA GLU D 75 37.81 -11.19 28.49
C GLU D 75 36.36 -10.84 28.80
N ARG D 76 35.86 -11.26 29.95
CA ARG D 76 34.47 -10.98 30.30
C ARG D 76 34.23 -9.49 30.41
N ILE D 77 35.05 -8.79 31.20
CA ILE D 77 34.85 -7.37 31.41
C ILE D 77 34.96 -6.61 30.10
N ALA D 78 36.00 -6.89 29.32
CA ALA D 78 36.18 -6.21 28.03
C ALA D 78 35.01 -6.50 27.10
N GLY D 79 34.54 -7.75 27.07
CA GLY D 79 33.42 -8.08 26.20
C GLY D 79 32.15 -7.35 26.58
N GLU D 80 31.84 -7.32 27.88
CA GLU D 80 30.61 -6.66 28.32
C GLU D 80 30.70 -5.15 28.15
N ALA D 81 31.84 -4.56 28.52
CA ALA D 81 32.03 -3.13 28.34
C ALA D 81 31.88 -2.73 26.88
N SER D 82 32.36 -3.58 25.97
CA SER D 82 32.19 -3.32 24.54
C SER D 82 30.72 -3.19 24.18
N ARG D 83 29.88 -4.11 24.69
CA ARG D 83 28.45 -4.07 24.37
C ARG D 83 27.78 -2.84 24.97
N LEU D 84 28.17 -2.45 26.18
CA LEU D 84 27.62 -1.23 26.77
C LEU D 84 27.84 -0.04 25.87
N ALA D 85 29.08 0.14 25.39
CA ALA D 85 29.35 1.20 24.43
C ALA D 85 28.52 1.01 23.16
N HIS D 86 28.42 -0.22 22.69
CA HIS D 86 27.69 -0.51 21.45
C HIS D 86 26.22 -0.11 21.58
N TYR D 87 25.56 -0.55 22.65
CA TYR D 87 24.14 -0.26 22.83
C TYR D 87 23.90 1.24 22.99
N ASN D 88 24.77 1.92 23.70
CA ASN D 88 24.68 3.36 23.88
C ASN D 88 25.41 4.11 22.76
N LYS D 89 25.82 3.40 21.71
CA LYS D 89 26.37 3.96 20.48
C LYS D 89 27.62 4.80 20.69
N ARG D 90 28.22 4.71 21.87
CA ARG D 90 29.53 5.30 22.10
C ARG D 90 30.60 4.46 21.40
N SER D 91 31.76 5.08 21.17
CA SER D 91 32.89 4.42 20.56
C SER D 91 34.03 4.18 21.55
N THR D 92 33.99 4.81 22.72
CA THR D 92 35.11 4.86 23.64
C THR D 92 34.74 4.11 24.92
N ILE D 93 35.61 3.20 25.35
CA ILE D 93 35.47 2.57 26.66
C ILE D 93 36.06 3.50 27.70
N THR D 94 35.29 3.80 28.75
CA THR D 94 35.78 4.57 29.89
C THR D 94 35.69 3.73 31.16
N SER D 95 36.10 4.33 32.28
CA SER D 95 35.98 3.66 33.57
C SER D 95 34.53 3.33 33.90
N ARG D 96 33.57 4.11 33.38
CA ARG D 96 32.17 3.85 33.68
C ARG D 96 31.70 2.53 33.09
N GLU D 97 32.03 2.27 31.82
CA GLU D 97 31.60 1.02 31.18
C GLU D 97 32.20 -0.17 31.91
N ILE D 98 33.48 -0.08 32.27
CA ILE D 98 34.12 -1.11 33.06
C ILE D 98 33.40 -1.26 34.41
N GLN D 99 33.14 -0.14 35.08
CA GLN D 99 32.45 -0.18 36.36
C GLN D 99 31.09 -0.88 36.25
N THR D 100 30.30 -0.49 35.25
CA THR D 100 29.01 -1.12 35.05
C THR D 100 29.16 -2.61 34.71
N ALA D 101 30.09 -2.93 33.81
CA ALA D 101 30.34 -4.33 33.48
C ALA D 101 30.72 -5.13 34.71
N VAL D 102 31.58 -4.56 35.57
CA VAL D 102 31.97 -5.24 36.80
C VAL D 102 30.74 -5.58 37.64
N ARG D 103 29.82 -4.63 37.77
CA ARG D 103 28.61 -4.86 38.58
C ARG D 103 27.73 -5.93 37.97
N LEU D 104 27.69 -6.01 36.64
CA LEU D 104 26.87 -7.04 35.98
C LEU D 104 27.52 -8.41 36.09
N LEU D 105 28.86 -8.47 36.17
CA LEU D 105 29.55 -9.74 36.18
C LEU D 105 29.73 -10.27 37.60
N LEU D 106 30.18 -9.43 38.52
CA LEU D 106 30.57 -9.92 39.83
C LEU D 106 29.38 -10.06 40.77
N PRO D 107 29.47 -10.99 41.72
CA PRO D 107 28.54 -10.99 42.86
C PRO D 107 28.66 -9.68 43.64
N GLY D 108 27.60 -9.36 44.39
CA GLY D 108 27.48 -8.04 44.98
C GLY D 108 28.62 -7.67 45.90
N GLU D 109 29.00 -8.59 46.79
CA GLU D 109 30.06 -8.28 47.76
C GLU D 109 31.37 -7.98 47.06
N LEU D 110 31.81 -8.88 46.17
CA LEU D 110 33.02 -8.64 45.40
C LEU D 110 32.90 -7.36 44.57
N ALA D 111 31.71 -7.10 44.03
CA ALA D 111 31.51 -5.91 43.22
C ALA D 111 31.79 -4.64 44.01
N LYS D 112 31.27 -4.56 45.23
CA LYS D 112 31.45 -3.36 46.05
C LYS D 112 32.93 -3.06 46.27
N HIS D 113 33.72 -4.08 46.63
CA HIS D 113 35.14 -3.87 46.86
C HIS D 113 35.87 -3.57 45.57
N ALA D 114 35.57 -4.32 44.50
CA ALA D 114 36.17 -4.06 43.21
C ALA D 114 35.92 -2.63 42.76
N VAL D 115 34.68 -2.16 42.93
CA VAL D 115 34.35 -0.78 42.55
C VAL D 115 35.17 0.21 43.37
N SER D 116 35.30 -0.04 44.66
CA SER D 116 36.06 0.87 45.53
C SER D 116 37.51 0.97 45.08
N GLU D 117 38.13 -0.16 44.77
CA GLU D 117 39.53 -0.14 44.34
C GLU D 117 39.69 0.54 43.00
N GLY D 118 38.85 0.19 42.02
CA GLY D 118 38.90 0.87 40.73
C GLY D 118 38.67 2.36 40.86
N THR D 119 37.72 2.76 41.71
CA THR D 119 37.47 4.17 41.96
C THR D 119 38.73 4.88 42.46
N LYS D 120 39.38 4.30 43.47
CA LYS D 120 40.60 4.91 44.02
C LYS D 120 41.69 4.97 42.97
N ALA D 121 41.91 3.87 42.25
CA ALA D 121 42.98 3.83 41.26
C ALA D 121 42.84 4.96 40.26
N VAL D 122 41.64 5.13 39.70
CA VAL D 122 41.41 6.22 38.76
C VAL D 122 41.52 7.57 39.44
N THR D 123 40.95 7.70 40.66
CA THR D 123 41.02 8.96 41.38
C THR D 123 42.47 9.36 41.64
N LYS D 124 43.26 8.44 42.19
CA LYS D 124 44.66 8.73 42.46
C LYS D 124 45.43 8.99 41.17
N TYR D 125 45.23 8.14 40.16
CA TYR D 125 45.91 8.32 38.88
C TYR D 125 45.65 9.70 38.31
N THR D 126 44.41 10.20 38.45
CA THR D 126 44.08 11.53 37.99
C THR D 126 44.82 12.60 38.80
N SER D 127 44.98 12.39 40.10
CA SER D 127 45.70 13.34 40.93
C SER D 127 47.21 13.25 40.71
N ALA D 128 47.71 12.08 40.31
CA ALA D 128 49.14 11.85 40.16
C ALA D 128 49.68 12.49 38.88
N PRO E 42 38.96 -64.58 61.98
CA PRO E 42 39.05 -63.67 60.83
C PRO E 42 38.18 -62.44 60.99
N HIS E 43 38.44 -61.44 60.16
CA HIS E 43 37.72 -60.18 60.18
C HIS E 43 37.52 -59.67 58.76
N ARG E 44 36.28 -59.29 58.44
CA ARG E 44 35.94 -58.67 57.16
C ARG E 44 34.73 -57.77 57.34
N TYR E 45 34.55 -56.85 56.40
CA TYR E 45 33.43 -55.91 56.46
C TYR E 45 32.23 -56.43 55.65
N ARG E 46 31.12 -55.71 55.79
CA ARG E 46 29.89 -56.04 55.11
C ARG E 46 29.89 -55.44 53.70
N PRO E 47 29.13 -56.02 52.74
CA PRO E 47 28.88 -55.32 51.48
C PRO E 47 28.42 -53.90 51.73
N GLY E 48 29.20 -52.92 51.28
CA GLY E 48 28.90 -51.52 51.49
C GLY E 48 29.63 -50.89 52.67
N THR E 49 30.95 -51.02 52.70
CA THR E 49 31.75 -50.42 53.76
C THR E 49 33.02 -49.78 53.20
N VAL E 50 33.84 -50.58 52.51
CA VAL E 50 35.04 -50.04 51.86
C VAL E 50 34.65 -49.05 50.77
N ALA E 51 33.48 -49.25 50.16
CA ALA E 51 32.94 -48.31 49.19
C ALA E 51 32.85 -46.89 49.76
N LEU E 52 32.52 -46.79 51.05
CA LEU E 52 32.42 -45.47 51.69
C LEU E 52 33.79 -44.88 51.99
N ARG E 53 34.73 -45.72 52.41
CA ARG E 53 36.11 -45.26 52.60
C ARG E 53 36.72 -44.82 51.27
N GLU E 54 36.32 -45.46 50.17
CA GLU E 54 36.75 -45.04 48.84
C GLU E 54 36.25 -43.64 48.50
N ILE E 55 35.01 -43.32 48.87
CA ILE E 55 34.49 -41.97 48.64
C ILE E 55 35.40 -40.94 49.29
N ARG E 56 35.74 -41.15 50.57
CA ARG E 56 36.63 -40.23 51.26
C ARG E 56 37.98 -40.10 50.54
N ARG E 57 38.56 -41.23 50.13
CA ARG E 57 39.90 -41.20 49.55
C ARG E 57 39.91 -40.50 48.20
N TYR E 58 39.01 -40.88 47.29
CA TYR E 58 39.05 -40.32 45.95
C TYR E 58 38.59 -38.87 45.90
N GLN E 59 37.66 -38.48 46.78
CA GLN E 59 37.31 -37.06 46.88
C GLN E 59 38.50 -36.22 47.33
N LYS E 60 39.42 -36.82 48.07
CA LYS E 60 40.56 -36.08 48.63
C LYS E 60 41.69 -35.91 47.62
N SER E 61 41.92 -36.90 46.77
CA SER E 61 43.05 -36.86 45.83
C SER E 61 42.70 -36.04 44.59
N THR E 62 43.69 -35.87 43.70
CA THR E 62 43.52 -35.08 42.48
C THR E 62 43.84 -35.83 41.19
N GLU E 63 44.56 -36.94 41.25
CA GLU E 63 45.05 -37.60 40.04
C GLU E 63 43.89 -38.21 39.25
N LEU E 64 44.22 -38.62 38.03
CA LEU E 64 43.25 -39.28 37.16
C LEU E 64 42.83 -40.62 37.74
N LEU E 65 41.56 -40.95 37.56
CA LEU E 65 41.05 -42.24 37.96
C LEU E 65 40.92 -43.21 36.78
N ILE E 66 41.11 -42.73 35.54
CA ILE E 66 41.16 -43.55 34.33
C ILE E 66 42.61 -43.74 33.90
N ARG E 67 42.87 -44.79 33.12
CA ARG E 67 44.21 -45.14 32.67
C ARG E 67 44.59 -44.37 31.41
N LYS E 68 45.89 -44.11 31.23
CA LYS E 68 46.33 -43.18 30.19
C LYS E 68 46.20 -43.76 28.78
N LEU E 69 46.92 -44.86 28.49
CA LEU E 69 46.92 -45.41 27.14
C LEU E 69 45.53 -45.74 26.60
N PRO E 70 44.63 -46.41 27.34
CA PRO E 70 43.28 -46.65 26.81
C PRO E 70 42.60 -45.39 26.32
N PHE E 71 42.73 -44.30 27.08
CA PHE E 71 42.07 -43.05 26.71
C PHE E 71 42.63 -42.49 25.40
N GLN E 72 43.96 -42.51 25.24
CA GLN E 72 44.56 -42.01 24.01
C GLN E 72 43.99 -42.72 22.79
N ARG E 73 43.91 -44.05 22.85
CA ARG E 73 43.37 -44.81 21.73
C ARG E 73 41.92 -44.40 21.45
N LEU E 74 41.12 -44.27 22.52
CA LEU E 74 39.73 -43.86 22.35
C LEU E 74 39.62 -42.50 21.66
N VAL E 75 40.49 -41.56 22.02
CA VAL E 75 40.48 -40.25 21.36
C VAL E 75 40.77 -40.40 19.88
N ARG E 76 41.87 -41.07 19.54
CA ARG E 76 42.26 -41.22 18.14
C ARG E 76 41.22 -42.00 17.36
N GLU E 77 40.70 -43.07 17.94
CA GLU E 77 39.69 -43.89 17.26
C GLU E 77 38.43 -43.09 16.97
N ILE E 78 38.09 -42.14 17.82
CA ILE E 78 37.00 -41.22 17.51
C ILE E 78 37.43 -40.21 16.45
N ALA E 79 38.60 -39.60 16.65
CA ALA E 79 39.03 -38.49 15.80
C ALA E 79 39.13 -38.89 14.34
N GLN E 80 39.58 -40.12 14.06
CA GLN E 80 39.76 -40.56 12.68
C GLN E 80 38.46 -40.59 11.90
N ASP E 81 37.31 -40.63 12.57
CA ASP E 81 36.03 -40.54 11.87
C ASP E 81 35.92 -39.23 11.11
N PHE E 82 36.41 -38.14 11.70
CA PHE E 82 36.33 -36.83 11.06
C PHE E 82 37.46 -36.64 10.05
N LYS E 83 38.68 -37.07 10.39
CA LYS E 83 39.81 -36.93 9.50
C LYS E 83 40.93 -37.88 9.90
N THR E 84 41.49 -38.57 8.91
CA THR E 84 42.58 -39.51 9.14
C THR E 84 43.91 -38.76 9.32
N ASP E 85 44.89 -39.47 9.89
CA ASP E 85 46.28 -39.06 9.99
C ASP E 85 46.54 -37.87 10.93
N LEU E 86 45.57 -37.48 11.74
CA LEU E 86 45.75 -36.32 12.62
C LEU E 86 46.67 -36.65 13.78
N ARG E 87 47.58 -35.73 14.09
CA ARG E 87 48.50 -35.86 15.20
C ARG E 87 48.01 -35.04 16.40
N PHE E 88 48.54 -35.37 17.58
CA PHE E 88 48.12 -34.72 18.82
C PHE E 88 49.32 -34.34 19.67
N GLN E 89 49.23 -33.17 20.28
CA GLN E 89 50.13 -32.84 21.38
C GLN E 89 49.71 -33.60 22.63
N SER E 90 50.71 -34.00 23.42
CA SER E 90 50.43 -34.69 24.68
C SER E 90 49.50 -33.87 25.57
N SER E 91 49.76 -32.57 25.67
CA SER E 91 48.94 -31.68 26.47
C SER E 91 47.50 -31.67 26.01
N ALA E 92 47.27 -31.82 24.70
CA ALA E 92 45.90 -31.86 24.19
C ALA E 92 45.14 -33.04 24.78
N VAL E 93 45.76 -34.21 24.81
CA VAL E 93 45.11 -35.39 25.40
C VAL E 93 44.82 -35.17 26.87
N MET E 94 45.82 -34.66 27.61
CA MET E 94 45.63 -34.39 29.03
C MET E 94 44.45 -33.47 29.27
N ALA E 95 44.32 -32.43 28.44
CA ALA E 95 43.18 -31.53 28.56
C ALA E 95 41.87 -32.30 28.40
N LEU E 96 41.78 -33.15 27.39
CA LEU E 96 40.57 -33.94 27.17
C LEU E 96 40.23 -34.80 28.36
N GLN E 97 41.23 -35.49 28.93
CA GLN E 97 40.99 -36.35 30.09
C GLN E 97 40.36 -35.57 31.24
N GLU E 98 40.98 -34.45 31.60
CA GLU E 98 40.48 -33.67 32.73
C GLU E 98 39.07 -33.18 32.49
N ALA E 99 38.77 -32.74 31.28
CA ALA E 99 37.41 -32.30 30.96
C ALA E 99 36.42 -33.45 31.09
N CYS E 100 36.80 -34.64 30.63
CA CYS E 100 35.90 -35.78 30.67
C CYS E 100 35.63 -36.22 32.11
N GLU E 101 36.68 -36.34 32.91
CA GLU E 101 36.50 -36.75 34.31
C GLU E 101 35.63 -35.75 35.05
N ALA E 102 35.92 -34.46 34.89
CA ALA E 102 35.11 -33.43 35.54
C ALA E 102 33.64 -33.57 35.14
N TYR E 103 33.38 -33.75 33.85
CA TYR E 103 32.01 -33.86 33.36
C TYR E 103 31.29 -35.05 33.99
N LEU E 104 31.93 -36.23 33.97
CA LEU E 104 31.31 -37.42 34.50
C LEU E 104 31.08 -37.31 36.01
N VAL E 105 32.07 -36.78 36.75
CA VAL E 105 31.93 -36.68 38.20
C VAL E 105 30.76 -35.78 38.56
N GLY E 106 30.64 -34.63 37.91
CA GLY E 106 29.48 -33.78 38.13
C GLY E 106 28.18 -34.49 37.82
N LEU E 107 28.16 -35.25 36.72
CA LEU E 107 26.96 -36.00 36.36
C LEU E 107 26.61 -37.02 37.43
N PHE E 108 27.62 -37.66 38.02
CA PHE E 108 27.33 -38.64 39.06
C PHE E 108 26.74 -37.99 40.30
N GLU E 109 27.16 -36.77 40.64
CA GLU E 109 26.56 -36.05 41.76
C GLU E 109 25.06 -35.90 41.57
N ASP E 110 24.64 -35.37 40.41
CA ASP E 110 23.21 -35.23 40.15
C ASP E 110 22.51 -36.58 40.14
N THR E 111 23.13 -37.58 39.51
CA THR E 111 22.58 -38.93 39.51
C THR E 111 22.35 -39.42 40.93
N ASN E 112 23.33 -39.20 41.80
CA ASN E 112 23.22 -39.62 43.19
C ASN E 112 22.04 -38.95 43.87
N LEU E 113 21.87 -37.64 43.66
CA LEU E 113 20.73 -36.93 44.23
C LEU E 113 19.41 -37.53 43.75
N CYS E 114 19.33 -37.90 42.47
CA CYS E 114 18.10 -38.46 41.95
C CYS E 114 17.77 -39.79 42.62
N ALA E 115 18.79 -40.61 42.87
CA ALA E 115 18.55 -41.88 43.57
C ALA E 115 18.07 -41.62 44.99
N ILE E 116 18.66 -40.63 45.67
CA ILE E 116 18.23 -40.27 47.01
C ILE E 116 16.79 -39.77 46.99
N HIS E 117 16.40 -39.06 45.93
CA HIS E 117 15.03 -38.58 45.82
C HIS E 117 14.04 -39.73 45.69
N ALA E 118 14.41 -40.78 44.95
CA ALA E 118 13.62 -42.00 44.92
C ALA E 118 13.77 -42.82 46.19
N LYS E 119 14.53 -42.32 47.17
CA LYS E 119 14.76 -42.97 48.45
C LYS E 119 15.48 -44.32 48.30
N ARG E 120 16.12 -44.54 47.16
CA ARG E 120 17.05 -45.64 46.96
C ARG E 120 18.44 -45.22 47.43
N VAL E 121 19.40 -46.13 47.28
CA VAL E 121 20.81 -45.86 47.53
C VAL E 121 21.62 -46.25 46.29
N THR E 122 21.10 -47.23 45.56
CA THR E 122 21.72 -47.69 44.32
C THR E 122 21.35 -46.74 43.18
N ILE E 123 22.33 -46.37 42.35
CA ILE E 123 22.04 -45.55 41.18
C ILE E 123 21.63 -46.45 40.01
N MET E 124 20.71 -45.93 39.18
CA MET E 124 20.14 -46.64 38.04
C MET E 124 20.38 -45.82 36.77
N PRO E 125 20.43 -46.48 35.59
CA PRO E 125 20.59 -45.71 34.35
C PRO E 125 19.56 -44.61 34.17
N LYS E 126 18.31 -44.85 34.59
CA LYS E 126 17.28 -43.83 34.48
C LYS E 126 17.56 -42.62 35.37
N ASP E 127 18.27 -42.82 36.49
CA ASP E 127 18.69 -41.68 37.28
C ASP E 127 19.59 -40.76 36.47
N ILE E 128 20.55 -41.33 35.75
CA ILE E 128 21.40 -40.53 34.86
C ILE E 128 20.56 -39.82 33.82
N GLN E 129 19.70 -40.57 33.13
CA GLN E 129 18.88 -40.02 32.05
C GLN E 129 18.07 -38.83 32.54
N LEU E 130 17.47 -38.94 33.72
CA LEU E 130 16.69 -37.84 34.27
C LEU E 130 17.54 -36.59 34.43
N ALA E 131 18.69 -36.72 35.08
CA ALA E 131 19.55 -35.57 35.32
C ALA E 131 19.98 -34.92 34.00
N ARG E 132 20.41 -35.73 33.04
CA ARG E 132 20.80 -35.21 31.73
C ARG E 132 19.66 -34.45 31.09
N ARG E 133 18.47 -35.04 31.09
CA ARG E 133 17.32 -34.41 30.44
C ARG E 133 16.97 -33.09 31.11
N ILE E 134 17.01 -33.04 32.43
CA ILE E 134 16.77 -31.79 33.15
C ILE E 134 17.77 -30.72 32.73
N ARG E 135 19.01 -31.14 32.46
CA ARG E 135 20.07 -30.23 32.03
C ARG E 135 20.02 -29.93 30.53
N GLY E 136 18.96 -30.32 29.83
CA GLY E 136 18.78 -29.94 28.45
C GLY E 136 19.53 -30.78 27.44
N GLU E 137 20.16 -31.87 27.85
CA GLU E 137 20.87 -32.74 26.91
C GLU E 137 19.88 -33.59 26.11
N VAL F 25 35.10 -48.58 17.22
CA VAL F 25 35.59 -49.05 18.51
C VAL F 25 36.98 -49.69 18.37
N LEU F 26 37.31 -50.17 17.17
CA LEU F 26 38.61 -50.78 16.86
C LEU F 26 38.82 -51.95 17.82
N ARG F 27 39.99 -52.08 18.46
CA ARG F 27 40.20 -53.10 19.50
C ARG F 27 39.60 -52.57 20.80
N ASP F 28 38.27 -52.67 20.90
CA ASP F 28 37.54 -52.50 22.15
C ASP F 28 37.93 -51.21 22.90
N ASN F 29 38.15 -50.13 22.14
CA ASN F 29 38.67 -48.90 22.72
C ASN F 29 37.75 -48.35 23.80
N ILE F 30 36.44 -48.39 23.57
CA ILE F 30 35.49 -47.88 24.57
C ILE F 30 35.49 -48.75 25.81
N GLN F 31 35.58 -50.07 25.64
CA GLN F 31 35.74 -50.97 26.78
C GLN F 31 37.03 -50.70 27.54
N GLY F 32 38.00 -50.03 26.92
CA GLY F 32 39.21 -49.60 27.59
C GLY F 32 38.94 -48.75 28.81
N ILE F 33 37.77 -48.12 28.87
CA ILE F 33 37.30 -47.45 30.09
C ILE F 33 36.73 -48.55 30.99
N THR F 34 37.53 -49.02 31.94
CA THR F 34 37.26 -50.26 32.64
C THR F 34 36.20 -50.08 33.73
N LYS F 35 35.62 -51.22 34.15
CA LYS F 35 34.66 -51.21 35.25
C LYS F 35 35.19 -50.59 36.53
N PRO F 36 36.37 -50.94 37.04
CA PRO F 36 36.88 -50.26 38.24
C PRO F 36 37.08 -48.77 38.05
N ALA F 37 37.53 -48.34 36.87
CA ALA F 37 37.70 -46.92 36.62
C ALA F 37 36.36 -46.19 36.75
N ILE F 38 35.31 -46.76 36.17
CA ILE F 38 33.97 -46.17 36.30
C ILE F 38 33.55 -46.09 37.75
N ARG F 39 33.80 -47.16 38.52
CA ARG F 39 33.55 -47.12 39.96
C ARG F 39 34.23 -45.91 40.59
N ARG F 40 35.54 -45.78 40.37
CA ARG F 40 36.31 -44.74 41.03
C ARG F 40 35.76 -43.35 40.72
N LEU F 41 35.38 -43.11 39.46
CA LEU F 41 34.81 -41.82 39.09
C LEU F 41 33.55 -41.52 39.90
N ALA F 42 32.61 -42.47 39.92
CA ALA F 42 31.36 -42.26 40.63
C ALA F 42 31.59 -42.00 42.12
N ARG F 43 32.67 -42.54 42.69
CA ARG F 43 32.96 -42.32 44.10
C ARG F 43 33.15 -40.84 44.41
N ARG F 44 33.89 -40.13 43.56
CA ARG F 44 34.08 -38.69 43.79
C ARG F 44 32.74 -37.97 43.82
N GLY F 45 31.79 -38.41 43.00
CA GLY F 45 30.45 -37.85 43.02
C GLY F 45 29.60 -38.32 44.17
N GLY F 46 30.21 -38.97 45.15
CA GLY F 46 29.51 -39.43 46.33
C GLY F 46 28.67 -40.69 46.14
N VAL F 47 28.84 -41.40 45.03
CA VAL F 47 28.01 -42.57 44.77
C VAL F 47 28.45 -43.72 45.65
N LYS F 48 27.53 -44.23 46.46
CA LYS F 48 27.83 -45.31 47.39
C LYS F 48 27.65 -46.69 46.73
N ARG F 49 26.57 -46.86 45.97
CA ARG F 49 26.16 -48.18 45.49
C ARG F 49 25.71 -48.07 44.04
N ILE F 50 26.12 -49.04 43.21
CA ILE F 50 26.04 -48.91 41.75
C ILE F 50 25.38 -50.16 41.16
N SER F 51 24.38 -49.94 40.30
CA SER F 51 23.78 -51.05 39.57
C SER F 51 24.61 -51.38 38.33
N GLY F 52 24.65 -52.67 37.99
CA GLY F 52 25.51 -53.15 36.92
C GLY F 52 25.21 -52.56 35.55
N LEU F 53 23.99 -52.07 35.35
CA LEU F 53 23.65 -51.46 34.07
C LEU F 53 24.34 -50.12 33.86
N ILE F 54 24.88 -49.52 34.93
CA ILE F 54 25.42 -48.16 34.87
C ILE F 54 26.57 -48.07 33.88
N TYR F 55 27.38 -49.12 33.78
CA TYR F 55 28.64 -49.04 33.05
C TYR F 55 28.42 -48.72 31.57
N GLU F 56 27.46 -49.39 30.93
CA GLU F 56 27.23 -49.13 29.51
C GLU F 56 26.60 -47.76 29.30
N GLU F 57 25.68 -47.36 30.18
CA GLU F 57 25.10 -46.02 30.08
C GLU F 57 26.17 -44.95 30.20
N THR F 58 27.12 -45.14 31.12
CA THR F 58 28.22 -44.20 31.28
C THR F 58 29.04 -44.09 30.00
N ARG F 59 29.38 -45.23 29.40
CA ARG F 59 30.21 -45.23 28.20
C ARG F 59 29.54 -44.49 27.06
N GLY F 60 28.23 -44.69 26.88
CA GLY F 60 27.51 -43.94 25.87
C GLY F 60 27.61 -42.45 26.08
N VAL F 61 27.34 -42.00 27.32
CA VAL F 61 27.41 -40.57 27.64
C VAL F 61 28.80 -40.03 27.38
N LEU F 62 29.83 -40.76 27.83
CA LEU F 62 31.20 -40.32 27.64
C LEU F 62 31.54 -40.14 26.16
N LYS F 63 31.14 -41.10 25.33
CA LYS F 63 31.47 -41.02 23.90
C LYS F 63 30.88 -39.77 23.26
N VAL F 64 29.62 -39.46 23.59
CA VAL F 64 28.99 -38.26 23.06
C VAL F 64 29.80 -37.02 23.43
N PHE F 65 30.18 -36.91 24.71
CA PHE F 65 30.98 -35.79 25.16
C PHE F 65 32.26 -35.66 24.36
N LEU F 66 32.97 -36.78 24.19
CA LEU F 66 34.22 -36.76 23.43
C LEU F 66 33.98 -36.39 21.97
N GLU F 67 32.98 -37.03 21.33
CA GLU F 67 32.70 -36.77 19.93
C GLU F 67 32.49 -35.28 19.67
N ASN F 68 31.72 -34.63 20.53
CA ASN F 68 31.41 -33.22 20.33
C ASN F 68 32.66 -32.36 20.51
N VAL F 69 33.45 -32.61 21.55
CA VAL F 69 34.64 -31.81 21.79
C VAL F 69 35.67 -32.03 20.68
N ILE F 70 35.94 -33.29 20.34
CA ILE F 70 36.93 -33.60 19.33
C ILE F 70 36.56 -32.98 17.99
N ARG F 71 35.30 -33.13 17.59
CA ARG F 71 34.83 -32.59 16.31
C ARG F 71 35.11 -31.10 16.21
N ASP F 72 34.75 -30.35 17.25
CA ASP F 72 34.99 -28.91 17.23
C ASP F 72 36.48 -28.59 17.22
N ALA F 73 37.27 -29.30 18.03
CA ALA F 73 38.71 -29.07 18.05
C ALA F 73 39.32 -29.30 16.67
N VAL F 74 38.98 -30.42 16.04
CA VAL F 74 39.46 -30.69 14.68
C VAL F 74 39.07 -29.57 13.74
N THR F 75 37.84 -29.06 13.88
CA THR F 75 37.40 -27.96 13.03
C THR F 75 38.31 -26.75 13.18
N TYR F 76 38.69 -26.40 14.41
CA TYR F 76 39.66 -25.32 14.60
C TYR F 76 40.99 -25.66 13.97
N THR F 77 41.47 -26.89 14.15
CA THR F 77 42.75 -27.30 13.58
C THR F 77 42.74 -27.20 12.06
N GLU F 78 41.65 -27.70 11.44
CA GLU F 78 41.53 -27.61 9.99
C GLU F 78 41.51 -26.16 9.52
N HIS F 79 40.83 -25.29 10.26
CA HIS F 79 40.75 -23.90 9.84
C HIS F 79 42.13 -23.26 9.79
N ALA F 80 42.95 -23.53 10.80
CA ALA F 80 44.34 -23.08 10.79
C ALA F 80 45.19 -23.82 9.77
N LYS F 81 44.68 -24.89 9.18
CA LYS F 81 45.38 -25.74 8.24
C LYS F 81 46.59 -26.45 8.84
N ARG F 82 46.73 -26.43 10.17
CA ARG F 82 47.68 -27.28 10.86
C ARG F 82 47.25 -28.75 10.75
N LYS F 83 48.16 -29.65 11.15
CA LYS F 83 47.87 -31.07 11.14
C LYS F 83 48.02 -31.73 12.51
N THR F 84 48.47 -31.00 13.52
CA THR F 84 48.51 -31.47 14.90
C THR F 84 47.51 -30.67 15.72
N VAL F 85 46.65 -31.37 16.46
CA VAL F 85 45.75 -30.73 17.41
C VAL F 85 46.56 -30.27 18.61
N THR F 86 46.45 -28.99 18.96
CA THR F 86 47.12 -28.45 20.13
C THR F 86 46.14 -28.18 21.26
N ALA F 87 46.70 -27.92 22.44
CA ALA F 87 45.88 -27.68 23.63
C ALA F 87 44.86 -26.56 23.39
N MET F 88 45.28 -25.48 22.72
CA MET F 88 44.37 -24.38 22.48
C MET F 88 43.18 -24.79 21.64
N ASP F 89 43.39 -25.69 20.68
CA ASP F 89 42.25 -26.22 19.92
C ASP F 89 41.24 -26.89 20.84
N VAL F 90 41.73 -27.63 21.83
CA VAL F 90 40.83 -28.28 22.79
C VAL F 90 40.17 -27.24 23.68
N VAL F 91 40.96 -26.28 24.18
CA VAL F 91 40.42 -25.30 25.13
C VAL F 91 39.28 -24.50 24.51
N TYR F 92 39.47 -24.04 23.27
CA TYR F 92 38.38 -23.34 22.59
C TYR F 92 37.16 -24.24 22.42
N ALA F 93 37.39 -25.47 21.96
CA ALA F 93 36.27 -26.40 21.73
C ALA F 93 35.47 -26.61 23.00
N LEU F 94 36.14 -26.77 24.13
CA LEU F 94 35.43 -26.92 25.40
C LEU F 94 34.66 -25.64 25.76
N LYS F 95 35.32 -24.48 25.64
CA LYS F 95 34.76 -23.22 26.12
C LYS F 95 33.35 -22.99 25.62
N ARG F 96 33.16 -23.07 24.30
CA ARG F 96 31.90 -22.70 23.68
C ARG F 96 30.77 -23.65 24.04
N GLN F 97 31.08 -24.84 24.55
CA GLN F 97 30.05 -25.72 25.09
C GLN F 97 29.63 -25.35 26.51
N GLY F 98 30.06 -24.18 26.99
CA GLY F 98 29.69 -23.72 28.31
C GLY F 98 30.58 -24.20 29.43
N ARG F 99 31.83 -24.57 29.13
CA ARG F 99 32.74 -25.16 30.12
C ARG F 99 34.14 -24.64 29.87
N THR F 100 34.68 -23.88 30.82
CA THR F 100 35.99 -23.26 30.68
C THR F 100 37.02 -24.04 31.49
N LEU F 101 38.16 -24.33 30.88
CA LEU F 101 39.21 -25.13 31.48
C LEU F 101 40.43 -24.26 31.72
N TYR F 102 40.95 -24.26 32.95
CA TYR F 102 42.15 -23.52 33.31
C TYR F 102 43.36 -24.46 33.36
N GLY F 103 44.55 -23.89 33.13
CA GLY F 103 45.80 -24.58 33.33
C GLY F 103 46.50 -25.02 32.05
N PHE F 104 45.74 -25.36 31.01
CA PHE F 104 46.31 -25.81 29.74
C PHE F 104 46.53 -24.66 28.76
N GLY F 105 46.86 -23.47 29.26
CA GLY F 105 46.86 -22.29 28.42
C GLY F 105 45.45 -21.73 28.26
N GLY F 106 45.37 -20.59 27.59
CA GLY F 106 44.14 -19.85 27.51
C GLY F 106 43.96 -18.95 28.72
N ARG G 15 31.57 3.83 -17.68
CA ARG G 15 30.57 4.05 -16.64
C ARG G 15 29.32 3.21 -16.93
N ALA G 16 29.48 1.89 -16.85
CA ALA G 16 28.43 0.95 -17.22
C ALA G 16 27.26 1.01 -16.23
N LYS G 17 26.08 0.60 -16.70
CA LYS G 17 24.91 0.57 -15.82
C LYS G 17 25.07 -0.47 -14.73
N ALA G 18 24.70 -0.09 -13.50
CA ALA G 18 25.02 -0.85 -12.31
C ALA G 18 24.17 -2.13 -12.21
N LYS G 19 24.67 -3.07 -11.41
CA LYS G 19 23.93 -4.26 -11.00
C LYS G 19 23.98 -4.34 -9.47
N THR G 20 22.80 -4.38 -8.84
CA THR G 20 22.76 -4.50 -7.39
C THR G 20 23.39 -5.80 -6.94
N ARG G 21 24.13 -5.76 -5.84
CA ARG G 21 25.01 -6.86 -5.49
C ARG G 21 24.25 -8.13 -5.11
N SER G 22 23.11 -7.98 -4.44
CA SER G 22 22.26 -9.14 -4.15
C SER G 22 21.78 -9.80 -5.44
N SER G 23 21.36 -9.00 -6.42
CA SER G 23 20.93 -9.53 -7.71
C SER G 23 22.05 -10.35 -8.36
N ARG G 24 23.27 -9.83 -8.32
CA ARG G 24 24.42 -10.49 -8.93
C ARG G 24 24.68 -11.86 -8.32
N ALA G 25 24.38 -12.03 -7.03
CA ALA G 25 24.54 -13.31 -6.36
C ALA G 25 23.32 -14.22 -6.52
N GLY G 26 22.19 -13.68 -6.98
CA GLY G 26 20.95 -14.43 -7.03
C GLY G 26 20.17 -14.43 -5.73
N LEU G 27 20.55 -13.59 -4.78
CA LEU G 27 19.97 -13.60 -3.44
C LEU G 27 18.84 -12.59 -3.32
N GLN G 28 18.02 -12.79 -2.28
CA GLN G 28 16.99 -11.83 -1.89
C GLN G 28 17.48 -10.89 -0.80
N PHE G 29 18.29 -11.39 0.13
CA PHE G 29 18.79 -10.55 1.21
C PHE G 29 19.79 -9.53 0.67
N PRO G 30 19.78 -8.31 1.20
CA PRO G 30 20.59 -7.23 0.61
C PRO G 30 22.05 -7.26 1.03
N VAL G 31 22.92 -7.65 0.09
CA VAL G 31 24.33 -7.89 0.40
C VAL G 31 25.00 -6.65 0.97
N GLY G 32 24.72 -5.47 0.39
CA GLY G 32 25.41 -4.26 0.81
C GLY G 32 25.19 -3.93 2.28
N ARG G 33 24.01 -4.24 2.80
CA ARG G 33 23.75 -4.04 4.23
C ARG G 33 24.70 -4.86 5.08
N VAL G 34 24.75 -6.17 4.81
CA VAL G 34 25.61 -7.09 5.57
C VAL G 34 27.05 -6.61 5.52
N HIS G 35 27.50 -6.13 4.37
CA HIS G 35 28.86 -5.61 4.22
C HIS G 35 29.13 -4.50 5.21
N ARG G 36 28.17 -3.59 5.40
CA ARG G 36 28.31 -2.55 6.41
C ARG G 36 28.31 -3.14 7.82
N LEU G 37 27.36 -4.06 8.08
CA LEU G 37 27.17 -4.54 9.43
C LEU G 37 28.36 -5.34 9.93
N LEU G 38 28.85 -6.30 9.12
CA LEU G 38 30.04 -7.05 9.49
C LEU G 38 31.20 -6.11 9.80
N ARG G 39 31.29 -5.02 9.05
CA ARG G 39 32.40 -4.07 9.12
C ARG G 39 32.27 -3.10 10.30
N LYS G 40 31.17 -3.15 11.03
CA LYS G 40 31.00 -2.36 12.25
C LYS G 40 30.69 -3.28 13.42
N GLY G 41 30.38 -2.69 14.57
CA GLY G 41 30.28 -3.47 15.79
C GLY G 41 31.61 -4.08 16.19
N ASN G 42 32.68 -3.65 15.49
CA ASN G 42 34.04 -4.11 15.74
C ASN G 42 34.17 -5.63 15.67
N TYR G 43 33.47 -6.26 14.73
CA TYR G 43 33.67 -7.69 14.52
C TYR G 43 35.05 -7.99 13.95
N SER G 44 35.62 -7.06 13.19
CA SER G 44 36.94 -7.31 12.61
C SER G 44 37.57 -5.99 12.18
N GLU G 45 38.86 -6.06 11.85
CA GLU G 45 39.55 -4.92 11.28
C GLU G 45 39.24 -4.76 9.80
N ARG G 46 39.12 -5.87 9.07
CA ARG G 46 38.83 -5.85 7.64
C ARG G 46 37.81 -6.93 7.28
N VAL G 47 37.03 -6.66 6.23
CA VAL G 47 36.02 -7.58 5.72
C VAL G 47 36.27 -7.82 4.23
N GLY G 48 36.44 -9.09 3.86
CA GLY G 48 36.69 -9.42 2.48
C GLY G 48 35.43 -9.46 1.63
N ALA G 49 35.61 -9.24 0.32
CA ALA G 49 34.48 -8.97 -0.57
C ALA G 49 33.51 -10.14 -0.68
N GLY G 50 34.01 -11.38 -0.61
CA GLY G 50 33.12 -12.54 -0.68
C GLY G 50 32.39 -12.83 0.60
N ALA G 51 32.91 -12.36 1.73
CA ALA G 51 32.31 -12.66 3.04
C ALA G 51 30.85 -12.28 3.16
N PRO G 52 30.43 -11.04 2.86
CA PRO G 52 28.99 -10.72 3.01
C PRO G 52 28.11 -11.58 2.15
N VAL G 53 28.57 -11.87 0.93
CA VAL G 53 27.82 -12.72 0.01
C VAL G 53 27.54 -14.08 0.64
N TYR G 54 28.59 -14.70 1.18
CA TYR G 54 28.43 -16.00 1.82
C TYR G 54 27.41 -15.94 2.95
N LEU G 55 27.53 -14.94 3.82
CA LEU G 55 26.66 -14.86 4.99
C LEU G 55 25.21 -14.59 4.60
N ALA G 56 24.99 -13.71 3.63
CA ALA G 56 23.64 -13.41 3.19
C ALA G 56 22.92 -14.68 2.75
N ALA G 57 23.60 -15.52 1.97
CA ALA G 57 23.01 -16.79 1.53
C ALA G 57 22.65 -17.66 2.72
N VAL G 58 23.53 -17.74 3.72
CA VAL G 58 23.29 -18.57 4.89
C VAL G 58 22.03 -18.10 5.63
N LEU G 59 21.95 -16.80 5.91
CA LEU G 59 20.78 -16.25 6.57
C LEU G 59 19.52 -16.52 5.75
N GLU G 60 19.61 -16.34 4.43
CA GLU G 60 18.48 -16.57 3.55
C GLU G 60 18.00 -18.02 3.63
N TYR G 61 18.94 -18.97 3.62
CA TYR G 61 18.57 -20.37 3.71
C TYR G 61 17.81 -20.65 5.00
N LEU G 62 18.40 -20.32 6.14
CA LEU G 62 17.77 -20.60 7.42
C LEU G 62 16.41 -19.91 7.52
N THR G 63 16.31 -18.68 7.02
CA THR G 63 15.04 -17.97 6.99
C THR G 63 13.99 -18.79 6.26
N ALA G 64 14.34 -19.30 5.08
CA ALA G 64 13.38 -20.05 4.28
C ALA G 64 12.88 -21.28 5.01
N GLU G 65 13.76 -22.01 5.69
CA GLU G 65 13.36 -23.24 6.36
C GLU G 65 12.31 -22.98 7.43
N ILE G 66 12.53 -21.95 8.26
CA ILE G 66 11.56 -21.61 9.30
C ILE G 66 10.21 -21.29 8.67
N LEU G 67 10.21 -20.41 7.66
CA LEU G 67 8.97 -19.98 7.04
C LEU G 67 8.24 -21.14 6.40
N GLU G 68 8.96 -22.03 5.72
CA GLU G 68 8.33 -23.18 5.09
C GLU G 68 7.57 -24.01 6.12
N LEU G 69 8.25 -24.38 7.21
CA LEU G 69 7.61 -25.19 8.25
C LEU G 69 6.43 -24.45 8.86
N ALA G 70 6.59 -23.16 9.15
CA ALA G 70 5.51 -22.39 9.76
C ALA G 70 4.31 -22.30 8.83
N GLY G 71 4.54 -22.21 7.52
CA GLY G 71 3.44 -22.19 6.58
C GLY G 71 2.64 -23.47 6.60
N ASN G 72 3.32 -24.61 6.75
CA ASN G 72 2.61 -25.87 6.95
C ASN G 72 1.81 -25.83 8.25
N ALA G 73 2.42 -25.31 9.32
CA ALA G 73 1.74 -25.23 10.61
C ALA G 73 0.49 -24.36 10.51
N ALA G 74 0.55 -23.28 9.71
CA ALA G 74 -0.61 -22.43 9.53
C ALA G 74 -1.72 -23.17 8.78
N ARG G 75 -1.36 -23.92 7.74
CA ARG G 75 -2.34 -24.67 6.97
C ARG G 75 -3.01 -25.75 7.80
N ASP G 76 -2.27 -26.38 8.72
CA ASP G 76 -2.87 -27.38 9.62
C ASP G 76 -4.02 -26.78 10.41
N ASN G 77 -3.85 -25.55 10.89
CA ASN G 77 -4.91 -24.81 11.57
C ASN G 77 -5.82 -24.08 10.60
N LYS G 78 -5.61 -24.27 9.29
CA LYS G 78 -6.47 -23.71 8.24
C LYS G 78 -6.56 -22.18 8.32
N LYS G 79 -5.43 -21.55 8.65
CA LYS G 79 -5.32 -20.11 8.70
C LYS G 79 -4.43 -19.61 7.56
N THR G 80 -4.79 -18.47 6.98
CA THR G 80 -4.09 -17.94 5.82
C THR G 80 -2.81 -17.18 6.18
N ARG G 81 -2.59 -16.89 7.46
CA ARG G 81 -1.53 -16.00 7.91
C ARG G 81 -0.66 -16.70 8.95
N ILE G 82 0.65 -16.51 8.86
CA ILE G 82 1.58 -17.05 9.85
C ILE G 82 1.54 -16.19 11.11
N ILE G 83 1.44 -16.85 12.27
CA ILE G 83 1.36 -16.17 13.56
C ILE G 83 2.42 -16.76 14.47
N PRO G 84 2.77 -16.07 15.57
CA PRO G 84 3.86 -16.56 16.45
C PRO G 84 3.77 -18.03 16.83
N ARG G 85 2.55 -18.53 17.07
CA ARG G 85 2.36 -19.93 17.41
C ARG G 85 2.89 -20.86 16.32
N HIS G 86 2.66 -20.49 15.05
CA HIS G 86 3.13 -21.33 13.95
C HIS G 86 4.64 -21.41 13.93
N LEU G 87 5.31 -20.30 14.26
CA LEU G 87 6.77 -20.32 14.36
C LEU G 87 7.22 -21.24 15.48
N GLN G 88 6.55 -21.17 16.64
CA GLN G 88 6.89 -22.05 17.76
C GLN G 88 6.81 -23.51 17.35
N LEU G 89 5.67 -23.91 16.76
CA LEU G 89 5.49 -25.31 16.36
C LEU G 89 6.58 -25.76 15.40
N ALA G 90 6.86 -24.95 14.38
CA ALA G 90 7.93 -25.27 13.43
C ALA G 90 9.25 -25.52 14.15
N ILE G 91 9.64 -24.61 15.03
CA ILE G 91 10.94 -24.67 15.69
C ILE G 91 11.05 -25.89 16.57
N ARG G 92 9.97 -26.26 17.26
CA ARG G 92 10.05 -27.39 18.19
C ARG G 92 9.87 -28.73 17.49
N ASN G 93 9.13 -28.77 16.38
CA ASN G 93 8.98 -30.02 15.65
C ASN G 93 10.26 -30.38 14.91
N ASP G 94 10.98 -29.38 14.41
CA ASP G 94 12.25 -29.62 13.75
C ASP G 94 13.36 -29.76 14.79
N GLU G 95 14.05 -30.90 14.76
CA GLU G 95 15.06 -31.20 15.77
C GLU G 95 16.21 -30.20 15.73
N GLU G 96 16.69 -29.87 14.52
CA GLU G 96 17.86 -29.02 14.41
C GLU G 96 17.56 -27.59 14.85
N LEU G 97 16.42 -27.04 14.42
CA LEU G 97 16.02 -25.72 14.90
C LEU G 97 15.85 -25.72 16.41
N ASN G 98 15.32 -26.81 16.96
CA ASN G 98 15.17 -26.92 18.41
C ASN G 98 16.51 -27.00 19.14
N LYS G 99 17.63 -27.17 18.42
CA LYS G 99 18.94 -26.97 19.03
C LYS G 99 19.38 -25.53 18.85
N LEU G 100 19.41 -25.07 17.59
CA LEU G 100 19.91 -23.73 17.26
C LEU G 100 19.17 -22.66 18.05
N LEU G 101 17.86 -22.83 18.20
CA LEU G 101 17.01 -21.90 18.93
C LEU G 101 16.49 -22.52 20.23
N GLY G 102 17.22 -23.48 20.79
CA GLY G 102 16.71 -24.27 21.90
C GLY G 102 16.26 -23.44 23.09
N ARG G 103 17.04 -22.44 23.45
CA ARG G 103 16.75 -21.60 24.62
C ARG G 103 15.97 -20.33 24.28
N VAL G 104 15.53 -20.17 23.03
CA VAL G 104 14.79 -18.96 22.67
C VAL G 104 13.39 -19.00 23.28
N THR G 105 12.94 -17.87 23.81
CA THR G 105 11.57 -17.69 24.25
C THR G 105 10.83 -16.88 23.20
N ILE G 106 9.62 -17.31 22.86
CA ILE G 106 8.82 -16.71 21.80
C ILE G 106 7.52 -16.20 22.39
N ALA G 107 7.22 -14.93 22.13
CA ALA G 107 6.01 -14.31 22.63
C ALA G 107 4.77 -15.04 22.11
N GLN G 108 3.86 -15.40 23.02
CA GLN G 108 2.63 -16.12 22.69
C GLN G 108 2.92 -17.43 21.96
N GLY G 109 4.05 -18.06 22.27
CA GLY G 109 4.39 -19.31 21.61
C GLY G 109 3.52 -20.48 22.01
N GLY G 110 3.08 -20.51 23.27
CA GLY G 110 2.40 -21.71 23.74
C GLY G 110 3.40 -22.85 23.88
N VAL G 111 2.85 -24.06 24.05
CA VAL G 111 3.67 -25.26 24.22
C VAL G 111 3.10 -26.39 23.38
N LEU G 112 3.91 -27.43 23.16
CA LEU G 112 3.44 -28.63 22.50
C LEU G 112 2.44 -29.35 23.41
N PRO G 113 1.46 -30.09 22.83
CA PRO G 113 0.43 -30.78 23.62
C PRO G 113 0.94 -32.06 24.29
N ASN G 114 2.03 -31.93 25.04
CA ASN G 114 2.73 -33.07 25.63
C ASN G 114 2.03 -33.48 26.93
N ILE G 115 1.43 -34.67 26.94
CA ILE G 115 0.80 -35.25 28.14
C ILE G 115 1.49 -36.59 28.43
N GLN G 116 2.05 -36.72 29.63
CA GLN G 116 2.77 -37.94 29.99
C GLN G 116 1.80 -39.11 30.18
N ALA G 117 2.21 -40.28 29.68
CA ALA G 117 1.33 -41.45 29.66
C ALA G 117 0.86 -41.86 31.05
N VAL G 118 1.69 -41.66 32.08
CA VAL G 118 1.35 -42.06 33.44
C VAL G 118 0.18 -41.24 34.00
N LEU G 119 -0.10 -40.08 33.42
CA LEU G 119 -1.18 -39.22 33.90
C LEU G 119 -2.53 -39.55 33.27
N LEU G 120 -2.55 -40.36 32.21
CA LEU G 120 -3.77 -40.65 31.48
C LEU G 120 -4.73 -41.48 32.34
N PRO G 121 -6.04 -41.42 32.06
CA PRO G 121 -7.01 -42.16 32.87
C PRO G 121 -6.98 -43.65 32.56
N LYS G 122 -7.27 -44.45 33.57
CA LYS G 122 -7.16 -45.90 33.48
C LYS G 122 -8.05 -46.60 34.49
N ARG H 35 10.33 6.91 10.37
CA ARG H 35 10.86 7.21 11.70
C ARG H 35 12.35 6.86 11.78
N SER H 36 13.06 7.53 12.68
CA SER H 36 14.49 7.28 12.89
C SER H 36 14.72 6.00 13.70
N ARG H 37 14.60 4.85 13.03
CA ARG H 37 14.73 3.52 13.64
C ARG H 37 15.60 2.63 12.75
N LYS H 38 15.99 1.47 13.30
CA LYS H 38 16.96 0.60 12.63
C LYS H 38 16.35 -0.10 11.40
N GLU H 39 17.22 -0.42 10.44
CA GLU H 39 16.84 -1.10 9.20
C GLU H 39 16.34 -2.53 9.46
N SER H 40 15.04 -2.76 9.29
CA SER H 40 14.50 -4.10 9.47
C SER H 40 14.74 -4.95 8.23
N TYR H 41 14.46 -6.24 8.35
CA TYR H 41 14.55 -7.20 7.26
C TYR H 41 13.19 -7.58 6.71
N SER H 42 12.13 -6.86 7.08
CA SER H 42 10.77 -7.29 6.82
C SER H 42 10.52 -7.54 5.34
N ILE H 43 11.02 -6.65 4.48
CA ILE H 43 10.83 -6.79 3.03
C ILE H 43 11.26 -8.16 2.56
N TYR H 44 12.52 -8.52 2.86
CA TYR H 44 13.10 -9.74 2.33
C TYR H 44 12.47 -10.98 2.95
N VAL H 45 12.17 -10.92 4.25
CA VAL H 45 11.45 -12.02 4.90
C VAL H 45 10.14 -12.28 4.16
N TYR H 46 9.38 -11.22 3.86
CA TYR H 46 8.13 -11.37 3.13
C TYR H 46 8.36 -11.99 1.76
N LYS H 47 9.37 -11.53 1.03
CA LYS H 47 9.64 -12.09 -0.29
C LYS H 47 10.03 -13.55 -0.21
N VAL H 48 10.83 -13.92 0.80
CA VAL H 48 11.21 -15.32 0.96
C VAL H 48 9.98 -16.18 1.17
N LEU H 49 9.05 -15.74 2.02
CA LEU H 49 7.81 -16.49 2.23
C LEU H 49 7.05 -16.66 0.92
N LYS H 50 6.94 -15.58 0.15
CA LYS H 50 6.21 -15.64 -1.11
C LYS H 50 6.80 -16.67 -2.07
N GLN H 51 8.13 -16.85 -2.04
CA GLN H 51 8.77 -17.84 -2.88
C GLN H 51 8.55 -19.26 -2.38
N VAL H 52 8.09 -19.42 -1.14
CA VAL H 52 7.87 -20.73 -0.54
C VAL H 52 6.39 -21.08 -0.45
N HIS H 53 5.58 -20.15 0.06
CA HIS H 53 4.14 -20.32 0.20
C HIS H 53 3.47 -19.09 -0.40
N PRO H 54 3.32 -19.03 -1.73
CA PRO H 54 2.92 -17.78 -2.39
C PRO H 54 1.60 -17.18 -1.94
N ASP H 55 0.72 -17.99 -1.36
CA ASP H 55 -0.61 -17.50 -0.98
C ASP H 55 -0.63 -16.86 0.42
N THR H 56 0.33 -17.18 1.27
CA THR H 56 0.22 -16.89 2.69
C THR H 56 0.66 -15.47 3.05
N GLY H 57 0.26 -15.03 4.23
CA GLY H 57 0.65 -13.75 4.78
C GLY H 57 1.30 -13.89 6.16
N ILE H 58 1.70 -12.74 6.72
CA ILE H 58 2.48 -12.70 7.95
C ILE H 58 1.84 -11.72 8.93
N SER H 59 1.75 -12.11 10.20
CA SER H 59 1.31 -11.21 11.25
C SER H 59 2.47 -10.32 11.70
N SER H 60 2.13 -9.13 12.20
CA SER H 60 3.14 -8.18 12.66
C SER H 60 4.08 -8.82 13.69
N LYS H 61 3.52 -9.57 14.62
CA LYS H 61 4.35 -10.20 15.65
C LYS H 61 5.24 -11.29 15.07
N ALA H 62 4.72 -12.09 14.13
CA ALA H 62 5.56 -13.07 13.47
C ALA H 62 6.72 -12.41 12.74
N MET H 63 6.45 -11.29 12.06
CA MET H 63 7.52 -10.56 11.40
C MET H 63 8.55 -10.04 12.40
N GLY H 64 8.08 -9.49 13.52
CA GLY H 64 9.01 -9.04 14.55
C GLY H 64 9.88 -10.17 15.07
N ILE H 65 9.30 -11.35 15.23
CA ILE H 65 10.07 -12.52 15.65
C ILE H 65 11.17 -12.83 14.64
N MET H 66 10.81 -12.87 13.36
CA MET H 66 11.81 -13.18 12.33
C MET H 66 12.95 -12.17 12.32
N ASN H 67 12.64 -10.90 12.59
CA ASN H 67 13.70 -9.89 12.65
C ASN H 67 14.66 -10.17 13.79
N SER H 68 14.14 -10.50 14.98
CA SER H 68 15.01 -10.89 16.08
C SER H 68 15.82 -12.13 15.73
N PHE H 69 15.20 -13.08 15.03
CA PHE H 69 15.90 -14.29 14.63
C PHE H 69 17.11 -13.97 13.75
N VAL H 70 16.89 -13.16 12.71
CA VAL H 70 17.99 -12.82 11.80
C VAL H 70 19.14 -12.17 12.55
N ASN H 71 18.81 -11.21 13.42
CA ASN H 71 19.86 -10.54 14.18
C ASN H 71 20.62 -11.52 15.06
N ASP H 72 19.92 -12.45 15.71
CA ASP H 72 20.56 -13.44 16.57
C ASP H 72 21.57 -14.26 15.78
N ILE H 73 21.13 -14.91 14.70
CA ILE H 73 22.03 -15.75 13.91
C ILE H 73 23.18 -14.91 13.36
N PHE H 74 22.88 -13.69 12.91
CA PHE H 74 23.93 -12.81 12.40
C PHE H 74 25.00 -12.57 13.46
N GLU H 75 24.59 -12.21 14.68
CA GLU H 75 25.56 -11.92 15.73
C GLU H 75 26.42 -13.12 16.06
N ARG H 76 25.81 -14.32 16.12
CA ARG H 76 26.58 -15.52 16.43
C ARG H 76 27.67 -15.74 15.40
N ILE H 77 27.31 -15.78 14.13
CA ILE H 77 28.28 -16.06 13.07
C ILE H 77 29.38 -15.00 13.05
N ALA H 78 28.98 -13.73 13.04
CA ALA H 78 29.97 -12.65 13.04
C ALA H 78 30.87 -12.73 14.27
N GLY H 79 30.30 -13.06 15.44
CA GLY H 79 31.11 -13.18 16.63
C GLY H 79 32.13 -14.29 16.54
N GLU H 80 31.70 -15.48 16.12
CA GLU H 80 32.63 -16.60 16.03
C GLU H 80 33.67 -16.37 14.94
N ALA H 81 33.26 -15.84 13.80
CA ALA H 81 34.20 -15.52 12.75
C ALA H 81 35.26 -14.54 13.24
N SER H 82 34.85 -13.55 14.04
CA SER H 82 35.81 -12.63 14.66
C SER H 82 36.86 -13.39 15.46
N ARG H 83 36.42 -14.31 16.32
CA ARG H 83 37.34 -15.03 17.18
C ARG H 83 38.28 -15.91 16.37
N LEU H 84 37.77 -16.55 15.33
CA LEU H 84 38.64 -17.36 14.46
C LEU H 84 39.80 -16.53 13.93
N ALA H 85 39.50 -15.35 13.39
CA ALA H 85 40.56 -14.47 12.90
C ALA H 85 41.50 -14.06 14.04
N HIS H 86 40.94 -13.76 15.22
CA HIS H 86 41.75 -13.36 16.35
C HIS H 86 42.69 -14.48 16.79
N TYR H 87 42.15 -15.69 16.95
CA TYR H 87 42.97 -16.84 17.31
C TYR H 87 44.12 -17.04 16.35
N ASN H 88 43.87 -16.82 15.06
CA ASN H 88 44.85 -17.05 14.01
C ASN H 88 45.63 -15.79 13.65
N LYS H 89 45.53 -14.73 14.45
CA LYS H 89 46.35 -13.53 14.32
C LYS H 89 46.19 -12.82 12.97
N ARG H 90 45.07 -13.03 12.29
CA ARG H 90 44.87 -12.52 10.93
C ARG H 90 43.79 -11.46 10.90
N SER H 91 43.94 -10.48 10.01
CA SER H 91 43.20 -9.22 10.11
C SER H 91 41.85 -9.24 9.39
N THR H 92 41.66 -10.12 8.41
CA THR H 92 40.55 -10.02 7.47
C THR H 92 39.59 -11.20 7.62
N ILE H 93 38.30 -10.90 7.78
CA ILE H 93 37.28 -11.94 7.68
C ILE H 93 37.06 -12.29 6.22
N THR H 94 37.07 -13.58 5.89
CA THR H 94 36.77 -14.05 4.54
C THR H 94 35.61 -15.04 4.61
N SER H 95 35.25 -15.57 3.43
CA SER H 95 34.21 -16.59 3.37
C SER H 95 34.56 -17.80 4.22
N ARG H 96 35.86 -18.07 4.42
CA ARG H 96 36.28 -19.24 5.19
C ARG H 96 35.89 -19.11 6.65
N GLU H 97 36.20 -17.97 7.26
CA GLU H 97 35.88 -17.76 8.68
C GLU H 97 34.39 -17.95 8.90
N ILE H 98 33.58 -17.40 8.00
CA ILE H 98 32.14 -17.62 8.05
C ILE H 98 31.83 -19.10 7.88
N GLN H 99 32.41 -19.75 6.87
CA GLN H 99 32.15 -21.16 6.62
C GLN H 99 32.47 -22.02 7.83
N THR H 100 33.61 -21.77 8.48
CA THR H 100 33.96 -22.49 9.69
C THR H 100 32.96 -22.19 10.80
N ALA H 101 32.65 -20.90 11.01
CA ALA H 101 31.68 -20.52 12.04
C ALA H 101 30.33 -21.19 11.82
N VAL H 102 29.90 -21.27 10.56
CA VAL H 102 28.62 -21.90 10.23
C VAL H 102 28.60 -23.35 10.74
N ARG H 103 29.68 -24.09 10.52
CA ARG H 103 29.75 -25.47 10.99
C ARG H 103 29.71 -25.54 12.50
N LEU H 104 30.44 -24.65 13.18
CA LEU H 104 30.48 -24.68 14.63
C LEU H 104 29.12 -24.38 15.23
N LEU H 105 28.35 -23.49 14.60
CA LEU H 105 27.09 -23.03 15.17
C LEU H 105 25.93 -23.94 14.76
N LEU H 106 25.86 -24.31 13.50
CA LEU H 106 24.69 -25.06 13.03
C LEU H 106 24.87 -26.55 13.27
N PRO H 107 23.78 -27.27 13.55
CA PRO H 107 23.81 -28.73 13.46
C PRO H 107 24.21 -29.17 12.06
N GLY H 108 24.80 -30.36 11.97
CA GLY H 108 25.48 -30.78 10.75
C GLY H 108 24.59 -30.76 9.51
N GLU H 109 23.32 -31.16 9.65
CA GLU H 109 22.42 -31.19 8.51
C GLU H 109 22.20 -29.80 7.94
N LEU H 110 21.78 -28.86 8.79
CA LEU H 110 21.63 -27.48 8.35
C LEU H 110 22.94 -26.92 7.84
N ALA H 111 24.05 -27.27 8.50
CA ALA H 111 25.36 -26.70 8.15
C ALA H 111 25.71 -26.98 6.69
N LYS H 112 25.55 -28.23 6.25
CA LYS H 112 25.95 -28.59 4.89
C LYS H 112 25.12 -27.86 3.84
N HIS H 113 23.81 -27.75 4.06
CA HIS H 113 22.97 -27.00 3.13
C HIS H 113 23.37 -25.54 3.09
N ALA H 114 23.57 -24.93 4.26
CA ALA H 114 24.02 -23.54 4.32
C ALA H 114 25.37 -23.39 3.63
N VAL H 115 26.30 -24.32 3.86
CA VAL H 115 27.61 -24.26 3.21
C VAL H 115 27.47 -24.34 1.70
N SER H 116 26.59 -25.20 1.21
CA SER H 116 26.37 -25.32 -0.23
C SER H 116 25.89 -24.00 -0.81
N GLU H 117 24.90 -23.38 -0.18
CA GLU H 117 24.36 -22.11 -0.67
C GLU H 117 25.42 -21.00 -0.60
N GLY H 118 26.09 -20.87 0.54
CA GLY H 118 27.14 -19.87 0.65
C GLY H 118 28.23 -20.08 -0.37
N THR H 119 28.60 -21.33 -0.62
CA THR H 119 29.57 -21.65 -1.67
C THR H 119 29.11 -21.12 -3.02
N LYS H 120 27.88 -21.46 -3.41
CA LYS H 120 27.38 -21.06 -4.72
C LYS H 120 27.33 -19.55 -4.87
N ALA H 121 26.78 -18.85 -3.87
CA ALA H 121 26.65 -17.41 -3.95
C ALA H 121 28.00 -16.75 -4.21
N VAL H 122 29.02 -17.12 -3.43
CA VAL H 122 30.35 -16.57 -3.63
C VAL H 122 30.93 -17.04 -4.97
N THR H 123 30.83 -18.34 -5.25
CA THR H 123 31.35 -18.88 -6.49
C THR H 123 30.80 -18.13 -7.69
N LYS H 124 29.48 -17.91 -7.71
CA LYS H 124 28.87 -17.16 -8.80
C LYS H 124 29.35 -15.72 -8.80
N TYR H 125 29.31 -15.07 -7.63
CA TYR H 125 29.61 -13.64 -7.56
C TYR H 125 31.01 -13.33 -8.08
N THR H 126 32.01 -14.14 -7.72
CA THR H 126 33.35 -13.94 -8.26
C THR H 126 33.40 -14.31 -9.74
N SER H 127 32.64 -15.34 -10.14
CA SER H 127 32.58 -15.74 -11.55
C SER H 127 31.75 -14.77 -12.39
N ALA H 128 30.99 -13.89 -11.74
CA ALA H 128 30.08 -12.99 -12.45
C ALA H 128 29.95 -11.67 -11.71
N PRO K 116 -30.37 29.43 -42.64
CA PRO K 116 -29.15 29.18 -43.42
C PRO K 116 -28.14 30.31 -43.29
N LEU K 117 -27.02 30.17 -43.97
CA LEU K 117 -25.97 31.19 -43.99
C LEU K 117 -26.04 32.00 -45.27
N SER K 118 -25.61 33.26 -45.17
CA SER K 118 -25.49 34.15 -46.32
C SER K 118 -24.07 34.11 -46.88
N SER K 119 -23.94 34.49 -48.15
CA SER K 119 -22.64 34.54 -48.80
C SER K 119 -21.82 35.76 -48.38
N SER K 120 -22.45 36.74 -47.71
CA SER K 120 -21.81 38.03 -47.47
C SER K 120 -22.39 38.67 -46.20
N VAL K 121 -21.79 39.77 -45.78
CA VAL K 121 -22.22 40.54 -44.62
C VAL K 121 -22.53 41.97 -45.07
N PRO K 122 -23.71 42.51 -44.75
CA PRO K 122 -23.99 43.93 -45.04
C PRO K 122 -23.13 44.86 -44.20
N SER K 123 -22.74 45.99 -44.79
CA SER K 123 -21.97 47.00 -44.08
C SER K 123 -22.85 47.72 -43.05
N GLN K 124 -22.26 48.00 -41.88
CA GLN K 124 -22.96 48.70 -40.80
C GLN K 124 -22.42 50.10 -40.53
N LYS K 125 -21.42 50.57 -41.29
CA LYS K 125 -20.74 51.82 -40.99
C LYS K 125 -21.67 53.01 -41.10
N THR K 126 -21.64 53.89 -40.09
CA THR K 126 -22.43 55.11 -40.09
C THR K 126 -21.97 56.05 -41.20
N TYR K 127 -22.91 56.48 -42.04
CA TYR K 127 -22.61 57.29 -43.23
C TYR K 127 -23.74 58.31 -43.41
N GLN K 128 -23.46 59.57 -43.03
CA GLN K 128 -24.49 60.61 -43.10
C GLN K 128 -24.72 61.09 -44.53
N GLY K 129 -23.71 60.99 -45.39
CA GLY K 129 -23.85 61.30 -46.81
C GLY K 129 -24.12 62.78 -47.12
N SER K 130 -24.48 63.00 -48.39
CA SER K 130 -24.72 64.35 -48.90
C SER K 130 -25.89 65.04 -48.21
N TYR K 131 -26.78 64.29 -47.57
CA TYR K 131 -28.00 64.85 -46.99
C TYR K 131 -27.96 64.95 -45.47
N GLY K 132 -26.83 64.64 -44.84
CA GLY K 132 -26.73 64.74 -43.39
C GLY K 132 -27.64 63.81 -42.63
N PHE K 133 -27.76 62.56 -43.09
CA PHE K 133 -28.73 61.62 -42.55
C PHE K 133 -28.32 61.16 -41.14
N ARG K 134 -29.30 61.12 -40.24
CA ARG K 134 -29.12 60.68 -38.86
C ARG K 134 -30.46 60.20 -38.29
N LEU K 135 -30.41 59.45 -37.19
CA LEU K 135 -31.59 58.83 -36.61
C LEU K 135 -31.96 59.43 -35.26
N GLY K 136 -33.27 59.53 -34.99
CA GLY K 136 -33.77 59.96 -33.70
C GLY K 136 -34.88 59.04 -33.21
N PHE K 137 -35.21 59.16 -31.93
CA PHE K 137 -36.15 58.26 -31.28
C PHE K 137 -36.93 59.01 -30.20
N LEU K 138 -38.13 58.51 -29.89
CA LEU K 138 -39.02 59.19 -28.94
C LEU K 138 -38.51 59.08 -27.51
N HIS K 139 -38.87 60.08 -26.70
CA HIS K 139 -38.48 60.17 -25.29
C HIS K 139 -39.44 59.41 -24.37
N SER K 140 -39.85 58.20 -24.75
CA SER K 140 -40.74 57.39 -23.92
C SER K 140 -40.07 57.04 -22.60
N GLY K 141 -40.90 56.84 -21.57
CA GLY K 141 -40.41 56.50 -20.24
C GLY K 141 -39.97 55.05 -20.09
N THR K 142 -39.88 54.57 -18.84
CA THR K 142 -39.44 53.21 -18.54
C THR K 142 -40.44 52.48 -17.64
N ALA K 143 -41.73 52.74 -17.82
CA ALA K 143 -42.75 52.13 -16.99
C ALA K 143 -42.96 50.66 -17.37
N LYS K 144 -43.70 49.95 -16.52
CA LYS K 144 -43.91 48.51 -16.74
C LYS K 144 -44.76 48.25 -17.97
N SER K 145 -45.73 49.14 -18.25
CA SER K 145 -46.69 48.94 -19.32
C SER K 145 -46.23 49.53 -20.66
N VAL K 146 -44.95 49.89 -20.79
CA VAL K 146 -44.47 50.56 -22.01
C VAL K 146 -44.21 49.53 -23.10
N THR K 147 -44.56 49.89 -24.34
CA THR K 147 -44.38 49.00 -25.48
C THR K 147 -43.08 49.25 -26.24
N CYS K 148 -42.62 50.51 -26.32
CA CYS K 148 -41.37 50.84 -26.98
C CYS K 148 -40.68 51.99 -26.24
N THR K 149 -39.36 51.88 -26.07
CA THR K 149 -38.55 52.92 -25.46
C THR K 149 -37.10 52.78 -25.94
N TYR K 150 -36.39 53.91 -26.03
CA TYR K 150 -35.05 53.97 -26.59
C TYR K 150 -34.05 54.53 -25.59
N SER K 151 -32.82 54.02 -25.65
CA SER K 151 -31.74 54.47 -24.76
C SER K 151 -30.63 55.14 -25.58
N PRO K 152 -30.42 56.44 -25.44
CA PRO K 152 -29.26 57.07 -26.10
C PRO K 152 -27.93 56.60 -25.56
N ALA K 153 -27.86 56.31 -24.25
CA ALA K 153 -26.61 55.88 -23.63
C ALA K 153 -26.10 54.58 -24.21
N LEU K 154 -27.01 53.72 -24.68
CA LEU K 154 -26.67 52.42 -25.23
C LEU K 154 -26.83 52.36 -26.75
N ASN K 155 -27.38 53.41 -27.36
CA ASN K 155 -27.84 53.39 -28.76
C ASN K 155 -28.68 52.14 -29.05
N LYS K 156 -29.70 51.93 -28.24
CA LYS K 156 -30.43 50.66 -28.22
C LYS K 156 -31.92 50.90 -28.04
N MET K 157 -32.73 50.20 -28.85
CA MET K 157 -34.18 50.24 -28.73
C MET K 157 -34.68 49.00 -27.99
N PHE K 158 -35.59 49.22 -27.04
CA PHE K 158 -36.24 48.16 -26.28
C PHE K 158 -37.71 48.17 -26.66
N CYS K 159 -38.24 47.03 -27.12
CA CYS K 159 -39.62 47.01 -27.60
C CYS K 159 -40.21 45.61 -27.43
N GLN K 160 -41.53 45.53 -27.62
CA GLN K 160 -42.26 44.28 -27.53
C GLN K 160 -42.45 43.68 -28.92
N LEU K 161 -42.91 42.44 -28.95
CA LEU K 161 -43.20 41.76 -30.20
C LEU K 161 -44.47 42.35 -30.82
N ALA K 162 -44.39 42.71 -32.10
CA ALA K 162 -45.52 43.17 -32.91
C ALA K 162 -46.05 44.56 -32.56
N LYS K 163 -45.41 45.27 -31.65
CA LYS K 163 -45.87 46.60 -31.25
C LYS K 163 -45.19 47.68 -32.08
N THR K 164 -45.71 48.91 -31.96
CA THR K 164 -45.25 50.04 -32.77
C THR K 164 -43.88 50.54 -32.32
N CYS K 165 -42.95 50.70 -33.26
CA CYS K 165 -41.60 51.21 -32.99
C CYS K 165 -41.33 52.42 -33.86
N PRO K 166 -41.51 53.64 -33.34
CA PRO K 166 -41.23 54.84 -34.14
C PRO K 166 -39.74 55.12 -34.23
N VAL K 167 -39.23 55.20 -35.46
CA VAL K 167 -37.86 55.63 -35.74
C VAL K 167 -37.94 56.93 -36.55
N GLN K 168 -37.20 57.95 -36.10
CA GLN K 168 -37.18 59.25 -36.77
C GLN K 168 -36.01 59.33 -37.74
N LEU K 169 -36.29 59.74 -38.98
CA LEU K 169 -35.26 60.03 -39.97
C LEU K 169 -35.00 61.54 -39.96
N TRP K 170 -33.75 61.93 -39.70
CA TRP K 170 -33.33 63.32 -39.71
C TRP K 170 -32.34 63.55 -40.85
N VAL K 171 -32.43 64.72 -41.50
CA VAL K 171 -31.55 65.11 -42.58
C VAL K 171 -31.27 66.61 -42.51
N ASP K 172 -30.12 67.02 -43.06
CA ASP K 172 -29.79 68.44 -43.19
C ASP K 172 -30.39 69.06 -44.45
N SER K 173 -30.68 68.25 -45.48
CA SER K 173 -31.34 68.72 -46.70
C SER K 173 -32.16 67.57 -47.29
N THR K 174 -33.17 67.92 -48.07
CA THR K 174 -34.19 66.94 -48.53
C THR K 174 -33.67 66.08 -49.68
N PRO K 175 -33.73 64.75 -49.57
CA PRO K 175 -33.29 63.90 -50.68
C PRO K 175 -34.25 64.01 -51.85
N PRO K 176 -33.81 63.61 -53.06
CA PRO K 176 -34.66 63.72 -54.26
C PRO K 176 -35.89 62.83 -54.18
N PRO K 177 -36.92 63.12 -54.99
CA PRO K 177 -38.08 62.21 -55.03
C PRO K 177 -37.69 60.87 -55.62
N GLY K 178 -38.40 59.82 -55.15
CA GLY K 178 -38.01 58.47 -55.47
C GLY K 178 -37.00 57.86 -54.52
N THR K 179 -36.51 58.63 -53.54
CA THR K 179 -35.67 58.07 -52.49
C THR K 179 -36.47 57.10 -51.64
N ARG K 180 -35.81 56.03 -51.19
CA ARG K 180 -36.45 55.00 -50.37
C ARG K 180 -35.65 54.75 -49.10
N VAL K 181 -36.32 54.16 -48.10
CA VAL K 181 -35.72 53.83 -46.81
C VAL K 181 -35.88 52.34 -46.58
N ARG K 182 -34.76 51.66 -46.28
CA ARG K 182 -34.73 50.21 -46.08
C ARG K 182 -34.26 49.90 -44.66
N ALA K 183 -34.88 48.91 -44.05
CA ALA K 183 -34.44 48.36 -42.77
C ALA K 183 -34.05 46.89 -42.94
N MET K 184 -32.92 46.51 -42.34
CA MET K 184 -32.42 45.15 -42.37
C MET K 184 -31.79 44.83 -41.01
N ALA K 185 -31.91 43.58 -40.58
CA ALA K 185 -31.33 43.14 -39.32
C ALA K 185 -30.14 42.21 -39.56
N ILE K 186 -29.08 42.40 -38.78
CA ILE K 186 -27.95 41.48 -38.72
C ILE K 186 -27.59 41.23 -37.26
N TYR K 187 -26.93 40.11 -37.02
CA TYR K 187 -26.43 39.81 -35.69
C TYR K 187 -25.22 40.69 -35.37
N LYS K 188 -25.14 41.15 -34.12
CA LYS K 188 -24.09 42.09 -33.72
C LYS K 188 -22.74 41.40 -33.60
N GLN K 189 -22.71 40.15 -33.12
CA GLN K 189 -21.46 39.43 -32.93
C GLN K 189 -20.94 38.91 -34.28
N SER K 190 -19.64 39.10 -34.52
CA SER K 190 -19.08 38.94 -35.87
C SER K 190 -19.16 37.51 -36.40
N GLN K 191 -19.14 36.52 -35.51
CA GLN K 191 -19.21 35.13 -35.97
C GLN K 191 -20.61 34.77 -36.45
N HIS K 192 -21.64 35.43 -35.91
CA HIS K 192 -23.02 35.20 -36.33
C HIS K 192 -23.45 36.06 -37.51
N MET K 193 -22.59 36.99 -37.96
CA MET K 193 -22.99 37.95 -38.99
C MET K 193 -23.39 37.30 -40.30
N THR K 194 -22.85 36.11 -40.61
CA THR K 194 -23.23 35.45 -41.86
C THR K 194 -24.54 34.67 -41.76
N GLU K 195 -25.07 34.44 -40.56
CA GLU K 195 -26.40 33.84 -40.45
C GLU K 195 -27.47 34.89 -40.79
N VAL K 196 -28.47 34.48 -41.55
CA VAL K 196 -29.57 35.37 -41.91
C VAL K 196 -30.49 35.54 -40.71
N VAL K 197 -30.68 36.79 -40.27
CA VAL K 197 -31.67 37.06 -39.23
C VAL K 197 -33.07 36.85 -39.82
N ARG K 198 -33.82 35.93 -39.22
CA ARG K 198 -35.18 35.62 -39.64
C ARG K 198 -36.01 35.34 -38.39
N ARG K 199 -37.32 35.20 -38.60
CA ARG K 199 -38.19 34.75 -37.52
C ARG K 199 -37.89 33.31 -37.14
N CYS K 200 -38.24 32.94 -35.92
CA CYS K 200 -38.04 31.58 -35.45
C CYS K 200 -39.09 30.65 -36.06
N PRO K 201 -38.84 29.33 -36.04
CA PRO K 201 -39.79 28.39 -36.66
C PRO K 201 -41.20 28.44 -36.10
N HIS K 202 -41.39 28.85 -34.85
CA HIS K 202 -42.75 28.98 -34.32
C HIS K 202 -43.46 30.17 -34.95
N HIS K 203 -42.90 31.36 -34.80
CA HIS K 203 -43.54 32.57 -35.32
C HIS K 203 -43.63 32.55 -36.85
N GLU K 204 -42.75 31.78 -37.50
CA GLU K 204 -42.83 31.61 -38.94
C GLU K 204 -44.06 30.81 -39.35
N ARG K 205 -44.49 29.87 -38.50
CA ARG K 205 -45.66 29.04 -38.79
C ARG K 205 -46.96 29.67 -38.33
N CYS K 206 -46.92 30.57 -37.33
CA CYS K 206 -48.15 31.11 -36.77
C CYS K 206 -48.85 32.04 -37.75
N SER K 207 -50.16 32.20 -37.56
CA SER K 207 -51.04 32.83 -38.55
C SER K 207 -51.18 34.34 -38.36
N ASP K 208 -50.07 35.07 -38.27
CA ASP K 208 -50.10 36.48 -37.90
C ASP K 208 -49.72 37.44 -39.03
N SER K 209 -49.72 36.99 -40.28
CA SER K 209 -49.36 37.88 -41.38
C SER K 209 -50.46 38.91 -41.63
N ASP K 210 -50.04 40.13 -42.01
CA ASP K 210 -50.98 41.23 -42.25
C ASP K 210 -51.47 41.29 -43.69
N GLY K 211 -51.08 40.35 -44.54
CA GLY K 211 -51.41 40.38 -45.95
C GLY K 211 -50.36 41.01 -46.83
N LEU K 212 -49.41 41.75 -46.26
CA LEU K 212 -48.31 42.36 -46.99
C LEU K 212 -46.96 41.72 -46.69
N ALA K 213 -46.71 41.33 -45.44
CA ALA K 213 -45.41 40.82 -45.03
C ALA K 213 -45.35 39.30 -45.17
N PRO K 214 -44.26 38.75 -45.71
CA PRO K 214 -44.10 37.30 -45.75
C PRO K 214 -43.96 36.74 -44.34
N PRO K 215 -44.34 35.47 -44.13
CA PRO K 215 -44.38 34.93 -42.76
C PRO K 215 -43.04 34.96 -42.03
N GLN K 216 -41.92 34.89 -42.73
CA GLN K 216 -40.60 34.69 -42.13
C GLN K 216 -39.85 35.99 -41.84
N HIS K 217 -40.35 37.15 -42.28
CA HIS K 217 -39.61 38.40 -42.12
C HIS K 217 -39.69 38.92 -40.69
N LEU K 218 -38.53 39.27 -40.11
CA LEU K 218 -38.51 39.77 -38.74
C LEU K 218 -39.09 41.17 -38.63
N ILE K 219 -38.71 42.06 -39.55
CA ILE K 219 -39.08 43.47 -39.48
C ILE K 219 -40.22 43.76 -40.45
N ARG K 220 -41.28 44.39 -39.94
CA ARG K 220 -42.40 44.88 -40.75
C ARG K 220 -42.52 46.38 -40.56
N VAL K 221 -43.19 47.03 -41.52
CA VAL K 221 -43.62 48.43 -41.39
C VAL K 221 -45.14 48.45 -41.37
N GLU K 222 -45.72 49.12 -40.38
CA GLU K 222 -47.16 49.26 -40.28
C GLU K 222 -47.61 50.62 -40.83
N GLY K 223 -48.89 50.69 -41.21
CA GLY K 223 -49.52 51.92 -41.63
C GLY K 223 -49.14 52.42 -43.01
N ASN K 224 -48.34 51.68 -43.78
CA ASN K 224 -47.86 52.12 -45.09
C ASN K 224 -48.23 51.07 -46.13
N LEU K 225 -49.05 51.48 -47.11
CA LEU K 225 -49.46 50.58 -48.20
C LEU K 225 -48.39 50.42 -49.28
N ARG K 226 -47.44 51.34 -49.37
CA ARG K 226 -46.39 51.29 -50.39
C ARG K 226 -45.14 50.53 -49.91
N VAL K 227 -45.28 49.71 -48.87
CA VAL K 227 -44.17 48.92 -48.34
C VAL K 227 -43.83 47.78 -49.29
N GLU K 228 -42.56 47.38 -49.32
CA GLU K 228 -42.10 46.22 -50.08
C GLU K 228 -41.17 45.36 -49.23
N TYR K 229 -41.24 44.04 -49.43
CA TYR K 229 -40.44 43.07 -48.68
C TYR K 229 -39.59 42.26 -49.65
N LEU K 230 -38.27 42.25 -49.43
CA LEU K 230 -37.32 41.62 -50.33
C LEU K 230 -36.66 40.41 -49.66
N ASP K 231 -36.57 39.31 -50.40
CA ASP K 231 -35.75 38.15 -50.07
C ASP K 231 -34.68 38.07 -51.16
N ASP K 232 -33.47 38.53 -50.83
CA ASP K 232 -32.43 38.79 -51.83
C ASP K 232 -31.88 37.47 -52.41
N ARG K 233 -31.99 37.32 -53.74
CA ARG K 233 -31.60 36.08 -54.39
C ARG K 233 -30.10 35.79 -54.28
N ASN K 234 -29.27 36.82 -54.10
CA ASN K 234 -27.82 36.65 -54.06
C ASN K 234 -27.24 36.54 -52.66
N THR K 235 -27.90 37.16 -51.66
CA THR K 235 -27.41 37.14 -50.28
C THR K 235 -28.33 36.42 -49.31
N PHE K 236 -29.54 36.07 -49.73
CA PHE K 236 -30.56 35.42 -48.89
C PHE K 236 -31.03 36.30 -47.72
N ARG K 237 -30.71 37.59 -47.75
CA ARG K 237 -31.10 38.51 -46.69
C ARG K 237 -32.53 39.00 -46.88
N HIS K 238 -33.25 39.14 -45.76
CA HIS K 238 -34.56 39.77 -45.74
C HIS K 238 -34.41 41.26 -45.44
N SER K 239 -35.26 42.08 -46.08
CA SER K 239 -35.32 43.50 -45.75
C SER K 239 -36.69 44.06 -46.12
N VAL K 240 -37.07 45.15 -45.45
CA VAL K 240 -38.31 45.88 -45.71
C VAL K 240 -37.96 47.29 -46.17
N VAL K 241 -38.71 47.78 -47.17
CA VAL K 241 -38.44 49.07 -47.79
C VAL K 241 -39.73 49.89 -47.87
N VAL K 242 -39.62 51.21 -47.70
CA VAL K 242 -40.71 52.15 -47.95
C VAL K 242 -40.14 53.38 -48.66
N PRO K 243 -40.99 54.13 -49.37
CA PRO K 243 -40.56 55.42 -49.92
C PRO K 243 -40.21 56.40 -48.81
N TYR K 244 -39.26 57.29 -49.09
CA TYR K 244 -38.99 58.41 -48.20
C TYR K 244 -40.00 59.52 -48.45
N GLU K 245 -40.38 60.22 -47.39
CA GLU K 245 -41.21 61.40 -47.46
C GLU K 245 -40.60 62.49 -46.59
N PRO K 246 -40.62 63.76 -47.04
CA PRO K 246 -40.05 64.83 -46.22
C PRO K 246 -40.93 65.13 -45.02
N PRO K 247 -40.38 65.74 -43.97
CA PRO K 247 -41.13 65.91 -42.71
C PRO K 247 -42.38 66.76 -42.86
N GLU K 248 -43.34 66.54 -41.95
CA GLU K 248 -44.58 67.31 -41.93
C GLU K 248 -44.39 68.63 -41.19
N VAL K 249 -45.39 69.51 -41.33
CA VAL K 249 -45.33 70.84 -40.72
C VAL K 249 -45.26 70.71 -39.20
N GLY K 250 -44.22 71.30 -38.60
CA GLY K 250 -44.00 71.21 -37.18
C GLY K 250 -43.02 70.14 -36.73
N SER K 251 -42.41 69.40 -37.67
CA SER K 251 -41.41 68.39 -37.36
C SER K 251 -40.16 68.63 -38.20
N ASP K 252 -38.99 68.40 -37.58
CA ASP K 252 -37.72 68.42 -38.28
C ASP K 252 -37.31 67.03 -38.79
N CYS K 253 -38.19 66.04 -38.68
CA CYS K 253 -37.84 64.65 -38.98
C CYS K 253 -39.07 63.89 -39.48
N THR K 254 -38.81 62.78 -40.19
CA THR K 254 -39.85 61.90 -40.72
C THR K 254 -39.85 60.59 -39.92
N THR K 255 -41.04 60.12 -39.53
CA THR K 255 -41.18 58.97 -38.64
C THR K 255 -41.70 57.75 -39.39
N ILE K 256 -40.99 56.63 -39.24
CA ILE K 256 -41.42 55.32 -39.76
C ILE K 256 -41.75 54.42 -38.58
N HIS K 257 -42.86 53.70 -38.67
CA HIS K 257 -43.31 52.80 -37.61
C HIS K 257 -42.98 51.35 -37.98
N TYR K 258 -41.95 50.80 -37.36
CA TYR K 258 -41.57 49.41 -37.57
C TYR K 258 -42.24 48.51 -36.52
N ASN K 259 -42.37 47.23 -36.87
CA ASN K 259 -42.72 46.18 -35.93
C ASN K 259 -41.66 45.07 -36.02
N TYR K 260 -41.28 44.53 -34.87
CA TYR K 260 -40.38 43.38 -34.82
C TYR K 260 -41.18 42.15 -34.40
N MET K 261 -41.07 41.08 -35.17
CA MET K 261 -42.03 39.98 -35.12
C MET K 261 -41.52 38.74 -34.39
N CYS K 262 -40.40 38.85 -33.68
CA CYS K 262 -39.90 37.81 -32.78
C CYS K 262 -39.18 38.47 -31.62
N ASN K 263 -39.20 37.82 -30.46
CA ASN K 263 -38.40 38.27 -29.34
C ASN K 263 -36.93 37.96 -29.59
N SER K 264 -36.04 38.77 -29.01
CA SER K 264 -34.61 38.49 -29.12
C SER K 264 -34.26 37.10 -28.61
N SER K 265 -35.06 36.57 -27.67
CA SER K 265 -34.80 35.28 -27.06
C SER K 265 -35.34 34.10 -27.85
N CYS K 266 -36.05 34.32 -28.95
CA CYS K 266 -36.69 33.24 -29.71
C CYS K 266 -35.69 32.19 -30.14
N MET K 267 -35.87 30.95 -29.64
CA MET K 267 -34.96 29.86 -29.98
C MET K 267 -35.18 29.43 -31.42
N GLY K 268 -34.08 29.08 -32.10
CA GLY K 268 -34.13 28.82 -33.53
C GLY K 268 -34.11 30.10 -34.34
N GLY K 269 -34.59 31.18 -33.74
CA GLY K 269 -34.47 32.51 -34.31
C GLY K 269 -33.25 33.24 -33.77
N MET K 270 -33.48 34.43 -33.17
CA MET K 270 -32.35 35.25 -32.72
C MET K 270 -31.61 34.61 -31.55
N ASN K 271 -32.28 33.80 -30.73
CA ASN K 271 -31.63 32.94 -29.74
C ASN K 271 -30.79 33.73 -28.73
N ARG K 272 -31.39 34.81 -28.21
CA ARG K 272 -30.77 35.70 -27.21
C ARG K 272 -29.57 36.50 -27.73
N ARG K 273 -29.22 36.33 -29.01
CA ARG K 273 -28.13 37.09 -29.59
C ARG K 273 -28.59 38.51 -29.90
N PRO K 274 -27.80 39.54 -29.56
CA PRO K 274 -28.20 40.91 -29.90
C PRO K 274 -28.15 41.14 -31.41
N ILE K 275 -29.07 41.96 -31.91
CA ILE K 275 -29.10 42.32 -33.32
C ILE K 275 -28.90 43.82 -33.48
N LEU K 276 -28.41 44.20 -34.66
CA LEU K 276 -28.38 45.58 -35.10
C LEU K 276 -29.43 45.75 -36.19
N THR K 277 -30.29 46.76 -36.05
CA THR K 277 -31.08 47.20 -37.18
C THR K 277 -30.26 48.22 -37.96
N ILE K 278 -30.09 47.96 -39.26
CA ILE K 278 -29.40 48.86 -40.17
C ILE K 278 -30.47 49.59 -40.97
N ILE K 279 -30.45 50.92 -40.93
CA ILE K 279 -31.35 51.76 -41.72
C ILE K 279 -30.53 52.39 -42.83
N THR K 280 -30.94 52.18 -44.09
CA THR K 280 -30.27 52.78 -45.24
C THR K 280 -31.22 53.70 -45.99
N LEU K 281 -30.73 54.89 -46.32
CA LEU K 281 -31.38 55.80 -47.24
C LEU K 281 -30.84 55.50 -48.64
N GLU K 282 -31.73 55.31 -49.61
CA GLU K 282 -31.34 54.74 -50.90
C GLU K 282 -32.07 55.44 -52.05
N ASP K 283 -31.47 55.35 -53.25
CA ASP K 283 -32.08 55.90 -54.46
C ASP K 283 -32.90 54.83 -55.20
N SER K 284 -33.37 55.18 -56.40
CA SER K 284 -34.30 54.32 -57.14
C SER K 284 -33.68 52.99 -57.53
N SER K 285 -32.37 52.96 -57.78
CA SER K 285 -31.67 51.73 -58.14
C SER K 285 -31.24 50.93 -56.92
N GLY K 286 -31.41 51.47 -55.72
CA GLY K 286 -30.87 50.84 -54.53
C GLY K 286 -29.45 51.23 -54.19
N ASN K 287 -28.91 52.25 -54.85
CA ASN K 287 -27.60 52.76 -54.47
C ASN K 287 -27.70 53.51 -53.14
N LEU K 288 -26.57 53.64 -52.45
CA LEU K 288 -26.54 54.06 -51.06
C LEU K 288 -26.44 55.59 -50.96
N LEU K 289 -27.42 56.22 -50.32
CA LEU K 289 -27.41 57.65 -50.03
C LEU K 289 -27.02 57.97 -48.58
N GLY K 290 -27.28 57.06 -47.65
CA GLY K 290 -26.90 57.24 -46.26
C GLY K 290 -27.22 55.99 -45.46
N ARG K 291 -26.57 55.87 -44.29
CA ARG K 291 -26.74 54.68 -43.46
C ARG K 291 -26.52 54.99 -41.99
N ASN K 292 -27.37 54.39 -41.14
CA ASN K 292 -27.23 54.44 -39.68
C ASN K 292 -27.64 53.08 -39.10
N SER K 293 -27.35 52.87 -37.82
CA SER K 293 -27.70 51.61 -37.18
C SER K 293 -27.93 51.81 -35.68
N PHE K 294 -28.71 50.90 -35.09
CA PHE K 294 -28.96 50.88 -33.66
C PHE K 294 -29.16 49.43 -33.20
N GLU K 295 -28.78 49.15 -31.96
CA GLU K 295 -29.01 47.83 -31.39
C GLU K 295 -30.48 47.68 -31.00
N VAL K 296 -31.02 46.47 -31.15
CA VAL K 296 -32.41 46.20 -30.84
C VAL K 296 -32.53 45.03 -29.88
N ARG K 297 -33.34 45.20 -28.85
CA ARG K 297 -33.77 44.13 -27.97
C ARG K 297 -35.28 44.07 -28.03
N VAL K 298 -35.82 42.96 -28.54
CA VAL K 298 -37.26 42.70 -28.54
C VAL K 298 -37.53 41.76 -27.38
N CYS K 299 -38.43 42.16 -26.49
CA CYS K 299 -38.53 41.48 -25.20
C CYS K 299 -39.98 41.46 -24.73
N ALA K 300 -40.14 41.07 -23.48
CA ALA K 300 -41.28 41.42 -22.67
C ALA K 300 -40.75 42.28 -21.53
N CYS K 301 -41.35 43.46 -21.32
CA CYS K 301 -40.95 44.48 -20.35
C CYS K 301 -39.75 45.32 -20.79
N PRO K 302 -39.94 46.24 -21.75
CA PRO K 302 -38.84 47.11 -22.17
C PRO K 302 -38.42 48.11 -21.11
N GLY K 303 -39.35 48.55 -20.27
CA GLY K 303 -38.99 49.50 -19.22
C GLY K 303 -38.08 48.90 -18.17
N ARG K 304 -38.42 47.71 -17.68
CA ARG K 304 -37.57 46.98 -16.74
C ARG K 304 -36.18 46.76 -17.33
N ASP K 305 -36.13 46.33 -18.60
CA ASP K 305 -34.87 45.94 -19.20
C ASP K 305 -34.00 47.16 -19.49
N ARG K 306 -34.58 48.24 -20.02
CA ARG K 306 -33.81 49.47 -20.27
C ARG K 306 -33.20 50.00 -18.98
N ARG K 307 -34.02 50.09 -17.92
CA ARG K 307 -33.50 50.56 -16.64
C ARG K 307 -32.38 49.66 -16.12
N THR K 308 -32.54 48.34 -16.25
CA THR K 308 -31.51 47.42 -15.77
C THR K 308 -30.19 47.63 -16.50
N GLU K 309 -30.23 47.70 -17.84
CA GLU K 309 -29.00 47.89 -18.61
C GLU K 309 -28.39 49.27 -18.34
N GLU K 310 -29.23 50.28 -18.10
CA GLU K 310 -28.72 51.62 -17.81
C GLU K 310 -28.20 51.74 -16.37
N GLU K 311 -28.79 50.99 -15.43
CA GLU K 311 -28.26 50.95 -14.07
C GLU K 311 -26.93 50.21 -14.02
N ASN K 312 -26.82 49.10 -14.75
CA ASN K 312 -25.57 48.35 -14.80
C ASN K 312 -24.44 49.16 -15.43
N LEU K 313 -24.76 50.23 -16.15
CA LEU K 313 -23.74 51.12 -16.70
C LEU K 313 -22.97 51.88 -15.64
N ARG K 314 -23.48 51.91 -14.39
CA ARG K 314 -22.77 52.51 -13.26
C ARG K 314 -22.10 51.48 -12.37
N LYS K 315 -22.23 50.19 -12.70
CA LYS K 315 -21.72 49.11 -11.85
C LYS K 315 -20.39 48.55 -12.36
N PRO L 116 -52.00 20.13 -34.90
CA PRO L 116 -53.43 19.89 -35.16
C PRO L 116 -54.16 19.32 -33.94
N LEU L 117 -55.46 19.09 -34.08
CA LEU L 117 -56.30 18.58 -33.00
C LEU L 117 -56.69 17.14 -33.28
N SER L 118 -56.73 16.33 -32.22
CA SER L 118 -57.13 14.93 -32.31
C SER L 118 -58.64 14.80 -32.29
N SER L 119 -59.13 13.67 -32.84
CA SER L 119 -60.55 13.36 -32.80
C SER L 119 -61.03 12.91 -31.42
N SER L 120 -60.11 12.57 -30.52
CA SER L 120 -60.48 11.94 -29.25
C SER L 120 -59.45 12.26 -28.18
N VAL L 121 -59.81 11.97 -26.94
CA VAL L 121 -58.93 12.15 -25.77
C VAL L 121 -58.63 10.77 -25.19
N PRO L 122 -57.36 10.40 -25.04
CA PRO L 122 -57.04 9.13 -24.37
C PRO L 122 -57.51 9.12 -22.93
N SER L 123 -58.02 7.96 -22.49
CA SER L 123 -58.38 7.80 -21.09
C SER L 123 -57.14 7.83 -20.22
N GLN L 124 -57.19 8.59 -19.13
CA GLN L 124 -56.10 8.70 -18.18
C GLN L 124 -56.33 7.91 -16.90
N LYS L 125 -57.44 7.18 -16.81
CA LYS L 125 -57.85 6.53 -15.57
C LYS L 125 -56.86 5.41 -15.18
N THR L 126 -56.42 5.42 -13.92
CA THR L 126 -55.51 4.40 -13.43
C THR L 126 -56.19 3.03 -13.41
N TYR L 127 -55.46 2.01 -13.87
CA TYR L 127 -56.02 0.67 -14.03
C TYR L 127 -54.88 -0.34 -13.85
N GLN L 128 -54.85 -1.02 -12.71
CA GLN L 128 -53.77 -1.96 -12.39
C GLN L 128 -53.91 -3.29 -13.12
N GLY L 129 -55.12 -3.68 -13.53
CA GLY L 129 -55.34 -4.86 -14.34
C GLY L 129 -55.01 -6.18 -13.65
N SER L 130 -54.89 -7.23 -14.47
CA SER L 130 -54.64 -8.57 -13.96
C SER L 130 -53.26 -8.73 -13.35
N TYR L 131 -52.30 -7.91 -13.80
CA TYR L 131 -50.90 -8.06 -13.40
C TYR L 131 -50.48 -7.09 -12.30
N GLY L 132 -51.41 -6.33 -11.73
CA GLY L 132 -51.08 -5.40 -10.66
C GLY L 132 -50.14 -4.28 -11.07
N PHE L 133 -50.33 -3.75 -12.28
CA PHE L 133 -49.39 -2.80 -12.88
C PHE L 133 -49.40 -1.47 -12.12
N ARG L 134 -48.20 -0.97 -11.80
CA ARG L 134 -48.01 0.29 -11.09
C ARG L 134 -46.72 0.95 -11.57
N LEU L 135 -46.59 2.25 -11.29
CA LEU L 135 -45.38 3.00 -11.63
C LEU L 135 -44.62 3.40 -10.37
N GLY L 136 -43.29 3.38 -10.47
CA GLY L 136 -42.44 3.90 -9.43
C GLY L 136 -41.37 4.83 -9.99
N PHE L 137 -40.77 5.60 -9.10
CA PHE L 137 -39.81 6.64 -9.49
C PHE L 137 -38.70 6.72 -8.43
N LEU L 138 -37.53 7.19 -8.85
CA LEU L 138 -36.37 7.22 -7.95
C LEU L 138 -36.49 8.34 -6.92
N HIS L 139 -35.81 8.14 -5.79
CA HIS L 139 -35.78 9.11 -4.70
C HIS L 139 -34.70 10.18 -4.87
N SER L 140 -34.57 10.74 -6.08
CA SER L 140 -33.61 11.80 -6.33
C SER L 140 -33.95 13.03 -5.50
N GLY L 141 -32.91 13.77 -5.11
CA GLY L 141 -33.09 14.98 -4.32
C GLY L 141 -33.57 16.17 -5.14
N THR L 142 -33.33 17.38 -4.62
CA THR L 142 -33.74 18.60 -5.32
C THR L 142 -32.57 19.58 -5.46
N ALA L 143 -31.36 19.06 -5.67
CA ALA L 143 -30.25 19.88 -6.13
C ALA L 143 -30.67 20.63 -7.39
N LYS L 144 -30.22 21.88 -7.51
CA LYS L 144 -30.72 22.83 -8.51
C LYS L 144 -30.95 22.19 -9.87
N SER L 145 -29.94 21.52 -10.41
CA SER L 145 -29.95 21.00 -11.77
C SER L 145 -29.91 19.48 -11.82
N VAL L 146 -30.53 18.80 -10.85
CA VAL L 146 -30.66 17.35 -10.90
C VAL L 146 -31.38 16.97 -12.18
N THR L 147 -30.84 15.98 -12.91
CA THR L 147 -31.30 15.70 -14.26
C THR L 147 -32.77 15.29 -14.29
N CYS L 148 -33.20 14.52 -13.30
CA CYS L 148 -34.59 14.09 -13.18
C CYS L 148 -34.92 13.88 -11.71
N THR L 149 -36.10 14.34 -11.28
CA THR L 149 -36.58 14.15 -9.92
C THR L 149 -38.11 14.08 -9.94
N TYR L 150 -38.68 13.34 -8.99
CA TYR L 150 -40.12 13.07 -8.95
C TYR L 150 -40.72 13.47 -7.62
N SER L 151 -41.95 13.99 -7.66
CA SER L 151 -42.66 14.46 -6.49
C SER L 151 -43.89 13.60 -6.22
N PRO L 152 -43.92 12.82 -5.13
CA PRO L 152 -45.16 12.09 -4.78
C PRO L 152 -46.30 13.02 -4.39
N ALA L 153 -46.00 14.16 -3.76
CA ALA L 153 -47.04 15.09 -3.33
C ALA L 153 -47.81 15.65 -4.52
N LEU L 154 -47.16 15.76 -5.67
CA LEU L 154 -47.77 16.30 -6.89
C LEU L 154 -48.04 15.24 -7.95
N ASN L 155 -47.59 14.00 -7.73
CA ASN L 155 -47.52 12.97 -8.76
C ASN L 155 -46.91 13.51 -10.06
N LYS L 156 -45.73 14.12 -9.92
CA LYS L 156 -45.17 14.94 -11.00
C LYS L 156 -43.68 14.68 -11.15
N MET L 157 -43.25 14.48 -12.41
CA MET L 157 -41.83 14.39 -12.75
C MET L 157 -41.32 15.75 -13.18
N PHE L 158 -40.10 16.07 -12.74
CA PHE L 158 -39.36 17.25 -13.17
C PHE L 158 -38.07 16.77 -13.81
N CYS L 159 -37.81 17.18 -15.05
CA CYS L 159 -36.66 16.64 -15.80
C CYS L 159 -36.15 17.65 -16.82
N GLN L 160 -34.89 17.47 -17.22
CA GLN L 160 -34.28 18.31 -18.26
C GLN L 160 -34.58 17.73 -19.65
N LEU L 161 -34.43 18.60 -20.66
CA LEU L 161 -34.69 18.19 -22.04
C LEU L 161 -33.66 17.15 -22.49
N ALA L 162 -34.14 16.08 -23.12
CA ALA L 162 -33.33 15.00 -23.69
C ALA L 162 -32.56 14.16 -22.68
N LYS L 163 -32.75 14.41 -21.39
CA LYS L 163 -32.02 13.66 -20.38
C LYS L 163 -32.79 12.41 -19.95
N THR L 164 -32.06 11.49 -19.31
CA THR L 164 -32.60 10.20 -18.90
C THR L 164 -33.66 10.39 -17.82
N CYS L 165 -34.84 9.80 -18.04
CA CYS L 165 -35.96 9.83 -17.08
C CYS L 165 -36.33 8.40 -16.74
N PRO L 166 -35.80 7.85 -15.64
CA PRO L 166 -36.12 6.47 -15.25
C PRO L 166 -37.56 6.38 -14.74
N VAL L 167 -38.32 5.45 -15.32
CA VAL L 167 -39.65 5.11 -14.84
C VAL L 167 -39.66 3.62 -14.54
N GLN L 168 -40.03 3.26 -13.32
CA GLN L 168 -40.08 1.86 -12.89
C GLN L 168 -41.45 1.28 -13.16
N LEU L 169 -41.47 0.06 -13.67
CA LEU L 169 -42.70 -0.72 -13.88
C LEU L 169 -42.78 -1.78 -12.80
N TRP L 170 -43.85 -1.75 -12.02
CA TRP L 170 -44.09 -2.71 -10.94
C TRP L 170 -45.29 -3.58 -11.30
N VAL L 171 -45.17 -4.89 -11.05
CA VAL L 171 -46.24 -5.85 -11.31
C VAL L 171 -46.28 -6.88 -10.19
N ASP L 172 -47.48 -7.41 -9.92
CA ASP L 172 -47.65 -8.50 -8.96
C ASP L 172 -47.37 -9.87 -9.58
N SER L 173 -47.49 -10.00 -10.91
CA SER L 173 -47.15 -11.22 -11.63
C SER L 173 -46.66 -10.88 -13.03
N THR L 174 -45.89 -11.77 -13.62
CA THR L 174 -45.18 -11.49 -14.88
C THR L 174 -46.12 -11.57 -16.09
N PRO L 175 -46.22 -10.52 -16.91
CA PRO L 175 -47.08 -10.59 -18.09
C PRO L 175 -46.51 -11.53 -19.13
N PRO L 176 -47.33 -11.99 -20.07
CA PRO L 176 -46.86 -12.98 -21.04
C PRO L 176 -45.79 -12.41 -21.95
N PRO L 177 -44.99 -13.27 -22.59
CA PRO L 177 -44.04 -12.80 -23.60
C PRO L 177 -44.78 -12.21 -24.80
N GLY L 178 -44.22 -11.15 -25.37
CA GLY L 178 -44.90 -10.36 -26.37
C GLY L 178 -45.65 -9.17 -25.82
N THR L 179 -45.74 -9.03 -24.50
CA THR L 179 -46.30 -7.84 -23.88
C THR L 179 -45.43 -6.62 -24.22
N ARG L 180 -46.07 -5.46 -24.38
CA ARG L 180 -45.38 -4.22 -24.72
C ARG L 180 -45.80 -3.09 -23.79
N VAL L 181 -44.93 -2.09 -23.65
CA VAL L 181 -45.17 -0.91 -22.83
C VAL L 181 -45.17 0.32 -23.74
N ARG L 182 -46.25 1.09 -23.71
CA ARG L 182 -46.42 2.27 -24.53
C ARG L 182 -46.50 3.52 -23.67
N ALA L 183 -45.91 4.62 -24.15
CA ALA L 183 -46.00 5.92 -23.50
C ALA L 183 -46.59 6.94 -24.46
N MET L 184 -47.42 7.83 -23.92
CA MET L 184 -48.11 8.88 -24.67
C MET L 184 -48.29 10.10 -23.77
N ALA L 185 -48.40 11.28 -24.38
CA ALA L 185 -48.56 12.53 -23.63
C ALA L 185 -49.85 13.24 -24.03
N ILE L 186 -50.53 13.83 -23.04
CA ILE L 186 -51.70 14.68 -23.25
C ILE L 186 -51.57 15.90 -22.34
N TYR L 187 -52.26 16.98 -22.73
CA TYR L 187 -52.32 18.17 -21.87
C TYR L 187 -53.23 17.91 -20.67
N LYS L 188 -52.83 18.45 -19.51
CA LYS L 188 -53.59 18.22 -18.28
C LYS L 188 -54.85 19.07 -18.24
N GLN L 189 -54.80 20.29 -18.79
CA GLN L 189 -55.95 21.18 -18.78
C GLN L 189 -56.97 20.75 -19.83
N SER L 190 -58.24 20.66 -19.40
CA SER L 190 -59.30 20.08 -20.24
C SER L 190 -59.51 20.86 -21.53
N GLN L 191 -59.29 22.17 -21.50
CA GLN L 191 -59.41 23.00 -22.71
C GLN L 191 -58.44 22.54 -23.79
N HIS L 192 -57.28 22.00 -23.41
CA HIS L 192 -56.23 21.65 -24.36
C HIS L 192 -56.11 20.14 -24.61
N MET L 193 -56.96 19.32 -23.99
CA MET L 193 -56.81 17.87 -24.07
C MET L 193 -56.91 17.34 -25.50
N THR L 194 -57.63 18.05 -26.38
CA THR L 194 -57.78 17.59 -27.76
C THR L 194 -56.57 17.92 -28.64
N GLU L 195 -55.70 18.84 -28.22
CA GLU L 195 -54.51 19.13 -29.00
C GLU L 195 -53.50 18.00 -28.85
N VAL L 196 -52.90 17.59 -29.98
CA VAL L 196 -51.87 16.56 -29.95
C VAL L 196 -50.60 17.14 -29.35
N VAL L 197 -50.13 16.57 -28.25
CA VAL L 197 -48.84 16.96 -27.70
C VAL L 197 -47.75 16.51 -28.67
N ARG L 198 -47.01 17.48 -29.20
CA ARG L 198 -45.92 17.22 -30.13
C ARG L 198 -44.77 18.18 -29.81
N ARG L 199 -43.64 17.95 -30.47
CA ARG L 199 -42.52 18.88 -30.35
C ARG L 199 -42.86 20.23 -30.96
N CYS L 200 -42.21 21.27 -30.46
CA CYS L 200 -42.38 22.60 -31.00
C CYS L 200 -41.72 22.69 -32.38
N PRO L 201 -42.10 23.69 -33.19
CA PRO L 201 -41.54 23.78 -34.55
C PRO L 201 -40.03 23.90 -34.62
N HIS L 202 -39.39 24.44 -33.59
CA HIS L 202 -37.93 24.52 -33.59
C HIS L 202 -37.30 23.15 -33.42
N HIS L 203 -37.64 22.46 -32.33
CA HIS L 203 -37.05 21.15 -32.07
C HIS L 203 -37.49 20.12 -33.10
N GLU L 204 -38.63 20.34 -33.77
CA GLU L 204 -39.05 19.46 -34.85
C GLU L 204 -38.12 19.58 -36.06
N ARG L 205 -37.61 20.78 -36.33
CA ARG L 205 -36.74 21.00 -37.48
C ARG L 205 -35.29 20.63 -37.21
N CYS L 206 -34.85 20.71 -35.96
CA CYS L 206 -33.44 20.47 -35.64
C CYS L 206 -33.07 19.01 -35.90
N SER L 207 -31.78 18.79 -36.16
CA SER L 207 -31.30 17.52 -36.72
C SER L 207 -30.95 16.47 -35.66
N ASP L 208 -31.72 16.41 -34.57
CA ASP L 208 -31.32 15.62 -33.40
C ASP L 208 -31.89 14.20 -33.36
N SER L 209 -32.36 13.66 -34.49
CA SER L 209 -32.88 12.30 -34.51
C SER L 209 -31.77 11.29 -34.26
N ASP L 210 -32.06 10.29 -33.42
CA ASP L 210 -31.08 9.28 -33.01
C ASP L 210 -30.99 8.09 -33.98
N GLY L 211 -31.63 8.19 -35.15
CA GLY L 211 -31.70 7.07 -36.07
C GLY L 211 -32.85 6.12 -35.81
N LEU L 212 -33.58 6.28 -34.71
CA LEU L 212 -34.72 5.46 -34.37
C LEU L 212 -36.03 6.24 -34.28
N ALA L 213 -35.99 7.50 -33.81
CA ALA L 213 -37.16 8.31 -33.51
C ALA L 213 -37.47 9.29 -34.65
N PRO L 214 -38.76 9.51 -34.95
CA PRO L 214 -39.13 10.55 -35.89
C PRO L 214 -38.85 11.93 -35.32
N PRO L 215 -38.75 12.95 -36.18
CA PRO L 215 -38.40 14.30 -35.68
C PRO L 215 -39.44 14.91 -34.76
N GLN L 216 -40.73 14.58 -34.93
CA GLN L 216 -41.82 15.31 -34.28
C GLN L 216 -42.24 14.75 -32.93
N HIS L 217 -41.72 13.58 -32.52
CA HIS L 217 -42.21 12.91 -31.32
C HIS L 217 -41.63 13.54 -30.05
N LEU L 218 -42.49 13.78 -29.05
CA LEU L 218 -42.04 14.38 -27.80
C LEU L 218 -41.25 13.39 -26.94
N ILE L 219 -41.73 12.14 -26.84
CA ILE L 219 -41.16 11.15 -25.94
C ILE L 219 -40.37 10.12 -26.75
N ARG L 220 -39.12 9.88 -26.34
CA ARG L 220 -38.28 8.82 -26.88
C ARG L 220 -37.91 7.85 -25.75
N VAL L 221 -37.50 6.64 -26.13
CA VAL L 221 -36.89 5.69 -25.22
C VAL L 221 -35.43 5.52 -25.62
N GLU L 222 -34.52 5.72 -24.68
CA GLU L 222 -33.10 5.55 -24.97
C GLU L 222 -32.63 4.14 -24.63
N GLY L 223 -31.54 3.74 -25.26
CA GLY L 223 -30.89 2.47 -24.95
C GLY L 223 -31.48 1.22 -25.56
N ASN L 224 -32.78 1.23 -25.87
CA ASN L 224 -33.48 0.03 -26.30
C ASN L 224 -33.51 -0.07 -27.82
N LEU L 225 -32.91 -1.14 -28.36
CA LEU L 225 -32.88 -1.35 -29.81
C LEU L 225 -34.22 -1.80 -30.39
N ARG L 226 -35.13 -2.33 -29.57
CA ARG L 226 -36.40 -2.85 -30.05
C ARG L 226 -37.54 -1.85 -29.92
N VAL L 227 -37.22 -0.55 -29.88
CA VAL L 227 -38.23 0.50 -29.74
C VAL L 227 -38.98 0.69 -31.06
N GLU L 228 -40.26 1.10 -30.97
CA GLU L 228 -41.07 1.45 -32.13
C GLU L 228 -41.84 2.73 -31.85
N TYR L 229 -41.98 3.57 -32.88
CA TYR L 229 -42.66 4.86 -32.78
C TYR L 229 -43.90 4.86 -33.68
N LEU L 230 -45.04 5.24 -33.11
CA LEU L 230 -46.32 5.20 -33.80
C LEU L 230 -46.93 6.60 -33.91
N ASP L 231 -47.32 6.97 -35.13
CA ASP L 231 -48.18 8.12 -35.39
C ASP L 231 -49.55 7.55 -35.76
N ASP L 232 -50.51 7.67 -34.85
CA ASP L 232 -51.78 6.95 -34.96
C ASP L 232 -52.64 7.52 -36.09
N ARG L 233 -52.98 6.66 -37.06
CA ARG L 233 -53.70 7.08 -38.26
C ARG L 233 -55.10 7.62 -37.94
N ASN L 234 -55.72 7.15 -36.85
CA ASN L 234 -57.07 7.57 -36.50
C ASN L 234 -57.08 8.77 -35.56
N THR L 235 -56.28 8.74 -34.50
CA THR L 235 -56.30 9.78 -33.47
C THR L 235 -55.24 10.86 -33.65
N PHE L 236 -54.28 10.66 -34.56
CA PHE L 236 -53.14 11.57 -34.77
C PHE L 236 -52.21 11.66 -33.56
N ARG L 237 -52.39 10.79 -32.55
CA ARG L 237 -51.56 10.81 -31.35
C ARG L 237 -50.22 10.14 -31.61
N HIS L 238 -49.14 10.76 -31.12
CA HIS L 238 -47.83 10.13 -31.12
C HIS L 238 -47.69 9.23 -29.89
N SER L 239 -46.98 8.12 -30.05
CA SER L 239 -46.62 7.27 -28.92
C SER L 239 -45.37 6.46 -29.24
N VAL L 240 -44.67 6.05 -28.18
CA VAL L 240 -43.47 5.21 -28.28
C VAL L 240 -43.73 3.91 -27.52
N VAL L 241 -43.26 2.79 -28.08
CA VAL L 241 -43.53 1.45 -27.54
C VAL L 241 -42.24 0.65 -27.46
N VAL L 242 -42.11 -0.17 -26.42
CA VAL L 242 -41.04 -1.16 -26.29
C VAL L 242 -41.62 -2.49 -25.81
N PRO L 243 -40.97 -3.61 -26.10
CA PRO L 243 -41.36 -4.87 -25.44
C PRO L 243 -41.15 -4.79 -23.94
N TYR L 244 -42.01 -5.48 -23.19
CA TYR L 244 -41.81 -5.61 -21.76
C TYR L 244 -40.76 -6.69 -21.47
N GLU L 245 -40.01 -6.49 -20.38
CA GLU L 245 -39.02 -7.45 -19.89
C GLU L 245 -39.17 -7.58 -18.39
N PRO L 246 -39.13 -8.80 -17.84
CA PRO L 246 -39.27 -8.97 -16.39
C PRO L 246 -37.97 -8.68 -15.66
N PRO L 247 -38.04 -8.33 -14.38
CA PRO L 247 -36.80 -8.18 -13.59
C PRO L 247 -36.22 -9.53 -13.20
N GLU L 248 -34.96 -9.51 -12.78
CA GLU L 248 -34.34 -10.68 -12.18
C GLU L 248 -35.01 -10.99 -10.84
N VAL L 249 -35.07 -12.28 -10.49
CA VAL L 249 -36.04 -12.81 -9.52
C VAL L 249 -36.02 -12.14 -8.14
N GLY L 250 -34.92 -11.51 -7.76
CA GLY L 250 -34.83 -10.78 -6.50
C GLY L 250 -34.96 -9.29 -6.61
N SER L 251 -35.23 -8.76 -7.80
CA SER L 251 -35.51 -7.36 -8.03
C SER L 251 -36.99 -7.20 -8.33
N ASP L 252 -37.60 -6.13 -7.83
CA ASP L 252 -39.05 -6.03 -7.81
C ASP L 252 -39.65 -5.25 -8.97
N CYS L 253 -38.83 -4.68 -9.87
CA CYS L 253 -39.35 -3.79 -10.91
C CYS L 253 -38.41 -3.70 -12.11
N THR L 254 -38.98 -3.31 -13.25
CA THR L 254 -38.25 -3.09 -14.50
C THR L 254 -38.20 -1.58 -14.79
N THR L 255 -37.02 -1.07 -15.14
CA THR L 255 -36.85 0.36 -15.38
C THR L 255 -36.73 0.65 -16.87
N ILE L 256 -37.59 1.55 -17.37
CA ILE L 256 -37.51 2.10 -18.71
C ILE L 256 -36.97 3.52 -18.60
N HIS L 257 -36.17 3.94 -19.58
CA HIS L 257 -35.51 5.24 -19.56
C HIS L 257 -36.05 6.10 -20.71
N TYR L 258 -36.95 7.02 -20.39
CA TYR L 258 -37.53 7.91 -21.38
C TYR L 258 -36.70 9.18 -21.53
N ASN L 259 -36.87 9.85 -22.66
CA ASN L 259 -36.36 11.19 -22.90
C ASN L 259 -37.50 12.07 -23.37
N TYR L 260 -37.57 13.31 -22.86
CA TYR L 260 -38.55 14.29 -23.29
C TYR L 260 -37.84 15.37 -24.10
N MET L 261 -38.28 15.57 -25.35
CA MET L 261 -37.49 16.27 -26.35
C MET L 261 -37.89 17.73 -26.55
N CYS L 262 -38.66 18.30 -25.63
CA CYS L 262 -38.98 19.72 -25.59
C CYS L 262 -39.20 20.14 -24.15
N ASN L 263 -38.92 21.41 -23.85
CA ASN L 263 -39.27 21.95 -22.54
C ASN L 263 -40.77 22.24 -22.48
N SER L 264 -41.33 22.21 -21.26
CA SER L 264 -42.73 22.55 -21.08
C SER L 264 -43.03 23.96 -21.57
N SER L 265 -42.03 24.85 -21.52
CA SER L 265 -42.17 26.24 -21.92
C SER L 265 -42.02 26.47 -23.43
N CYS L 266 -41.75 25.42 -24.22
CA CYS L 266 -41.55 25.58 -25.66
C CYS L 266 -42.78 26.17 -26.34
N MET L 267 -42.64 27.37 -26.92
CA MET L 267 -43.75 28.03 -27.58
C MET L 267 -44.09 27.32 -28.89
N GLY L 268 -45.38 27.28 -29.22
CA GLY L 268 -45.84 26.51 -30.36
C GLY L 268 -45.96 25.04 -30.04
N GLY L 269 -45.17 24.58 -29.08
CA GLY L 269 -45.32 23.26 -28.50
C GLY L 269 -46.17 23.30 -27.25
N MET L 270 -45.62 22.81 -26.13
CA MET L 270 -46.42 22.72 -24.90
C MET L 270 -46.81 24.09 -24.34
N ASN L 271 -46.03 25.14 -24.59
CA ASN L 271 -46.42 26.53 -24.33
C ASN L 271 -46.80 26.75 -22.85
N ARG L 272 -45.94 26.24 -21.95
CA ARG L 272 -46.11 26.32 -20.51
C ARG L 272 -47.31 25.55 -19.96
N ARG L 273 -48.05 24.85 -20.83
CA ARG L 273 -49.18 24.05 -20.38
C ARG L 273 -48.68 22.73 -19.80
N PRO L 274 -49.14 22.33 -18.61
CA PRO L 274 -48.71 21.04 -18.04
C PRO L 274 -49.24 19.87 -18.86
N ILE L 275 -48.46 18.79 -18.89
CA ILE L 275 -48.86 17.56 -19.58
C ILE L 275 -48.90 16.41 -18.58
N LEU L 276 -49.69 15.40 -18.93
CA LEU L 276 -49.65 14.10 -18.27
C LEU L 276 -49.02 13.10 -19.23
N THR L 277 -48.03 12.37 -18.75
CA THR L 277 -47.59 11.17 -19.47
C THR L 277 -48.46 10.00 -19.04
N ILE L 278 -49.00 9.28 -20.02
CA ILE L 278 -49.80 8.09 -19.79
C ILE L 278 -48.99 6.88 -20.23
N ILE L 279 -48.83 5.91 -19.33
CA ILE L 279 -48.13 4.67 -19.60
C ILE L 279 -49.15 3.54 -19.62
N THR L 280 -49.13 2.75 -20.70
CA THR L 280 -50.06 1.63 -20.87
C THR L 280 -49.32 0.34 -21.17
N LEU L 281 -49.63 -0.70 -20.39
CA LEU L 281 -49.19 -2.06 -20.69
C LEU L 281 -50.16 -2.69 -21.68
N GLU L 282 -49.61 -3.40 -22.68
CA GLU L 282 -50.40 -3.93 -23.78
C GLU L 282 -49.94 -5.32 -24.16
N ASP L 283 -50.85 -6.11 -24.76
CA ASP L 283 -50.48 -7.41 -25.30
C ASP L 283 -49.84 -7.24 -26.69
N SER L 284 -49.52 -8.36 -27.34
CA SER L 284 -48.87 -8.33 -28.65
C SER L 284 -49.77 -7.79 -29.75
N SER L 285 -51.08 -7.65 -29.51
CA SER L 285 -52.00 -7.04 -30.45
C SER L 285 -52.31 -5.58 -30.12
N GLY L 286 -51.86 -5.09 -28.97
CA GLY L 286 -52.15 -3.74 -28.55
C GLY L 286 -53.36 -3.58 -27.64
N ASN L 287 -53.90 -4.68 -27.11
CA ASN L 287 -55.03 -4.60 -26.19
C ASN L 287 -54.56 -4.15 -24.81
N LEU L 288 -55.43 -3.42 -24.11
CA LEU L 288 -55.06 -2.76 -22.86
C LEU L 288 -54.95 -3.77 -21.72
N LEU L 289 -53.77 -3.87 -21.11
CA LEU L 289 -53.54 -4.71 -19.95
C LEU L 289 -53.42 -3.94 -18.64
N GLY L 290 -53.00 -2.67 -18.70
CA GLY L 290 -52.92 -1.81 -17.53
C GLY L 290 -52.55 -0.40 -17.92
N ARG L 291 -52.86 0.56 -17.04
CA ARG L 291 -52.62 1.97 -17.35
C ARG L 291 -52.33 2.79 -16.08
N ASN L 292 -51.37 3.71 -16.18
CA ASN L 292 -51.01 4.65 -15.13
C ASN L 292 -50.62 5.98 -15.77
N SER L 293 -50.49 7.03 -14.95
CA SER L 293 -50.14 8.35 -15.46
C SER L 293 -49.46 9.21 -14.39
N PHE L 294 -48.69 10.20 -14.86
CA PHE L 294 -48.02 11.17 -14.01
C PHE L 294 -47.86 12.49 -14.77
N GLU L 295 -47.90 13.60 -14.03
CA GLU L 295 -47.67 14.91 -14.61
C GLU L 295 -46.18 15.11 -14.89
N VAL L 296 -45.86 15.85 -15.95
CA VAL L 296 -44.48 16.07 -16.36
C VAL L 296 -44.22 17.54 -16.57
N ARG L 297 -43.12 18.03 -16.00
CA ARG L 297 -42.54 19.33 -16.34
C ARG L 297 -41.13 19.09 -16.86
N VAL L 298 -40.82 19.64 -18.03
CA VAL L 298 -39.49 19.54 -18.64
C VAL L 298 -38.84 20.92 -18.57
N CYS L 299 -37.74 21.03 -17.84
CA CYS L 299 -37.19 22.34 -17.49
C CYS L 299 -35.69 22.23 -17.21
N ALA L 300 -35.02 23.40 -17.19
CA ALA L 300 -33.57 23.44 -17.06
C ALA L 300 -33.09 23.17 -15.64
N CYS L 301 -33.92 23.46 -14.63
CA CYS L 301 -33.54 23.30 -13.22
C CYS L 301 -34.61 22.51 -12.47
N PRO L 302 -34.66 21.19 -12.68
CA PRO L 302 -35.73 20.38 -12.05
C PRO L 302 -35.79 20.46 -10.53
N GLY L 303 -34.64 20.61 -9.86
CA GLY L 303 -34.66 20.65 -8.40
C GLY L 303 -35.25 21.94 -7.86
N ARG L 304 -34.81 23.08 -8.41
CA ARG L 304 -35.36 24.38 -8.02
C ARG L 304 -36.86 24.43 -8.27
N ASP L 305 -37.29 23.90 -9.42
CA ASP L 305 -38.69 23.99 -9.80
C ASP L 305 -39.56 23.05 -8.95
N ARG L 306 -39.06 21.85 -8.67
CA ARG L 306 -39.82 20.93 -7.80
C ARG L 306 -40.04 21.53 -6.41
N ARG L 307 -38.97 22.10 -5.82
CA ARG L 307 -39.13 22.78 -4.53
C ARG L 307 -40.12 23.92 -4.62
N THR L 308 -40.09 24.68 -5.73
CA THR L 308 -41.00 25.81 -5.89
C THR L 308 -42.46 25.35 -5.92
N GLU L 309 -42.75 24.28 -6.67
CA GLU L 309 -44.14 23.83 -6.75
C GLU L 309 -44.59 23.13 -5.46
N GLU L 310 -43.68 22.44 -4.77
CA GLU L 310 -44.03 21.85 -3.48
C GLU L 310 -44.21 22.92 -2.39
N GLU L 311 -43.52 24.06 -2.52
CA GLU L 311 -43.75 25.17 -1.60
C GLU L 311 -45.09 25.86 -1.88
N ASN L 312 -45.42 26.05 -3.17
CA ASN L 312 -46.69 26.67 -3.53
C ASN L 312 -47.90 25.83 -3.10
N LEU L 313 -47.69 24.55 -2.81
CA LEU L 313 -48.76 23.69 -2.31
C LEU L 313 -49.26 24.13 -0.94
N ARG L 314 -48.46 24.90 -0.20
CA ARG L 314 -48.87 25.48 1.08
C ARG L 314 -49.43 26.88 0.95
N LYS L 315 -49.38 27.48 -0.23
CA LYS L 315 -49.79 28.87 -0.43
C LYS L 315 -51.21 28.99 -0.98
N PRO M 116 0.01 9.30 -38.12
CA PRO M 116 1.27 8.99 -38.83
C PRO M 116 2.25 10.16 -38.78
N LEU M 117 3.42 9.98 -39.40
CA LEU M 117 4.46 10.99 -39.40
C LEU M 117 4.60 11.62 -40.78
N SER M 118 4.80 12.94 -40.80
CA SER M 118 5.00 13.68 -42.04
C SER M 118 6.44 13.56 -42.53
N SER M 119 6.63 13.84 -43.82
CA SER M 119 7.97 13.87 -44.40
C SER M 119 8.72 15.15 -44.04
N SER M 120 8.05 16.15 -43.49
CA SER M 120 8.66 17.47 -43.31
C SER M 120 7.97 18.22 -42.17
N VAL M 121 8.60 19.31 -41.74
CA VAL M 121 8.07 20.23 -40.74
C VAL M 121 7.84 21.57 -41.42
N PRO M 122 6.63 22.14 -41.35
CA PRO M 122 6.41 23.49 -41.90
C PRO M 122 7.25 24.53 -41.18
N SER M 123 7.73 25.52 -41.93
CA SER M 123 8.46 26.63 -41.33
C SER M 123 7.53 27.45 -40.45
N GLN M 124 7.99 27.78 -39.24
CA GLN M 124 7.26 28.63 -38.32
C GLN M 124 7.80 30.06 -38.28
N LYS M 125 8.75 30.40 -39.15
CA LYS M 125 9.44 31.69 -39.09
C LYS M 125 8.48 32.84 -39.45
N THR M 126 8.47 33.87 -38.62
CA THR M 126 7.61 35.03 -38.86
C THR M 126 8.10 35.81 -40.09
N TYR M 127 7.17 36.22 -40.95
CA TYR M 127 7.49 36.90 -42.20
C TYR M 127 6.34 37.84 -42.54
N GLN M 128 6.57 39.15 -42.37
CA GLN M 128 5.52 40.14 -42.60
C GLN M 128 5.32 40.45 -44.09
N GLY M 129 6.34 40.24 -44.92
CA GLY M 129 6.21 40.35 -46.37
C GLY M 129 5.95 41.77 -46.87
N SER M 130 5.50 41.82 -48.14
CA SER M 130 5.29 43.10 -48.82
C SER M 130 4.10 43.87 -48.25
N TYR M 131 3.18 43.18 -47.58
CA TYR M 131 1.93 43.79 -47.11
C TYR M 131 1.92 44.07 -45.61
N GLY M 132 3.02 43.82 -44.91
CA GLY M 132 3.07 44.10 -43.48
C GLY M 132 2.16 43.20 -42.66
N PHE M 133 2.10 41.92 -42.99
CA PHE M 133 1.14 40.99 -42.38
C PHE M 133 1.53 40.69 -40.93
N ARG M 134 0.58 40.87 -40.02
CA ARG M 134 0.71 40.53 -38.60
C ARG M 134 -0.63 40.01 -38.10
N LEU M 135 -0.62 39.36 -36.94
CA LEU M 135 -1.83 38.88 -36.30
C LEU M 135 -2.21 39.75 -35.10
N GLY M 136 -3.50 39.74 -34.77
CA GLY M 136 -3.99 40.40 -33.56
C GLY M 136 -5.11 39.60 -32.93
N PHE M 137 -5.40 39.91 -31.67
CA PHE M 137 -6.33 39.12 -30.86
C PHE M 137 -7.11 40.04 -29.92
N LEU M 138 -8.29 39.57 -29.51
CA LEU M 138 -9.19 40.39 -28.69
C LEU M 138 -8.76 40.43 -27.22
N HIS M 139 -9.14 41.52 -26.54
CA HIS M 139 -8.73 41.79 -25.16
C HIS M 139 -9.63 41.12 -24.12
N SER M 140 -10.01 39.87 -24.35
CA SER M 140 -10.89 39.14 -23.44
C SER M 140 -10.22 38.93 -22.09
N GLY M 141 -11.04 38.83 -21.05
CA GLY M 141 -10.54 38.68 -19.70
C GLY M 141 -10.04 37.27 -19.41
N THR M 142 -9.86 37.00 -18.11
CA THR M 142 -9.43 35.69 -17.64
C THR M 142 -10.45 35.06 -16.68
N ALA M 143 -11.73 35.34 -16.90
CA ALA M 143 -12.79 34.63 -16.20
C ALA M 143 -12.63 33.13 -16.41
N LYS M 144 -12.83 32.35 -15.33
CA LYS M 144 -12.41 30.96 -15.26
C LYS M 144 -12.63 30.16 -16.55
N SER M 145 -13.82 30.23 -17.12
CA SER M 145 -14.17 29.45 -18.31
C SER M 145 -14.58 30.33 -19.49
N VAL M 146 -13.91 31.47 -19.67
CA VAL M 146 -14.12 32.29 -20.87
C VAL M 146 -13.83 31.45 -22.11
N THR M 147 -14.69 31.59 -23.13
CA THR M 147 -14.63 30.66 -24.27
C THR M 147 -13.34 30.81 -25.07
N CYS M 148 -12.76 32.01 -25.14
CA CYS M 148 -11.51 32.23 -25.84
C CYS M 148 -10.83 33.47 -25.27
N THR M 149 -9.52 33.36 -25.01
CA THR M 149 -8.72 34.47 -24.50
C THR M 149 -7.28 34.30 -24.97
N TYR M 150 -6.57 35.42 -25.12
CA TYR M 150 -5.22 35.43 -25.69
C TYR M 150 -4.24 36.15 -24.75
N SER M 151 -3.01 35.63 -24.70
CA SER M 151 -1.96 36.19 -23.85
C SER M 151 -0.85 36.79 -24.70
N PRO M 152 -0.68 38.11 -24.71
CA PRO M 152 0.48 38.70 -25.42
C PRO M 152 1.81 38.30 -24.81
N ALA M 153 1.85 38.10 -23.49
CA ALA M 153 3.10 37.76 -22.81
C ALA M 153 3.63 36.40 -23.26
N LEU M 154 2.73 35.47 -23.54
CA LEU M 154 3.09 34.11 -23.96
C LEU M 154 2.98 33.90 -25.47
N ASN M 155 2.36 34.83 -26.19
CA ASN M 155 1.92 34.64 -27.57
C ASN M 155 1.11 33.34 -27.71
N LYS M 156 0.05 33.23 -26.90
CA LYS M 156 -0.68 31.98 -26.76
C LYS M 156 -2.18 32.23 -26.65
N MET M 157 -2.95 31.41 -27.37
CA MET M 157 -4.41 31.43 -27.28
C MET M 157 -4.90 30.30 -26.38
N PHE M 158 -5.88 30.62 -25.53
CA PHE M 158 -6.54 29.67 -24.65
C PHE M 158 -8.02 29.64 -25.04
N CYS M 159 -8.55 28.46 -25.36
CA CYS M 159 -9.91 28.37 -25.89
C CYS M 159 -10.54 27.02 -25.57
N GLN M 160 -11.88 26.97 -25.63
CA GLN M 160 -12.64 25.75 -25.46
C GLN M 160 -12.88 25.05 -26.81
N LEU M 161 -13.18 23.75 -26.73
CA LEU M 161 -13.39 22.94 -27.93
C LEU M 161 -14.63 23.42 -28.68
N ALA M 162 -14.48 23.54 -30.01
CA ALA M 162 -15.55 23.91 -30.94
C ALA M 162 -16.05 25.35 -30.78
N LYS M 163 -15.46 26.12 -29.87
CA LYS M 163 -15.91 27.48 -29.63
C LYS M 163 -15.21 28.47 -30.57
N THR M 164 -15.82 29.66 -30.68
CA THR M 164 -15.35 30.71 -31.58
C THR M 164 -14.01 31.27 -31.12
N CYS M 165 -13.03 31.27 -32.01
CA CYS M 165 -11.69 31.79 -31.74
C CYS M 165 -11.40 32.89 -32.75
N PRO M 166 -11.66 34.16 -32.41
CA PRO M 166 -11.40 35.26 -33.34
C PRO M 166 -9.91 35.54 -33.47
N VAL M 167 -9.42 35.51 -34.71
CA VAL M 167 -8.05 35.90 -35.03
C VAL M 167 -8.12 37.08 -36.00
N GLN M 168 -7.46 38.17 -35.66
CA GLN M 168 -7.41 39.36 -36.51
C GLN M 168 -6.20 39.29 -37.44
N LEU M 169 -6.39 39.78 -38.67
CA LEU M 169 -5.32 39.91 -39.65
C LEU M 169 -5.05 41.40 -39.85
N TRP M 170 -3.81 41.83 -39.59
CA TRP M 170 -3.40 43.22 -39.75
C TRP M 170 -2.45 43.32 -40.95
N VAL M 171 -2.67 44.32 -41.80
CA VAL M 171 -1.80 44.59 -42.94
C VAL M 171 -1.57 46.10 -43.09
N ASP M 172 -0.37 46.47 -43.56
CA ASP M 172 -0.07 47.87 -43.86
C ASP M 172 -0.68 48.32 -45.19
N SER M 173 -0.92 47.38 -46.11
CA SER M 173 -1.57 47.66 -47.38
C SER M 173 -2.35 46.43 -47.81
N THR M 174 -3.41 46.65 -48.60
CA THR M 174 -4.37 45.58 -48.93
C THR M 174 -3.81 44.62 -49.98
N PRO M 175 -3.77 43.32 -49.71
CA PRO M 175 -3.30 42.34 -50.71
C PRO M 175 -4.24 42.26 -51.90
N PRO M 176 -3.78 41.69 -53.02
CA PRO M 176 -4.61 41.65 -54.23
C PRO M 176 -5.83 40.77 -54.03
N PRO M 177 -6.87 40.95 -54.84
CA PRO M 177 -8.00 40.02 -54.82
C PRO M 177 -7.57 38.64 -55.32
N GLY M 178 -8.19 37.60 -54.75
CA GLY M 178 -7.72 36.25 -54.92
C GLY M 178 -6.75 35.78 -53.86
N THR M 179 -6.24 36.69 -53.03
CA THR M 179 -5.42 36.31 -51.89
C THR M 179 -6.24 35.45 -50.93
N ARG M 180 -5.58 34.47 -50.31
CA ARG M 180 -6.23 33.55 -49.40
C ARG M 180 -5.46 33.46 -48.08
N VAL M 181 -6.16 33.01 -47.04
CA VAL M 181 -5.59 32.86 -45.69
C VAL M 181 -5.74 31.40 -45.28
N ARG M 182 -4.63 30.79 -44.85
CA ARG M 182 -4.59 29.39 -44.47
C ARG M 182 -4.16 29.24 -43.02
N ALA M 183 -4.70 28.23 -42.33
CA ALA M 183 -4.30 27.87 -40.99
C ALA M 183 -3.89 26.40 -40.93
N MET M 184 -2.82 26.12 -40.19
CA MET M 184 -2.27 24.78 -40.02
C MET M 184 -1.69 24.67 -38.61
N ALA M 185 -1.72 23.45 -38.05
CA ALA M 185 -1.22 23.20 -36.70
C ALA M 185 -0.01 22.26 -36.71
N ILE M 186 0.97 22.57 -35.86
CA ILE M 186 2.12 21.70 -35.61
C ILE M 186 2.39 21.65 -34.11
N TYR M 187 3.02 20.56 -33.66
CA TYR M 187 3.41 20.45 -32.26
C TYR M 187 4.58 21.38 -31.96
N LYS M 188 4.55 22.01 -30.79
CA LYS M 188 5.59 22.98 -30.44
C LYS M 188 6.90 22.31 -30.05
N GLN M 189 6.82 21.17 -29.37
CA GLN M 189 8.03 20.46 -28.93
C GLN M 189 8.72 19.81 -30.12
N SER M 190 10.04 20.02 -30.22
CA SER M 190 10.79 19.60 -31.40
C SER M 190 10.70 18.09 -31.63
N GLN M 191 10.58 17.31 -30.55
CA GLN M 191 10.55 15.86 -30.69
C GLN M 191 9.23 15.36 -31.28
N HIS M 192 8.21 16.21 -31.34
CA HIS M 192 6.93 15.84 -31.89
C HIS M 192 6.58 16.55 -33.20
N MET M 193 7.47 17.42 -33.69
CA MET M 193 7.15 18.26 -34.84
C MET M 193 6.83 17.46 -36.11
N THR M 194 7.40 16.25 -36.25
CA THR M 194 7.14 15.47 -37.45
C THR M 194 5.81 14.73 -37.43
N GLU M 195 5.14 14.64 -36.27
CA GLU M 195 3.82 14.03 -36.24
C GLU M 195 2.78 14.98 -36.81
N VAL M 196 1.82 14.44 -37.56
CA VAL M 196 0.72 15.25 -38.09
C VAL M 196 -0.27 15.54 -36.98
N VAL M 197 -0.55 16.82 -36.75
CA VAL M 197 -1.61 17.20 -35.82
C VAL M 197 -2.96 16.91 -36.46
N ARG M 198 -3.75 16.06 -35.82
CA ARG M 198 -5.08 15.67 -36.30
C ARG M 198 -6.01 15.50 -35.10
N ARG M 199 -7.30 15.32 -35.39
CA ARG M 199 -8.24 14.96 -34.35
C ARG M 199 -7.96 13.55 -33.84
N CYS M 200 -8.41 13.27 -32.62
CA CYS M 200 -8.22 11.96 -32.01
C CYS M 200 -9.22 10.95 -32.57
N PRO M 201 -8.96 9.65 -32.38
CA PRO M 201 -9.87 8.63 -32.93
C PRO M 201 -11.32 8.73 -32.46
N HIS M 202 -11.57 9.34 -31.30
CA HIS M 202 -12.94 9.50 -30.82
C HIS M 202 -13.65 10.62 -31.56
N HIS M 203 -13.10 11.83 -31.53
CA HIS M 203 -13.70 12.96 -32.22
C HIS M 203 -13.65 12.80 -33.74
N GLU M 204 -12.80 11.90 -34.26
CA GLU M 204 -12.85 11.58 -35.68
C GLU M 204 -14.11 10.79 -36.02
N ARG M 205 -14.56 9.92 -35.12
CA ARG M 205 -15.74 9.10 -35.37
C ARG M 205 -17.06 9.81 -35.03
N CYS M 206 -17.02 10.90 -34.27
CA CYS M 206 -18.26 11.58 -33.89
C CYS M 206 -18.89 12.24 -35.11
N SER M 207 -20.21 12.40 -35.06
CA SER M 207 -20.98 12.85 -36.21
C SER M 207 -21.13 14.37 -36.29
N ASP M 208 -20.07 15.10 -35.94
CA ASP M 208 -20.18 16.55 -35.74
C ASP M 208 -19.76 17.38 -36.95
N SER M 209 -19.69 16.80 -38.14
CA SER M 209 -19.32 17.56 -39.32
C SER M 209 -20.40 18.57 -39.69
N ASP M 210 -19.97 19.78 -40.07
CA ASP M 210 -20.87 20.88 -40.38
C ASP M 210 -21.35 20.88 -41.83
N GLY M 211 -21.10 19.81 -42.58
CA GLY M 211 -21.39 19.78 -43.99
C GLY M 211 -20.35 20.42 -44.89
N LEU M 212 -19.30 21.00 -44.31
CA LEU M 212 -18.20 21.59 -45.06
C LEU M 212 -16.85 20.96 -44.73
N ALA M 213 -16.58 20.64 -43.44
CA ALA M 213 -15.27 20.18 -42.99
C ALA M 213 -15.19 18.64 -42.97
N PRO M 214 -14.02 18.09 -43.31
CA PRO M 214 -13.83 16.64 -43.15
C PRO M 214 -13.80 16.26 -41.68
N PRO M 215 -14.08 14.99 -41.37
CA PRO M 215 -14.20 14.59 -39.94
C PRO M 215 -12.91 14.71 -39.13
N GLN M 216 -11.74 14.55 -39.77
CA GLN M 216 -10.48 14.40 -39.05
C GLN M 216 -9.69 15.71 -38.86
N HIS M 217 -10.17 16.84 -39.40
CA HIS M 217 -9.41 18.08 -39.33
C HIS M 217 -9.55 18.76 -37.97
N LEU M 218 -8.42 19.21 -37.41
CA LEU M 218 -8.46 19.85 -36.09
C LEU M 218 -9.04 21.25 -36.16
N ILE M 219 -8.71 22.02 -37.19
CA ILE M 219 -9.08 23.43 -37.29
C ILE M 219 -10.18 23.59 -38.34
N ARG M 220 -11.26 24.29 -37.95
CA ARG M 220 -12.33 24.69 -38.86
C ARG M 220 -12.48 26.21 -38.82
N VAL M 221 -13.05 26.78 -39.87
CA VAL M 221 -13.49 28.17 -39.89
C VAL M 221 -15.02 28.18 -39.89
N GLU M 222 -15.61 28.90 -38.95
CA GLU M 222 -17.07 29.00 -38.89
C GLU M 222 -17.56 30.23 -39.64
N GLY M 223 -18.85 30.21 -39.98
CA GLY M 223 -19.50 31.35 -40.62
C GLY M 223 -19.28 31.49 -42.12
N ASN M 224 -18.09 31.15 -42.60
CA ASN M 224 -17.68 31.48 -43.98
C ASN M 224 -18.10 30.35 -44.92
N LEU M 225 -18.98 30.69 -45.88
CA LEU M 225 -19.42 29.70 -46.88
C LEU M 225 -18.35 29.37 -47.92
N ARG M 226 -17.31 30.21 -48.05
CA ARG M 226 -16.29 30.02 -49.08
C ARG M 226 -15.04 29.30 -48.57
N VAL M 227 -15.17 28.54 -47.48
CA VAL M 227 -14.04 27.83 -46.87
C VAL M 227 -13.68 26.59 -47.69
N GLU M 228 -12.40 26.20 -47.65
CA GLU M 228 -11.91 24.97 -48.27
C GLU M 228 -10.96 24.25 -47.32
N TYR M 229 -10.95 22.91 -47.41
CA TYR M 229 -10.15 22.06 -46.52
C TYR M 229 -9.22 21.19 -47.35
N LEU M 230 -7.93 21.19 -47.00
CA LEU M 230 -6.90 20.48 -47.74
C LEU M 230 -6.22 19.42 -46.86
N ASP M 231 -6.11 18.21 -47.40
CA ASP M 231 -5.23 17.17 -46.87
C ASP M 231 -4.07 17.06 -47.86
N ASP M 232 -2.87 17.48 -47.43
CA ASP M 232 -1.73 17.64 -48.34
C ASP M 232 -1.21 16.27 -48.78
N ARG M 233 -1.27 16.03 -50.09
CA ARG M 233 -0.90 14.73 -50.66
C ARG M 233 0.57 14.37 -50.40
N ASN M 234 1.43 15.38 -50.26
CA ASN M 234 2.86 15.14 -50.08
C ASN M 234 3.26 15.09 -48.61
N THR M 235 2.84 16.07 -47.81
CA THR M 235 3.26 16.18 -46.42
C THR M 235 2.32 15.52 -45.42
N PHE M 236 1.12 15.14 -45.85
CA PHE M 236 0.07 14.58 -45.00
C PHE M 236 -0.48 15.59 -43.98
N ARG M 237 -0.16 16.88 -44.12
CA ARG M 237 -0.63 17.90 -43.19
C ARG M 237 -2.04 18.36 -43.56
N HIS M 238 -2.89 18.56 -42.55
CA HIS M 238 -4.20 19.16 -42.73
C HIS M 238 -4.11 20.68 -42.65
N SER M 239 -4.97 21.37 -43.40
CA SER M 239 -5.08 22.82 -43.31
C SER M 239 -6.44 23.28 -43.82
N VAL M 240 -6.84 24.47 -43.38
CA VAL M 240 -8.09 25.12 -43.79
C VAL M 240 -7.76 26.47 -44.41
N VAL M 241 -8.50 26.83 -45.47
CA VAL M 241 -8.24 28.05 -46.24
C VAL M 241 -9.55 28.81 -46.47
N VAL M 242 -9.45 30.15 -46.48
CA VAL M 242 -10.57 31.01 -46.88
C VAL M 242 -10.01 32.14 -47.76
N PRO M 243 -10.86 32.77 -48.57
CA PRO M 243 -10.45 34.01 -49.25
C PRO M 243 -10.15 35.10 -48.24
N TYR M 244 -9.17 35.95 -48.56
CA TYR M 244 -8.94 37.15 -47.78
C TYR M 244 -10.01 38.19 -48.11
N GLU M 245 -10.43 38.94 -47.09
CA GLU M 245 -11.35 40.06 -47.24
C GLU M 245 -10.76 41.28 -46.56
N PRO M 246 -10.86 42.46 -47.16
CA PRO M 246 -10.30 43.67 -46.54
C PRO M 246 -11.20 44.20 -45.43
N PRO M 247 -10.68 45.07 -44.56
CA PRO M 247 -11.53 45.66 -43.51
C PRO M 247 -12.59 46.59 -44.10
N GLU M 248 -13.63 46.84 -43.30
CA GLU M 248 -14.58 47.89 -43.59
C GLU M 248 -13.90 49.25 -43.54
N VAL M 249 -14.56 50.27 -44.12
CA VAL M 249 -13.92 51.54 -44.45
C VAL M 249 -13.20 52.18 -43.25
N GLY M 250 -13.82 52.10 -42.07
CA GLY M 250 -13.25 52.67 -40.86
C GLY M 250 -12.57 51.68 -39.95
N SER M 251 -12.52 50.41 -40.31
CA SER M 251 -11.82 49.39 -39.56
C SER M 251 -10.37 49.29 -40.02
N ASP M 252 -9.55 48.62 -39.20
CA ASP M 252 -8.12 48.49 -39.44
C ASP M 252 -7.64 47.05 -39.60
N CYS M 253 -8.53 46.06 -39.49
CA CYS M 253 -8.14 44.66 -39.55
C CYS M 253 -9.35 43.79 -39.90
N THR M 254 -9.06 42.57 -40.34
CA THR M 254 -10.07 41.57 -40.72
C THR M 254 -10.06 40.43 -39.72
N THR M 255 -11.25 39.98 -39.30
CA THR M 255 -11.37 38.92 -38.30
C THR M 255 -11.85 37.62 -38.92
N ILE M 256 -11.08 36.54 -38.68
CA ILE M 256 -11.48 35.17 -39.01
C ILE M 256 -11.82 34.45 -37.72
N HIS M 257 -12.85 33.60 -37.77
CA HIS M 257 -13.32 32.88 -36.58
C HIS M 257 -13.02 31.38 -36.75
N TYR M 258 -11.97 30.93 -36.06
CA TYR M 258 -11.58 29.52 -36.10
C TYR M 258 -12.27 28.73 -34.98
N ASN M 259 -12.39 27.43 -35.20
CA ASN M 259 -12.81 26.47 -34.17
C ASN M 259 -11.78 25.37 -34.10
N TYR M 260 -11.42 24.97 -32.88
CA TYR M 260 -10.50 23.85 -32.64
C TYR M 260 -11.30 22.67 -32.12
N MET M 261 -11.24 21.54 -32.83
CA MET M 261 -12.23 20.48 -32.67
C MET M 261 -11.75 19.32 -31.80
N CYS M 262 -10.65 19.49 -31.06
CA CYS M 262 -10.23 18.56 -30.02
C CYS M 262 -9.55 19.36 -28.92
N ASN M 263 -9.61 18.84 -27.69
CA ASN M 263 -8.84 19.44 -26.61
C ASN M 263 -7.37 19.09 -26.78
N SER M 264 -6.50 19.94 -26.23
CA SER M 264 -5.06 19.66 -26.25
C SER M 264 -4.76 18.33 -25.58
N SER M 265 -5.61 17.89 -24.65
CA SER M 265 -5.41 16.67 -23.88
C SER M 265 -5.89 15.40 -24.59
N CYS M 266 -6.52 15.50 -25.75
CA CYS M 266 -7.12 14.35 -26.42
C CYS M 266 -6.13 13.22 -26.68
N MET M 267 -6.35 12.08 -26.03
CA MET M 267 -5.46 10.93 -26.18
C MET M 267 -5.62 10.30 -27.57
N GLY M 268 -4.51 9.85 -28.14
CA GLY M 268 -4.46 9.50 -29.55
C GLY M 268 -4.39 10.69 -30.48
N GLY M 269 -4.87 11.85 -30.04
CA GLY M 269 -4.68 13.10 -30.76
C GLY M 269 -3.52 13.89 -30.19
N MET M 270 -3.77 15.14 -29.77
CA MET M 270 -2.69 16.00 -29.29
C MET M 270 -2.03 15.48 -28.02
N ASN M 271 -2.75 14.72 -27.19
CA ASN M 271 -2.16 13.95 -26.08
C ASN M 271 -1.37 14.85 -25.12
N ARG M 272 -1.96 16.01 -24.78
CA ARG M 272 -1.44 17.03 -23.87
C ARG M 272 -0.27 17.84 -24.42
N ARG M 273 0.17 17.58 -25.64
CA ARG M 273 1.32 18.29 -26.19
C ARG M 273 0.89 19.66 -26.73
N PRO M 274 1.61 20.75 -26.40
CA PRO M 274 1.25 22.06 -26.94
C PRO M 274 1.43 22.12 -28.45
N ILE M 275 0.59 22.91 -29.11
CA ILE M 275 0.68 23.11 -30.55
C ILE M 275 0.88 24.58 -30.87
N LEU M 276 1.47 24.82 -32.04
CA LEU M 276 1.49 26.14 -32.66
C LEU M 276 0.52 26.11 -33.84
N THR M 277 -0.33 27.14 -33.92
CA THR M 277 -1.08 27.39 -35.15
C THR M 277 -0.26 28.35 -36.01
N ILE M 278 -0.02 27.95 -37.26
CA ILE M 278 0.68 28.77 -38.24
C ILE M 278 -0.35 29.33 -39.22
N ILE M 279 -0.37 30.64 -39.36
CA ILE M 279 -1.25 31.33 -40.30
C ILE M 279 -0.40 31.83 -41.46
N THR M 280 -0.81 31.51 -42.69
CA THR M 280 -0.12 31.97 -43.88
C THR M 280 -1.06 32.77 -44.78
N LEU M 281 -0.60 33.95 -45.19
CA LEU M 281 -1.24 34.71 -46.25
C LEU M 281 -0.66 34.23 -47.58
N GLU M 282 -1.53 33.94 -48.56
CA GLU M 282 -1.13 33.26 -49.78
C GLU M 282 -1.82 33.87 -50.99
N ASP M 283 -1.19 33.75 -52.16
CA ASP M 283 -1.84 34.18 -53.39
C ASP M 283 -2.84 33.13 -53.87
N SER M 284 -3.37 33.33 -55.07
CA SER M 284 -4.38 32.43 -55.61
C SER M 284 -3.83 31.03 -55.89
N SER M 285 -2.50 30.87 -55.94
CA SER M 285 -1.89 29.58 -56.20
C SER M 285 -1.15 29.01 -54.99
N GLY M 286 -1.35 29.55 -53.80
CA GLY M 286 -0.69 29.07 -52.61
C GLY M 286 0.71 29.59 -52.37
N ASN M 287 1.16 30.59 -53.12
CA ASN M 287 2.49 31.15 -52.92
C ASN M 287 2.52 32.03 -51.67
N LEU M 288 3.63 31.97 -50.95
CA LEU M 288 3.74 32.53 -49.60
C LEU M 288 3.85 34.06 -49.67
N LEU M 289 2.83 34.75 -49.15
CA LEU M 289 2.84 36.21 -49.06
C LEU M 289 3.17 36.72 -47.66
N GLY M 290 2.89 35.94 -46.62
CA GLY M 290 3.23 36.30 -45.25
C GLY M 290 2.94 35.15 -44.32
N ARG M 291 3.58 35.18 -43.15
CA ARG M 291 3.45 34.08 -42.19
C ARG M 291 3.61 34.57 -40.75
N ASN M 292 2.74 34.04 -39.87
CA ASN M 292 2.79 34.30 -38.44
C ASN M 292 2.36 33.04 -37.69
N SER M 293 2.59 33.02 -36.37
CA SER M 293 2.22 31.85 -35.57
C SER M 293 1.93 32.26 -34.13
N PHE M 294 1.14 31.41 -33.46
CA PHE M 294 0.82 31.55 -32.05
C PHE M 294 0.62 30.17 -31.43
N GLU M 295 0.97 30.04 -30.15
CA GLU M 295 0.73 28.79 -29.43
C GLU M 295 -0.76 28.67 -29.08
N VAL M 296 -1.28 27.45 -29.09
CA VAL M 296 -2.70 27.21 -28.81
C VAL M 296 -2.85 26.13 -27.74
N ARG M 297 -3.78 26.38 -26.82
CA ARG M 297 -4.21 25.42 -25.82
C ARG M 297 -5.73 25.35 -25.88
N VAL M 298 -6.27 24.16 -26.15
CA VAL M 298 -7.71 23.92 -26.21
C VAL M 298 -8.11 23.18 -24.94
N CYS M 299 -8.84 23.85 -24.05
CA CYS M 299 -9.01 23.36 -22.69
C CYS M 299 -10.38 23.77 -22.14
N ALA M 300 -10.70 23.21 -20.96
CA ALA M 300 -12.03 23.40 -20.38
C ALA M 300 -12.18 24.76 -19.70
N CYS M 301 -11.11 25.31 -19.13
CA CYS M 301 -11.16 26.55 -18.37
C CYS M 301 -10.08 27.52 -18.86
N PRO M 302 -10.29 28.15 -20.02
CA PRO M 302 -9.23 29.02 -20.59
C PRO M 302 -8.78 30.17 -19.71
N GLY M 303 -9.65 30.73 -18.87
CA GLY M 303 -9.27 31.83 -18.02
C GLY M 303 -8.39 31.41 -16.85
N ARG M 304 -8.80 30.34 -16.15
CA ARG M 304 -7.96 29.78 -15.10
C ARG M 304 -6.59 29.38 -15.65
N ASP M 305 -6.59 28.69 -16.78
CA ASP M 305 -5.33 28.19 -17.34
C ASP M 305 -4.43 29.35 -17.78
N ARG M 306 -5.01 30.39 -18.37
CA ARG M 306 -4.19 31.54 -18.79
C ARG M 306 -3.58 32.26 -17.58
N ARG M 307 -4.38 32.48 -16.52
CA ARG M 307 -3.84 33.08 -15.31
C ARG M 307 -2.72 32.24 -14.72
N THR M 308 -2.87 30.91 -14.74
CA THR M 308 -1.84 30.04 -14.21
C THR M 308 -0.54 30.19 -15.00
N GLU M 309 -0.61 30.10 -16.34
CA GLU M 309 0.60 30.20 -17.15
C GLU M 309 1.22 31.60 -17.09
N GLU M 310 0.41 32.64 -16.85
CA GLU M 310 0.96 33.99 -16.68
C GLU M 310 1.53 34.20 -15.27
N GLU M 311 1.01 33.50 -14.26
CA GLU M 311 1.61 33.55 -12.93
C GLU M 311 2.94 32.81 -12.89
N ASN M 312 3.03 31.66 -13.57
CA ASN M 312 4.30 30.93 -13.65
C ASN M 312 5.41 31.77 -14.26
N LEU M 313 5.08 32.78 -15.05
CA LEU M 313 6.06 33.67 -15.65
C LEU M 313 6.78 34.54 -14.61
N ARG M 314 6.29 34.56 -13.37
CA ARG M 314 6.98 35.21 -12.26
C ARG M 314 7.65 34.22 -11.32
N LYS M 315 7.56 32.92 -11.62
CA LYS M 315 8.22 31.89 -10.82
C LYS M 315 9.50 31.40 -11.49
N PRO N 116 -21.92 0.44 -30.05
CA PRO N 116 -23.37 0.41 -30.28
C PRO N 116 -24.13 -0.18 -29.10
N LEU N 117 -25.45 -0.30 -29.25
CA LEU N 117 -26.31 -0.83 -28.21
C LEU N 117 -26.46 -2.35 -28.35
N SER N 118 -27.05 -2.96 -27.31
CA SER N 118 -27.32 -4.39 -27.27
C SER N 118 -28.82 -4.63 -27.14
N SER N 119 -29.28 -5.75 -27.70
CA SER N 119 -30.69 -6.11 -27.66
C SER N 119 -31.15 -6.55 -26.27
N SER N 120 -30.23 -6.76 -25.34
CA SER N 120 -30.54 -7.36 -24.05
C SER N 120 -29.53 -6.91 -23.01
N VAL N 121 -29.82 -7.21 -21.75
CA VAL N 121 -28.93 -6.93 -20.62
C VAL N 121 -28.58 -8.24 -19.94
N PRO N 122 -27.30 -8.53 -19.70
CA PRO N 122 -26.93 -9.74 -18.95
C PRO N 122 -27.41 -9.68 -17.51
N SER N 123 -27.77 -10.83 -16.97
CA SER N 123 -28.14 -10.92 -15.56
C SER N 123 -26.93 -10.71 -14.67
N GLN N 124 -27.08 -9.88 -13.65
CA GLN N 124 -26.02 -9.63 -12.68
C GLN N 124 -26.27 -10.29 -11.32
N LYS N 125 -27.32 -11.11 -11.20
CA LYS N 125 -27.75 -11.64 -9.91
C LYS N 125 -26.73 -12.64 -9.36
N THR N 126 -26.40 -12.49 -8.07
CA THR N 126 -25.49 -13.41 -7.41
C THR N 126 -26.16 -14.78 -7.25
N TYR N 127 -25.40 -15.85 -7.54
CA TYR N 127 -25.93 -17.21 -7.49
C TYR N 127 -24.77 -18.15 -7.18
N GLN N 128 -24.74 -18.68 -5.95
CA GLN N 128 -23.66 -19.58 -5.55
C GLN N 128 -23.82 -20.99 -6.10
N GLY N 129 -25.05 -21.42 -6.40
CA GLY N 129 -25.30 -22.68 -7.07
C GLY N 129 -24.96 -23.93 -6.26
N SER N 130 -24.95 -25.06 -6.98
CA SER N 130 -24.72 -26.36 -6.35
C SER N 130 -23.31 -26.46 -5.78
N TYR N 131 -22.36 -25.73 -6.34
CA TYR N 131 -20.95 -25.84 -5.99
C TYR N 131 -20.48 -24.79 -4.98
N GLY N 132 -21.38 -23.95 -4.47
CA GLY N 132 -21.01 -22.94 -3.49
C GLY N 132 -20.06 -21.87 -4.02
N PHE N 133 -20.26 -21.44 -5.27
CA PHE N 133 -19.31 -20.58 -5.96
C PHE N 133 -19.24 -19.18 -5.33
N ARG N 134 -18.01 -18.69 -5.14
CA ARG N 134 -17.75 -17.36 -4.59
C ARG N 134 -16.45 -16.84 -5.22
N LEU N 135 -16.27 -15.52 -5.15
CA LEU N 135 -15.02 -14.90 -5.58
C LEU N 135 -14.14 -14.54 -4.39
N GLY N 136 -12.85 -14.37 -4.67
CA GLY N 136 -11.90 -13.87 -3.68
C GLY N 136 -10.84 -13.02 -4.37
N PHE N 137 -10.17 -12.20 -3.57
CA PHE N 137 -9.20 -11.23 -4.09
C PHE N 137 -8.02 -11.09 -3.12
N LEU N 138 -6.88 -10.66 -3.64
CA LEU N 138 -5.67 -10.56 -2.81
C LEU N 138 -5.78 -9.39 -1.83
N HIS N 139 -5.16 -9.58 -0.67
CA HIS N 139 -5.19 -8.61 0.43
C HIS N 139 -4.18 -7.48 0.26
N SER N 140 -4.10 -6.92 -0.95
CA SER N 140 -3.17 -5.83 -1.24
C SER N 140 -3.57 -4.59 -0.45
N GLY N 141 -2.56 -3.77 -0.11
CA GLY N 141 -2.78 -2.54 0.63
C GLY N 141 -3.24 -1.39 -0.24
N THR N 142 -2.94 -0.15 0.21
CA THR N 142 -3.39 1.04 -0.49
C THR N 142 -2.29 2.10 -0.65
N ALA N 143 -1.04 1.67 -0.76
CA ALA N 143 0.09 2.59 -0.91
C ALA N 143 0.15 3.19 -2.31
N LYS N 144 1.03 4.18 -2.47
CA LYS N 144 1.17 4.89 -3.75
C LYS N 144 1.55 3.93 -4.89
N SER N 145 2.44 2.99 -4.61
CA SER N 145 2.94 2.10 -5.65
C SER N 145 2.15 0.82 -5.79
N VAL N 146 0.83 0.87 -5.62
CA VAL N 146 0.01 -0.32 -5.79
C VAL N 146 -0.48 -0.39 -7.23
N THR N 147 -0.55 -1.60 -7.79
CA THR N 147 -1.03 -1.78 -9.15
C THR N 147 -2.44 -2.36 -9.21
N CYS N 148 -2.80 -3.20 -8.24
CA CYS N 148 -4.16 -3.70 -8.10
C CYS N 148 -4.47 -3.91 -6.63
N THR N 149 -5.68 -3.49 -6.22
CA THR N 149 -6.13 -3.63 -4.83
C THR N 149 -7.65 -3.76 -4.82
N TYR N 150 -8.18 -4.48 -3.83
CA TYR N 150 -9.61 -4.78 -3.76
C TYR N 150 -10.19 -4.36 -2.41
N SER N 151 -11.42 -3.84 -2.45
CA SER N 151 -12.12 -3.36 -1.26
C SER N 151 -13.29 -4.29 -0.95
N PRO N 152 -13.22 -5.07 0.15
CA PRO N 152 -14.40 -5.87 0.54
C PRO N 152 -15.58 -5.03 0.98
N ALA N 153 -15.33 -3.83 1.52
CA ALA N 153 -16.40 -2.96 2.00
C ALA N 153 -17.26 -2.45 0.85
N LEU N 154 -16.65 -2.21 -0.31
CA LEU N 154 -17.36 -1.74 -1.50
C LEU N 154 -17.64 -2.84 -2.50
N ASN N 155 -17.04 -4.02 -2.33
CA ASN N 155 -17.00 -5.07 -3.35
C ASN N 155 -16.50 -4.51 -4.68
N LYS N 156 -15.31 -3.90 -4.65
CA LYS N 156 -14.80 -3.12 -5.76
C LYS N 156 -13.30 -3.32 -5.94
N MET N 157 -12.88 -3.50 -7.19
CA MET N 157 -11.47 -3.59 -7.54
C MET N 157 -10.97 -2.25 -8.06
N PHE N 158 -9.79 -1.84 -7.61
CA PHE N 158 -9.09 -0.66 -8.10
C PHE N 158 -7.77 -1.13 -8.73
N CYS N 159 -7.54 -0.78 -9.99
CA CYS N 159 -6.37 -1.30 -10.70
C CYS N 159 -5.88 -0.34 -11.77
N GLN N 160 -4.60 -0.49 -12.14
CA GLN N 160 -4.01 0.26 -13.24
C GLN N 160 -4.23 -0.45 -14.57
N LEU N 161 -4.21 0.33 -15.66
CA LEU N 161 -4.45 -0.21 -16.99
C LEU N 161 -3.38 -1.24 -17.36
N ALA N 162 -3.81 -2.38 -17.86
CA ALA N 162 -2.97 -3.46 -18.37
C ALA N 162 -2.12 -4.16 -17.30
N LYS N 163 -2.36 -3.91 -16.02
CA LYS N 163 -1.63 -4.61 -14.97
C LYS N 163 -2.37 -5.88 -14.55
N THR N 164 -1.63 -6.78 -13.89
CA THR N 164 -2.19 -8.06 -13.46
C THR N 164 -3.21 -7.86 -12.36
N CYS N 165 -4.42 -8.40 -12.56
CA CYS N 165 -5.52 -8.31 -11.61
C CYS N 165 -5.96 -9.72 -11.23
N PRO N 166 -5.42 -10.29 -10.14
CA PRO N 166 -5.75 -11.67 -9.78
C PRO N 166 -7.15 -11.77 -9.16
N VAL N 167 -7.97 -12.67 -9.70
CA VAL N 167 -9.29 -12.99 -9.16
C VAL N 167 -9.31 -14.46 -8.78
N GLN N 168 -9.66 -14.75 -7.53
CA GLN N 168 -9.74 -16.11 -7.02
C GLN N 168 -11.14 -16.67 -7.19
N LEU N 169 -11.22 -17.97 -7.48
CA LEU N 169 -12.48 -18.70 -7.56
C LEU N 169 -12.53 -19.69 -6.39
N TRP N 170 -13.62 -19.62 -5.62
CA TRP N 170 -13.82 -20.46 -4.44
C TRP N 170 -15.08 -21.30 -4.60
N VAL N 171 -15.02 -22.56 -4.18
CA VAL N 171 -16.14 -23.49 -4.28
C VAL N 171 -16.16 -24.42 -3.06
N ASP N 172 -17.36 -24.89 -2.71
CA ASP N 172 -17.52 -25.89 -1.66
C ASP N 172 -17.33 -27.33 -2.17
N SER N 173 -17.51 -27.56 -3.48
CA SER N 173 -17.25 -28.84 -4.11
C SER N 173 -16.86 -28.61 -5.57
N THR N 174 -16.11 -29.55 -6.14
CA THR N 174 -15.45 -29.33 -7.44
C THR N 174 -16.42 -29.47 -8.62
N PRO N 175 -16.51 -28.48 -9.51
CA PRO N 175 -17.39 -28.62 -10.67
C PRO N 175 -16.88 -29.67 -11.64
N PRO N 176 -17.75 -30.16 -12.53
CA PRO N 176 -17.36 -31.25 -13.45
C PRO N 176 -16.31 -30.81 -14.46
N PRO N 177 -15.61 -31.76 -15.09
CA PRO N 177 -14.67 -31.41 -16.15
C PRO N 177 -15.38 -30.79 -17.34
N GLY N 178 -14.68 -29.89 -18.03
CA GLY N 178 -15.29 -29.11 -19.09
C GLY N 178 -16.02 -27.86 -18.61
N THR N 179 -16.08 -27.61 -17.30
CA THR N 179 -16.61 -26.36 -16.79
C THR N 179 -15.72 -25.20 -17.24
N ARG N 180 -16.34 -24.06 -17.54
CA ARG N 180 -15.61 -22.88 -18.00
C ARG N 180 -15.97 -21.66 -17.14
N VAL N 181 -15.09 -20.66 -17.18
CA VAL N 181 -15.24 -19.42 -16.43
C VAL N 181 -15.21 -18.26 -17.41
N ARG N 182 -16.23 -17.39 -17.35
CA ARG N 182 -16.40 -16.29 -18.28
C ARG N 182 -16.47 -14.96 -17.53
N ALA N 183 -15.87 -13.92 -18.13
CA ALA N 183 -15.94 -12.56 -17.60
C ALA N 183 -16.54 -11.64 -18.66
N MET N 184 -17.47 -10.78 -18.22
CA MET N 184 -18.12 -9.80 -19.08
C MET N 184 -18.31 -8.51 -18.30
N ALA N 185 -18.14 -7.36 -18.96
CA ALA N 185 -18.32 -6.06 -18.34
C ALA N 185 -19.64 -5.43 -18.80
N ILE N 186 -20.36 -4.82 -17.85
CA ILE N 186 -21.54 -4.01 -18.13
C ILE N 186 -21.45 -2.71 -17.34
N TYR N 187 -22.16 -1.69 -17.83
CA TYR N 187 -22.26 -0.44 -17.08
C TYR N 187 -23.18 -0.62 -15.88
N LYS N 188 -22.78 -0.04 -14.73
CA LYS N 188 -23.54 -0.21 -13.49
C LYS N 188 -24.85 0.56 -13.50
N GLN N 189 -24.88 1.71 -14.18
CA GLN N 189 -26.07 2.55 -14.21
C GLN N 189 -27.07 2.02 -15.24
N SER N 190 -28.34 1.92 -14.82
CA SER N 190 -29.33 1.14 -15.57
C SER N 190 -29.60 1.69 -16.97
N GLN N 191 -29.47 3.01 -17.16
CA GLN N 191 -29.72 3.59 -18.48
C GLN N 191 -28.60 3.27 -19.46
N HIS N 192 -27.40 2.99 -18.97
CA HIS N 192 -26.28 2.63 -19.82
C HIS N 192 -26.09 1.13 -19.99
N MET N 193 -26.90 0.31 -19.29
CA MET N 193 -26.72 -1.14 -19.29
C MET N 193 -26.81 -1.75 -20.69
N THR N 194 -27.59 -1.14 -21.59
CA THR N 194 -27.73 -1.67 -22.94
C THR N 194 -26.59 -1.26 -23.87
N GLU N 195 -25.75 -0.30 -23.48
CA GLU N 195 -24.55 -0.01 -24.27
C GLU N 195 -23.50 -1.09 -24.02
N VAL N 196 -22.88 -1.56 -25.10
CA VAL N 196 -21.82 -2.57 -24.99
C VAL N 196 -20.57 -1.91 -24.43
N VAL N 197 -20.08 -2.41 -23.29
CA VAL N 197 -18.80 -1.95 -22.77
C VAL N 197 -17.69 -2.42 -23.70
N ARG N 198 -16.94 -1.46 -24.25
CA ARG N 198 -15.82 -1.75 -25.15
C ARG N 198 -14.70 -0.74 -24.88
N ARG N 199 -13.55 -1.00 -25.48
CA ARG N 199 -12.45 -0.05 -25.42
C ARG N 199 -12.81 1.23 -26.16
N CYS N 200 -12.17 2.33 -25.76
CA CYS N 200 -12.37 3.61 -26.42
C CYS N 200 -11.69 3.61 -27.80
N PRO N 201 -12.10 4.53 -28.67
CA PRO N 201 -11.53 4.56 -30.04
C PRO N 201 -10.01 4.67 -30.10
N HIS N 202 -9.37 5.32 -29.12
CA HIS N 202 -7.91 5.42 -29.12
C HIS N 202 -7.27 4.08 -28.79
N HIS N 203 -7.65 3.49 -27.65
CA HIS N 203 -7.07 2.22 -27.24
C HIS N 203 -7.47 1.08 -28.18
N GLU N 204 -8.58 1.25 -28.91
CA GLU N 204 -8.98 0.28 -29.93
C GLU N 204 -8.05 0.31 -31.13
N ARG N 205 -7.49 1.48 -31.45
CA ARG N 205 -6.59 1.62 -32.60
C ARG N 205 -5.14 1.32 -32.27
N CYS N 206 -4.73 1.47 -31.01
CA CYS N 206 -3.34 1.28 -30.65
C CYS N 206 -2.93 -0.18 -30.78
N SER N 207 -1.62 -0.40 -30.98
CA SER N 207 -1.11 -1.68 -31.45
C SER N 207 -0.78 -2.67 -30.32
N ASP N 208 -1.60 -2.71 -29.27
CA ASP N 208 -1.22 -3.41 -28.03
C ASP N 208 -1.80 -4.83 -27.89
N SER N 209 -2.27 -5.43 -28.97
CA SER N 209 -2.85 -6.77 -28.89
C SER N 209 -1.78 -7.81 -28.61
N ASP N 210 -2.14 -8.84 -27.84
CA ASP N 210 -1.21 -9.90 -27.43
C ASP N 210 -1.18 -11.08 -28.38
N GLY N 211 -1.84 -10.98 -29.54
CA GLY N 211 -1.96 -12.09 -30.47
C GLY N 211 -3.13 -13.00 -30.21
N LEU N 212 -3.78 -12.90 -29.05
CA LEU N 212 -4.96 -13.68 -28.72
C LEU N 212 -6.21 -12.82 -28.60
N ALA N 213 -6.10 -11.63 -28.02
CA ALA N 213 -7.25 -10.78 -27.73
C ALA N 213 -7.55 -9.84 -28.90
N PRO N 214 -8.81 -9.68 -29.29
CA PRO N 214 -9.14 -8.69 -30.32
C PRO N 214 -8.87 -7.28 -29.83
N PRO N 215 -8.64 -6.33 -30.76
CA PRO N 215 -8.26 -4.97 -30.34
C PRO N 215 -9.31 -4.25 -29.52
N GLN N 216 -10.59 -4.61 -29.63
CA GLN N 216 -11.69 -3.86 -29.05
C GLN N 216 -12.12 -4.35 -27.67
N HIS N 217 -11.63 -5.50 -27.22
CA HIS N 217 -12.09 -6.09 -25.95
C HIS N 217 -11.48 -5.37 -24.76
N LEU N 218 -12.32 -5.05 -23.76
CA LEU N 218 -11.83 -4.38 -22.56
C LEU N 218 -11.07 -5.33 -21.64
N ILE N 219 -11.57 -6.55 -21.47
CA ILE N 219 -11.03 -7.51 -20.50
C ILE N 219 -10.22 -8.57 -21.25
N ARG N 220 -9.01 -8.83 -20.77
CA ARG N 220 -8.16 -9.90 -21.27
C ARG N 220 -7.76 -10.82 -20.11
N VAL N 221 -7.42 -12.06 -20.43
CA VAL N 221 -6.81 -13.00 -19.49
C VAL N 221 -5.37 -13.24 -19.94
N GLU N 222 -4.42 -13.05 -19.03
CA GLU N 222 -3.01 -13.29 -19.34
C GLU N 222 -2.57 -14.67 -18.84
N GLY N 223 -1.60 -15.26 -19.55
CA GLY N 223 -0.96 -16.49 -19.13
C GLY N 223 -1.66 -17.78 -19.50
N ASN N 224 -2.80 -17.73 -20.19
CA ASN N 224 -3.60 -18.91 -20.49
C ASN N 224 -3.76 -19.06 -22.00
N LEU N 225 -3.29 -20.19 -22.55
CA LEU N 225 -3.40 -20.45 -23.99
C LEU N 225 -4.79 -20.97 -24.39
N ARG N 226 -5.57 -21.49 -23.46
CA ARG N 226 -6.92 -21.97 -23.73
C ARG N 226 -7.97 -20.85 -23.66
N VAL N 227 -7.54 -19.59 -23.68
CA VAL N 227 -8.46 -18.47 -23.62
C VAL N 227 -9.23 -18.34 -24.94
N GLU N 228 -10.50 -17.95 -24.84
CA GLU N 228 -11.34 -17.68 -26.01
C GLU N 228 -12.07 -16.36 -25.83
N TYR N 229 -12.08 -15.54 -26.88
CA TYR N 229 -12.72 -14.24 -26.86
C TYR N 229 -13.95 -14.27 -27.77
N LEU N 230 -15.10 -13.85 -27.23
CA LEU N 230 -16.37 -13.91 -27.92
C LEU N 230 -16.93 -12.52 -28.17
N ASP N 231 -17.31 -12.25 -29.42
CA ASP N 231 -18.16 -11.12 -29.79
C ASP N 231 -19.51 -11.73 -30.16
N ASP N 232 -20.47 -11.64 -29.24
CA ASP N 232 -21.73 -12.38 -29.35
C ASP N 232 -22.58 -11.83 -30.49
N ARG N 233 -22.88 -12.69 -31.48
CA ARG N 233 -23.60 -12.23 -32.67
C ARG N 233 -25.00 -11.72 -32.34
N ASN N 234 -25.65 -12.28 -31.32
CA ASN N 234 -27.03 -11.93 -31.00
C ASN N 234 -27.15 -10.75 -30.04
N THR N 235 -26.18 -10.55 -29.14
CA THR N 235 -26.24 -9.49 -28.15
C THR N 235 -25.17 -8.42 -28.34
N PHE N 236 -24.19 -8.64 -29.22
CA PHE N 236 -23.07 -7.74 -29.48
C PHE N 236 -22.15 -7.57 -28.26
N ARG N 237 -22.29 -8.41 -27.24
CA ARG N 237 -21.48 -8.29 -26.03
C ARG N 237 -20.12 -8.96 -26.22
N HIS N 238 -19.08 -8.31 -25.69
CA HIS N 238 -17.75 -8.93 -25.61
C HIS N 238 -17.65 -9.73 -24.31
N SER N 239 -16.94 -10.86 -24.37
CA SER N 239 -16.60 -11.61 -23.17
C SER N 239 -15.37 -12.46 -23.42
N VAL N 240 -14.67 -12.80 -22.34
CA VAL N 240 -13.50 -13.68 -22.36
C VAL N 240 -13.79 -14.92 -21.51
N VAL N 241 -13.37 -16.10 -22.00
CA VAL N 241 -13.67 -17.37 -21.36
C VAL N 241 -12.38 -18.21 -21.25
N VAL N 242 -12.26 -18.96 -20.15
CA VAL N 242 -11.21 -19.95 -19.96
C VAL N 242 -11.80 -21.20 -19.33
N PRO N 243 -11.14 -22.35 -19.48
CA PRO N 243 -11.53 -23.53 -18.71
C PRO N 243 -11.34 -23.32 -17.22
N TYR N 244 -12.21 -23.95 -16.43
CA TYR N 244 -12.00 -24.01 -14.99
C TYR N 244 -10.97 -25.09 -14.66
N GLU N 245 -10.19 -24.85 -13.61
CA GLU N 245 -9.29 -25.84 -13.03
C GLU N 245 -9.44 -25.82 -11.52
N PRO N 246 -9.37 -26.98 -10.86
CA PRO N 246 -9.42 -27.00 -9.39
C PRO N 246 -8.13 -26.47 -8.79
N PRO N 247 -8.12 -26.10 -7.50
CA PRO N 247 -6.91 -25.52 -6.91
C PRO N 247 -5.71 -26.48 -6.96
N GLU N 248 -4.52 -25.90 -7.05
CA GLU N 248 -3.30 -26.68 -6.93
C GLU N 248 -3.17 -27.23 -5.51
N VAL N 249 -2.38 -28.30 -5.37
CA VAL N 249 -2.20 -28.94 -4.07
C VAL N 249 -1.61 -27.96 -3.07
N GLY N 250 -2.30 -27.79 -1.95
CA GLY N 250 -1.93 -26.79 -0.96
C GLY N 250 -2.63 -25.46 -1.09
N SER N 251 -3.64 -25.36 -1.95
CA SER N 251 -4.40 -24.12 -2.16
C SER N 251 -5.88 -24.39 -1.97
N ASP N 252 -6.60 -23.39 -1.47
CA ASP N 252 -8.05 -23.46 -1.29
C ASP N 252 -8.83 -22.86 -2.46
N CYS N 253 -8.16 -22.26 -3.45
CA CYS N 253 -8.84 -21.53 -4.52
C CYS N 253 -8.01 -21.53 -5.79
N THR N 254 -8.67 -21.21 -6.90
CA THR N 254 -8.06 -21.12 -8.23
C THR N 254 -8.01 -19.65 -8.66
N THR N 255 -6.85 -19.22 -9.16
CA THR N 255 -6.63 -17.81 -9.49
C THR N 255 -6.55 -17.60 -11.00
N ILE N 256 -7.31 -16.63 -11.50
CA ILE N 256 -7.27 -16.20 -12.89
C ILE N 256 -6.69 -14.78 -12.94
N HIS N 257 -5.78 -14.54 -13.88
CA HIS N 257 -5.12 -13.24 -14.02
C HIS N 257 -5.80 -12.44 -15.13
N TYR N 258 -6.57 -11.42 -14.75
CA TYR N 258 -7.21 -10.54 -15.72
C TYR N 258 -6.39 -9.26 -15.94
N ASN N 259 -6.60 -8.65 -17.11
CA ASN N 259 -6.11 -7.32 -17.42
C ASN N 259 -7.26 -6.47 -17.94
N TYR N 260 -7.32 -5.20 -17.52
CA TYR N 260 -8.32 -4.26 -18.01
C TYR N 260 -7.61 -3.20 -18.87
N MET N 261 -8.08 -3.04 -20.10
CA MET N 261 -7.30 -2.40 -21.16
C MET N 261 -7.70 -0.95 -21.46
N CYS N 262 -8.52 -0.33 -20.60
CA CYS N 262 -8.83 1.08 -20.67
C CYS N 262 -9.09 1.60 -19.26
N ASN N 263 -8.78 2.88 -19.03
CA ASN N 263 -9.17 3.51 -17.78
C ASN N 263 -10.67 3.76 -17.76
N SER N 264 -11.24 3.81 -16.55
CA SER N 264 -12.66 4.11 -16.42
C SER N 264 -13.02 5.47 -17.02
N SER N 265 -12.06 6.38 -17.07
CA SER N 265 -12.26 7.75 -17.53
C SER N 265 -12.13 7.93 -19.04
N CYS N 266 -11.80 6.87 -19.79
CA CYS N 266 -11.56 6.99 -21.22
C CYS N 266 -12.79 7.52 -21.96
N MET N 267 -12.62 8.65 -22.65
CA MET N 267 -13.73 9.26 -23.38
C MET N 267 -14.05 8.42 -24.63
N GLY N 268 -15.33 8.35 -24.97
CA GLY N 268 -15.78 7.49 -26.06
C GLY N 268 -15.91 6.04 -25.63
N GLY N 269 -15.12 5.64 -24.64
CA GLY N 269 -15.26 4.36 -23.99
C GLY N 269 -16.13 4.44 -22.75
N MET N 270 -15.58 4.04 -21.60
CA MET N 270 -16.39 4.01 -20.38
C MET N 270 -16.79 5.41 -19.90
N ASN N 271 -15.98 6.42 -20.17
CA ASN N 271 -16.37 7.82 -20.01
C ASN N 271 -16.79 8.15 -18.57
N ARG N 272 -15.98 7.71 -17.61
CA ARG N 272 -16.15 7.87 -16.17
C ARG N 272 -17.30 7.04 -15.58
N ARG N 273 -18.05 6.29 -16.38
CA ARG N 273 -19.16 5.49 -15.87
C ARG N 273 -18.63 4.24 -15.17
N PRO N 274 -19.10 3.92 -13.96
CA PRO N 274 -18.64 2.69 -13.30
C PRO N 274 -19.14 1.45 -14.03
N ILE N 275 -18.32 0.39 -14.01
CA ILE N 275 -18.68 -0.88 -14.63
C ILE N 275 -18.69 -1.98 -13.57
N LEU N 276 -19.51 -2.99 -13.83
CA LEU N 276 -19.47 -4.24 -13.08
C LEU N 276 -18.84 -5.31 -13.96
N THR N 277 -17.86 -6.02 -13.41
CA THR N 277 -17.40 -7.27 -14.01
C THR N 277 -18.29 -8.39 -13.49
N ILE N 278 -18.93 -9.12 -14.41
CA ILE N 278 -19.73 -10.28 -14.07
C ILE N 278 -18.89 -11.52 -14.37
N ILE N 279 -18.74 -12.40 -13.38
CA ILE N 279 -18.05 -13.67 -13.54
C ILE N 279 -19.09 -14.79 -13.46
N THR N 280 -19.13 -15.64 -14.49
CA THR N 280 -20.05 -16.78 -14.52
C THR N 280 -19.30 -18.09 -14.65
N LEU N 281 -19.56 -19.01 -13.72
CA LEU N 281 -19.23 -20.42 -13.88
C LEU N 281 -20.28 -21.07 -14.77
N GLU N 282 -19.83 -21.82 -15.79
CA GLU N 282 -20.77 -22.37 -16.77
C GLU N 282 -20.26 -23.71 -17.29
N ASP N 283 -21.20 -24.52 -17.82
CA ASP N 283 -20.87 -25.84 -18.32
C ASP N 283 -20.31 -25.77 -19.76
N SER N 284 -20.06 -26.94 -20.34
CA SER N 284 -19.46 -27.02 -21.67
C SER N 284 -20.37 -26.46 -22.77
N SER N 285 -21.68 -26.39 -22.52
CA SER N 285 -22.62 -25.77 -23.45
C SER N 285 -22.84 -24.29 -23.17
N GLY N 286 -22.35 -23.78 -22.04
CA GLY N 286 -22.56 -22.41 -21.65
C GLY N 286 -23.68 -22.17 -20.67
N ASN N 287 -24.27 -23.22 -20.11
CA ASN N 287 -25.36 -23.07 -19.15
C ASN N 287 -24.82 -22.62 -17.79
N LEU N 288 -25.58 -21.77 -17.11
CA LEU N 288 -25.13 -21.13 -15.88
C LEU N 288 -25.02 -22.15 -14.73
N LEU N 289 -23.85 -22.18 -14.09
CA LEU N 289 -23.61 -22.97 -12.88
C LEU N 289 -23.48 -22.11 -11.63
N GLY N 290 -22.96 -20.89 -11.76
CA GLY N 290 -22.80 -19.96 -10.66
C GLY N 290 -22.41 -18.58 -11.15
N ARG N 291 -22.76 -17.53 -10.41
CA ARG N 291 -22.52 -16.16 -10.86
C ARG N 291 -22.21 -15.24 -9.67
N ASN N 292 -21.20 -14.39 -9.86
CA ASN N 292 -20.85 -13.32 -8.93
C ASN N 292 -20.46 -12.10 -9.74
N SER N 293 -20.37 -10.95 -9.06
CA SER N 293 -19.98 -9.71 -9.72
C SER N 293 -19.25 -8.79 -8.75
N PHE N 294 -18.45 -7.88 -9.32
CA PHE N 294 -17.74 -6.86 -8.56
C PHE N 294 -17.60 -5.60 -9.41
N GLU N 295 -17.59 -4.45 -8.74
CA GLU N 295 -17.38 -3.17 -9.41
C GLU N 295 -15.89 -2.98 -9.69
N VAL N 296 -15.59 -2.31 -10.80
CA VAL N 296 -14.20 -2.10 -11.22
C VAL N 296 -13.97 -0.63 -11.52
N ARG N 297 -12.88 -0.09 -10.98
CA ARG N 297 -12.34 1.20 -11.37
C ARG N 297 -10.92 1.01 -11.86
N VAL N 298 -10.65 1.45 -13.10
CA VAL N 298 -9.32 1.36 -13.71
C VAL N 298 -8.72 2.77 -13.75
N CYS N 299 -7.61 2.97 -13.03
CA CYS N 299 -7.16 4.33 -12.72
C CYS N 299 -5.66 4.36 -12.48
N ALA N 300 -5.12 5.58 -12.41
CA ALA N 300 -3.67 5.77 -12.30
C ALA N 300 -3.16 5.52 -10.88
N CYS N 301 -3.98 5.77 -9.86
CA CYS N 301 -3.56 5.64 -8.45
C CYS N 301 -4.58 4.83 -7.66
N PRO N 302 -4.56 3.49 -7.81
CA PRO N 302 -5.58 2.65 -7.14
C PRO N 302 -5.65 2.82 -5.62
N GLY N 303 -4.52 3.06 -4.96
CA GLY N 303 -4.54 3.19 -3.50
C GLY N 303 -5.20 4.48 -3.04
N ARG N 304 -4.82 5.60 -3.66
CA ARG N 304 -5.46 6.89 -3.36
C ARG N 304 -6.96 6.81 -3.58
N ASP N 305 -7.37 6.26 -4.72
CA ASP N 305 -8.79 6.21 -5.06
C ASP N 305 -9.55 5.27 -4.13
N ARG N 306 -8.97 4.10 -3.80
CA ARG N 306 -9.63 3.18 -2.89
C ARG N 306 -9.83 3.80 -1.50
N ARG N 307 -8.79 4.44 -0.96
CA ARG N 307 -8.91 5.09 0.34
C ARG N 307 -9.95 6.21 0.31
N THR N 308 -10.01 6.95 -0.80
CA THR N 308 -11.01 8.00 -0.94
C THR N 308 -12.43 7.42 -0.84
N GLU N 309 -12.71 6.36 -1.59
CA GLU N 309 -14.06 5.80 -1.59
C GLU N 309 -14.39 5.11 -0.26
N GLU N 310 -13.39 4.50 0.38
CA GLU N 310 -13.62 3.90 1.71
C GLU N 310 -13.81 4.96 2.79
N GLU N 311 -13.20 6.14 2.62
CA GLU N 311 -13.45 7.24 3.56
C GLU N 311 -14.83 7.85 3.34
N ASN N 312 -15.23 8.01 2.07
CA ASN N 312 -16.55 8.56 1.76
C ASN N 312 -17.69 7.64 2.22
N LEU N 313 -17.38 6.39 2.56
CA LEU N 313 -18.38 5.47 3.09
C LEU N 313 -18.87 5.89 4.48
N ARG N 314 -18.09 6.72 5.19
CA ARG N 314 -18.51 7.27 6.48
C ARG N 314 -19.26 8.59 6.35
N LYS N 315 -19.34 9.15 5.14
CA LYS N 315 -20.00 10.45 4.94
C LYS N 315 -21.46 10.29 4.55
#